data_6F4X
#
_entry.id   6F4X
#
_cell.length_a   59.893
_cell.length_b   85.895
_cell.length_c   269.306
_cell.angle_alpha   90.000
_cell.angle_beta   90.000
_cell.angle_gamma   90.000
#
_symmetry.space_group_name_H-M   'P 21 21 21'
#
loop_
_entity.id
_entity.type
_entity.pdbx_description
1 polymer 'Purine nucleoside phosphorylase DeoD-type'
2 non-polymer (1S)-1-(7-amino-1H-pyrazolo[4,3-d]pyrimidin-3-yl)-1,4-anhydro-D-ribitol
3 non-polymer 'PHOSPHATE ION'
4 non-polymer 1,2-ETHANEDIOL
5 water water
#
_entity_poly.entity_id   1
_entity_poly.type   'polypeptide(L)'
_entity_poly.pdbx_seq_one_letter_code
;MTPHINAKIGDFYPQCLLCGDPLRVSYIAKKFLQDAKEITNVRNMLGFSGKYKGRGISLMGHGMGIASCTIYVTELIKTY
QVKELLRIGTCGAISPKVGLKDIIMATGASTDSKTNRVRFLNHDLSATPDFELSLRAYQTAKRLGIDLKVGNVFSSDFFY
SFETHAFDLMAKYNHLAIEMEAAGLYATAMELNAKALCLCSVSDHLITKEALSPKERVESFDNMIILALEMMS
;
_entity_poly.pdbx_strand_id   A,B,C,D,E,F
#
loop_
_chem_comp.id
_chem_comp.type
_chem_comp.name
_chem_comp.formula
EDO non-polymer 1,2-ETHANEDIOL 'C2 H6 O2'
FMC non-polymer (1S)-1-(7-amino-1H-pyrazolo[4,3-d]pyrimidin-3-yl)-1,4-anhydro-D-ribitol 'C10 H13 N5 O4'
PO4 non-polymer 'PHOSPHATE ION' 'O4 P -3'
#
# COMPACT_ATOMS: atom_id res chain seq x y z
N MET A 1 31.92 -10.64 -18.25
CA MET A 1 31.63 -9.58 -19.23
CA MET A 1 31.54 -9.81 -19.36
C MET A 1 30.14 -9.20 -19.20
N THR A 2 29.77 -8.68 -18.05
CA THR A 2 28.45 -8.09 -17.83
C THR A 2 28.48 -6.62 -18.20
N PRO A 3 27.33 -5.95 -18.22
CA PRO A 3 27.35 -4.51 -18.52
C PRO A 3 28.13 -3.69 -17.50
N HIS A 4 28.34 -4.17 -16.28
CA HIS A 4 28.94 -3.32 -15.24
C HIS A 4 30.26 -3.86 -14.70
N ILE A 5 30.71 -5.01 -15.22
CA ILE A 5 31.96 -5.66 -14.80
C ILE A 5 32.63 -6.18 -16.07
N ASN A 6 33.91 -5.86 -16.25
CA ASN A 6 34.61 -6.36 -17.44
C ASN A 6 35.69 -7.37 -17.11
N ALA A 7 35.63 -7.99 -15.93
CA ALA A 7 36.46 -9.16 -15.66
C ALA A 7 36.02 -10.34 -16.54
N LYS A 8 36.91 -11.31 -16.67
CA LYS A 8 36.58 -12.59 -17.29
C LYS A 8 36.05 -13.54 -16.23
N ILE A 9 35.20 -14.49 -16.63
CA ILE A 9 34.77 -15.51 -15.68
C ILE A 9 36.01 -16.27 -15.22
N GLY A 10 36.09 -16.55 -13.93
CA GLY A 10 37.30 -17.09 -13.35
C GLY A 10 38.26 -16.06 -12.77
N ASP A 11 38.06 -14.77 -13.05
CA ASP A 11 38.89 -13.76 -12.41
C ASP A 11 38.51 -13.57 -10.95
N PHE A 12 37.23 -13.77 -10.60
CA PHE A 12 36.77 -13.65 -9.22
C PHE A 12 36.89 -15.00 -8.52
N TYR A 13 37.51 -14.97 -7.34
CA TYR A 13 37.40 -16.09 -6.41
C TYR A 13 35.97 -16.21 -5.89
N PRO A 14 35.60 -17.37 -5.35
CA PRO A 14 34.22 -17.57 -4.88
C PRO A 14 33.88 -16.84 -3.59
N GLN A 15 34.86 -16.28 -2.89
CA GLN A 15 34.63 -15.43 -1.74
C GLN A 15 35.04 -14.00 -2.11
N CYS A 16 34.17 -13.05 -1.82
CA CYS A 16 34.37 -11.67 -2.24
C CYS A 16 34.00 -10.72 -1.11
N LEU A 17 34.91 -9.79 -0.80
CA LEU A 17 34.63 -8.66 0.09
C LEU A 17 34.03 -7.50 -0.71
N LEU A 18 33.02 -6.84 -0.15
CA LEU A 18 32.27 -5.78 -0.83
C LEU A 18 32.35 -4.47 -0.04
N CYS A 19 32.55 -3.36 -0.76
CA CYS A 19 32.39 -2.02 -0.18
C CYS A 19 31.67 -1.15 -1.20
N GLY A 20 30.96 -0.13 -0.73
CA GLY A 20 30.37 0.81 -1.67
C GLY A 20 31.38 1.69 -2.39
N ASP A 21 32.49 2.04 -1.73
CA ASP A 21 33.48 2.99 -2.26
C ASP A 21 34.61 2.28 -2.98
N PRO A 22 34.74 2.40 -4.31
CA PRO A 22 35.83 1.70 -5.00
C PRO A 22 37.22 2.12 -4.56
N LEU A 23 37.37 3.34 -4.05
CA LEU A 23 38.66 3.76 -3.51
C LEU A 23 39.02 3.02 -2.20
N ARG A 24 38.02 2.67 -1.39
CA ARG A 24 38.28 1.81 -0.23
C ARG A 24 38.66 0.41 -0.67
N VAL A 25 37.99 -0.11 -1.69
CA VAL A 25 38.36 -1.38 -2.31
C VAL A 25 39.82 -1.36 -2.72
N SER A 26 40.24 -0.26 -3.34
CA SER A 26 41.63 -0.10 -3.76
C SER A 26 42.57 -0.08 -2.56
N TYR A 27 42.21 0.71 -1.54
CA TYR A 27 42.98 0.75 -0.31
C TYR A 27 43.21 -0.65 0.25
N ILE A 28 42.15 -1.46 0.33
CA ILE A 28 42.27 -2.82 0.85
C ILE A 28 43.22 -3.65 0.01
N ALA A 29 43.13 -3.54 -1.32
CA ALA A 29 44.01 -4.30 -2.20
C ALA A 29 45.47 -3.91 -2.00
N LYS A 30 45.74 -2.60 -1.91
CA LYS A 30 47.13 -2.14 -1.79
C LYS A 30 47.74 -2.47 -0.43
N LYS A 31 46.94 -2.49 0.64
CA LYS A 31 47.45 -2.71 1.98
C LYS A 31 47.42 -4.17 2.44
N PHE A 32 46.45 -4.96 1.98
CA PHE A 32 46.19 -6.25 2.61
C PHE A 32 46.32 -7.46 1.68
N LEU A 33 46.09 -7.31 0.38
CA LEU A 33 46.01 -8.47 -0.51
C LEU A 33 47.32 -8.72 -1.22
N GLN A 34 47.96 -9.85 -0.94
CA GLN A 34 49.15 -10.23 -1.68
C GLN A 34 48.80 -10.50 -3.14
N ASP A 35 49.73 -10.14 -4.04
CA ASP A 35 49.55 -10.33 -5.47
C ASP A 35 48.27 -9.66 -5.96
N ALA A 36 47.94 -8.50 -5.39
CA ALA A 36 46.69 -7.83 -5.75
C ALA A 36 46.72 -7.42 -7.21
N LYS A 37 45.67 -7.78 -7.92
CA LYS A 37 45.49 -7.47 -9.34
C LYS A 37 44.11 -6.85 -9.55
N GLU A 38 44.06 -5.70 -10.23
CA GLU A 38 42.78 -5.14 -10.68
C GLU A 38 42.19 -6.00 -11.78
N ILE A 39 40.92 -6.39 -11.62
CA ILE A 39 40.26 -7.26 -12.58
C ILE A 39 39.03 -6.64 -13.22
N THR A 40 38.50 -5.54 -12.69
CA THR A 40 37.40 -4.86 -13.34
C THR A 40 37.46 -3.37 -13.01
N ASN A 41 36.94 -2.55 -13.94
CA ASN A 41 36.99 -1.11 -13.69
C ASN A 41 35.89 -0.35 -14.42
N VAL A 42 34.82 -0.98 -14.89
CA VAL A 42 33.72 -0.27 -15.54
C VAL A 42 33.12 0.74 -14.57
N ARG A 43 32.86 1.95 -15.07
CA ARG A 43 32.31 3.06 -14.28
C ARG A 43 33.22 3.46 -13.12
N ASN A 44 34.52 3.19 -13.21
CA ASN A 44 35.47 3.41 -12.11
C ASN A 44 35.14 2.55 -10.89
N MET A 45 34.26 1.57 -11.02
CA MET A 45 33.91 0.72 -9.90
C MET A 45 34.89 -0.45 -9.91
N LEU A 46 35.92 -0.36 -9.08
CA LEU A 46 37.05 -1.26 -9.19
C LEU A 46 36.79 -2.57 -8.46
N GLY A 47 37.35 -3.65 -8.98
CA GLY A 47 37.41 -4.91 -8.26
C GLY A 47 38.79 -5.53 -8.41
N PHE A 48 39.16 -6.36 -7.42
CA PHE A 48 40.51 -6.92 -7.34
C PHE A 48 40.44 -8.39 -7.01
N SER A 49 41.53 -9.12 -7.32
CA SER A 49 41.75 -10.45 -6.79
C SER A 49 43.17 -10.56 -6.24
N GLY A 50 43.31 -11.31 -5.16
CA GLY A 50 44.60 -11.52 -4.53
C GLY A 50 44.49 -12.63 -3.51
N LYS A 51 45.48 -12.70 -2.62
CA LYS A 51 45.54 -13.75 -1.63
C LYS A 51 45.73 -13.13 -0.25
N TYR A 52 45.08 -13.73 0.74
CA TYR A 52 45.26 -13.35 2.13
C TYR A 52 45.53 -14.62 2.92
N LYS A 53 46.70 -14.71 3.54
CA LYS A 53 47.14 -15.92 4.21
C LYS A 53 46.87 -17.15 3.35
N GLY A 54 47.30 -17.06 2.08
CA GLY A 54 47.26 -18.16 1.15
C GLY A 54 45.92 -18.47 0.52
N ARG A 55 44.84 -17.80 0.94
CA ARG A 55 43.53 -18.06 0.37
C ARG A 55 43.20 -16.97 -0.66
N GLY A 56 42.66 -17.40 -1.79
CA GLY A 56 42.21 -16.45 -2.79
C GLY A 56 41.01 -15.66 -2.30
N ILE A 57 41.07 -14.35 -2.43
CA ILE A 57 39.99 -13.46 -2.03
C ILE A 57 39.79 -12.45 -3.16
N SER A 58 38.54 -12.14 -3.48
CA SER A 58 38.27 -11.04 -4.38
C SER A 58 37.63 -9.90 -3.60
N LEU A 59 37.69 -8.70 -4.19
CA LEU A 59 37.11 -7.49 -3.64
C LEU A 59 36.35 -6.79 -4.76
N MET A 60 35.23 -6.14 -4.42
CA MET A 60 34.42 -5.47 -5.43
C MET A 60 33.69 -4.27 -4.84
N GLY A 61 33.71 -3.16 -5.57
CA GLY A 61 32.87 -2.03 -5.18
C GLY A 61 31.45 -2.20 -5.68
N HIS A 62 30.49 -1.68 -4.92
CA HIS A 62 29.08 -1.81 -5.28
C HIS A 62 28.32 -0.49 -5.33
N GLY A 63 28.98 0.65 -5.08
CA GLY A 63 28.29 1.91 -5.12
C GLY A 63 27.31 2.10 -3.95
N MET A 64 26.43 3.09 -4.11
CA MET A 64 25.55 3.50 -3.01
C MET A 64 24.09 3.22 -3.34
N GLY A 65 23.37 2.63 -2.39
CA GLY A 65 21.94 2.40 -2.59
C GLY A 65 21.62 0.96 -2.98
N ILE A 66 20.42 0.51 -2.60
CA ILE A 66 20.01 -0.88 -2.84
C ILE A 66 20.07 -1.21 -4.33
N ALA A 67 19.60 -0.31 -5.20
CA ALA A 67 19.57 -0.66 -6.62
C ALA A 67 20.99 -0.85 -7.16
N SER A 68 21.94 0.00 -6.75
CA SER A 68 23.31 -0.17 -7.21
C SER A 68 23.91 -1.48 -6.69
N CYS A 69 23.80 -1.71 -5.38
CA CYS A 69 24.27 -2.95 -4.75
C CYS A 69 23.70 -4.17 -5.48
N THR A 70 22.42 -4.10 -5.83
CA THR A 70 21.75 -5.26 -6.41
C THR A 70 22.32 -5.61 -7.79
N ILE A 71 22.62 -4.61 -8.61
CA ILE A 71 23.24 -4.86 -9.91
C ILE A 71 24.52 -5.67 -9.76
N TYR A 72 25.43 -5.18 -8.92
CA TYR A 72 26.74 -5.78 -8.79
C TYR A 72 26.66 -7.18 -8.19
N VAL A 73 25.87 -7.34 -7.12
CA VAL A 73 25.77 -8.65 -6.45
C VAL A 73 25.12 -9.67 -7.38
N THR A 74 24.11 -9.26 -8.14
CA THR A 74 23.47 -10.20 -9.09
C THR A 74 24.50 -10.70 -10.10
N GLU A 75 25.29 -9.78 -10.65
CA GLU A 75 26.28 -10.15 -11.65
C GLU A 75 27.39 -11.00 -11.05
N LEU A 76 27.83 -10.68 -9.82
CA LEU A 76 28.89 -11.47 -9.18
C LEU A 76 28.44 -12.91 -8.99
N ILE A 77 27.18 -13.12 -8.64
CA ILE A 77 26.68 -14.46 -8.38
C ILE A 77 26.40 -15.17 -9.69
N LYS A 78 25.56 -14.57 -10.53
CA LYS A 78 25.02 -15.28 -11.69
C LYS A 78 26.05 -15.45 -12.80
N THR A 79 26.94 -14.47 -12.99
CA THR A 79 28.01 -14.62 -14.00
C THR A 79 29.31 -15.12 -13.41
N TYR A 80 29.86 -14.44 -12.39
CA TYR A 80 31.20 -14.71 -11.89
C TYR A 80 31.24 -15.78 -10.80
N GLN A 81 30.09 -16.38 -10.47
CA GLN A 81 30.03 -17.59 -9.64
C GLN A 81 30.56 -17.35 -8.23
N VAL A 82 30.40 -16.13 -7.73
CA VAL A 82 30.73 -15.82 -6.35
C VAL A 82 29.69 -16.47 -5.43
N LYS A 83 30.17 -17.10 -4.37
CA LYS A 83 29.26 -17.83 -3.48
C LYS A 83 29.14 -17.22 -2.09
N GLU A 84 30.18 -16.57 -1.59
CA GLU A 84 30.14 -15.93 -0.29
C GLU A 84 30.46 -14.45 -0.50
N LEU A 85 29.61 -13.58 0.03
CA LEU A 85 29.73 -12.14 -0.15
C LEU A 85 29.73 -11.48 1.20
N LEU A 86 30.83 -10.82 1.55
CA LEU A 86 30.96 -10.16 2.85
C LEU A 86 31.09 -8.67 2.61
N ARG A 87 30.08 -7.92 3.02
CA ARG A 87 30.05 -6.48 2.82
C ARG A 87 30.57 -5.79 4.08
N ILE A 88 31.52 -4.87 3.92
CA ILE A 88 31.89 -3.98 5.01
C ILE A 88 31.61 -2.55 4.55
N GLY A 89 31.13 -1.73 5.47
CA GLY A 89 30.84 -0.37 5.13
C GLY A 89 30.75 0.50 6.37
N THR A 90 30.22 1.70 6.17
CA THR A 90 29.95 2.59 7.27
C THR A 90 28.45 2.70 7.49
N CYS A 91 28.08 3.36 8.58
CA CYS A 91 26.68 3.50 8.94
C CYS A 91 26.55 4.66 9.93
N GLY A 92 25.33 5.16 10.04
CA GLY A 92 25.05 6.18 11.03
C GLY A 92 24.27 5.64 12.21
N ALA A 93 24.83 5.75 13.42
CA ALA A 93 24.20 5.14 14.59
C ALA A 93 22.96 5.90 15.03
N ILE A 94 21.94 5.14 15.42
CA ILE A 94 20.73 5.73 15.97
C ILE A 94 20.38 5.18 17.35
N SER A 95 21.21 4.30 17.90
CA SER A 95 20.88 3.63 19.13
C SER A 95 21.86 4.01 20.21
N PRO A 96 21.40 4.12 21.47
CA PRO A 96 22.32 4.43 22.56
C PRO A 96 23.22 3.27 22.97
N LYS A 97 23.01 2.08 22.43
CA LYS A 97 23.84 0.93 22.74
C LYS A 97 25.08 0.82 21.86
N VAL A 98 25.20 1.66 20.84
CA VAL A 98 26.39 1.68 20.01
C VAL A 98 26.94 3.09 19.99
N GLY A 99 28.25 3.20 19.81
CA GLY A 99 28.91 4.47 19.72
C GLY A 99 29.88 4.50 18.56
N LEU A 100 30.51 5.67 18.40
CA LEU A 100 31.50 5.84 17.35
C LEU A 100 32.60 4.79 17.45
N LYS A 101 33.04 4.32 16.28
CA LYS A 101 34.05 3.30 16.05
C LYS A 101 33.53 1.89 16.25
N ASP A 102 32.29 1.70 16.69
CA ASP A 102 31.76 0.35 16.87
C ASP A 102 31.61 -0.36 15.52
N ILE A 103 31.80 -1.66 15.55
CA ILE A 103 31.51 -2.52 14.41
C ILE A 103 30.21 -3.26 14.70
N ILE A 104 29.26 -3.16 13.77
CA ILE A 104 27.94 -3.77 13.90
C ILE A 104 27.85 -4.94 12.93
N MET A 105 27.34 -6.07 13.40
CA MET A 105 26.97 -7.18 12.53
C MET A 105 25.46 -7.16 12.37
N ALA A 106 24.99 -7.03 11.14
CA ALA A 106 23.57 -6.83 10.86
C ALA A 106 22.89 -8.19 10.75
N THR A 107 22.20 -8.61 11.80
CA THR A 107 21.49 -9.88 11.72
C THR A 107 20.15 -9.75 11.02
N GLY A 108 19.74 -8.52 10.67
CA GLY A 108 18.57 -8.30 9.86
C GLY A 108 18.67 -6.91 9.26
N ALA A 109 18.05 -6.73 8.10
CA ALA A 109 18.10 -5.42 7.44
C ALA A 109 16.68 -5.00 7.07
N SER A 110 16.11 -4.11 7.89
CA SER A 110 14.83 -3.48 7.58
C SER A 110 15.02 -2.45 6.47
N THR A 111 13.90 -1.96 5.91
CA THR A 111 14.08 -1.02 4.80
C THR A 111 12.82 -0.20 4.58
N ASP A 112 13.00 1.00 4.02
CA ASP A 112 11.91 1.79 3.45
C ASP A 112 11.81 1.61 1.93
N SER A 113 12.63 0.73 1.35
CA SER A 113 12.57 0.42 -0.07
C SER A 113 11.32 -0.40 -0.40
N LYS A 114 10.87 -0.32 -1.66
CA LYS A 114 9.80 -1.19 -2.13
C LYS A 114 10.32 -2.46 -2.78
N THR A 115 11.65 -2.59 -2.90
CA THR A 115 12.23 -3.67 -3.70
C THR A 115 11.84 -5.04 -3.17
N ASN A 116 11.82 -5.24 -1.86
CA ASN A 116 11.54 -6.57 -1.36
C ASN A 116 10.05 -6.91 -1.44
N ARG A 117 9.18 -5.91 -1.39
CA ARG A 117 7.76 -6.15 -1.68
C ARG A 117 7.56 -6.56 -3.13
N VAL A 118 8.35 -5.99 -4.04
CA VAL A 118 8.28 -6.36 -5.46
C VAL A 118 8.79 -7.78 -5.67
N ARG A 119 9.89 -8.14 -4.99
CA ARG A 119 10.45 -9.50 -5.04
C ARG A 119 9.54 -10.53 -4.42
N PHE A 120 8.76 -10.17 -3.40
CA PHE A 120 8.23 -11.14 -2.46
C PHE A 120 6.73 -10.91 -2.22
N LEU A 121 5.95 -10.96 -3.31
CA LEU A 121 4.50 -11.13 -3.24
C LEU A 121 3.80 -9.97 -2.56
N ASN A 122 4.46 -8.81 -2.50
CA ASN A 122 4.00 -7.63 -1.78
CA ASN A 122 4.00 -7.64 -1.77
C ASN A 122 3.85 -7.91 -0.28
N HIS A 123 4.49 -8.94 0.24
CA HIS A 123 4.50 -9.19 1.66
C HIS A 123 5.77 -8.64 2.29
N ASP A 124 6.04 -9.04 3.53
CA ASP A 124 7.20 -8.59 4.29
C ASP A 124 8.27 -9.66 4.18
N LEU A 125 9.35 -9.37 3.44
CA LEU A 125 10.52 -10.25 3.42
C LEU A 125 11.44 -9.86 4.55
N SER A 126 11.70 -10.78 5.49
CA SER A 126 12.67 -10.52 6.54
CA SER A 126 12.67 -10.52 6.54
C SER A 126 14.06 -10.77 5.96
N ALA A 127 14.75 -9.69 5.58
CA ALA A 127 16.05 -9.81 4.93
C ALA A 127 17.15 -10.11 5.95
N THR A 128 17.81 -11.25 5.81
CA THR A 128 18.70 -11.79 6.83
C THR A 128 19.98 -12.31 6.19
N PRO A 129 21.07 -12.37 6.95
CA PRO A 129 22.32 -12.94 6.45
C PRO A 129 22.34 -14.46 6.60
N ASP A 130 23.35 -15.04 5.97
CA ASP A 130 23.63 -16.48 6.15
C ASP A 130 24.10 -16.74 7.57
N PHE A 131 23.51 -17.75 8.23
CA PHE A 131 23.83 -17.94 9.65
C PHE A 131 25.26 -18.39 9.84
N GLU A 132 25.75 -19.33 9.01
CA GLU A 132 27.11 -19.79 9.21
C GLU A 132 28.12 -18.66 9.06
N LEU A 133 27.86 -17.73 8.13
CA LEU A 133 28.73 -16.55 8.02
C LEU A 133 28.68 -15.70 9.27
N SER A 134 27.47 -15.45 9.81
CA SER A 134 27.39 -14.66 11.05
CA SER A 134 27.40 -14.66 11.04
C SER A 134 28.10 -15.37 12.19
N LEU A 135 27.99 -16.70 12.24
CA LEU A 135 28.73 -17.48 13.23
C LEU A 135 30.23 -17.24 13.10
N ARG A 136 30.74 -17.30 11.87
CA ARG A 136 32.16 -17.09 11.64
C ARG A 136 32.59 -15.70 12.10
N ALA A 137 31.77 -14.69 11.83
CA ALA A 137 32.11 -13.33 12.20
C ALA A 137 32.21 -13.19 13.72
N TYR A 138 31.21 -13.73 14.44
CA TYR A 138 31.23 -13.70 15.90
C TYR A 138 32.48 -14.41 16.44
N GLN A 139 32.76 -15.62 15.93
CA GLN A 139 33.90 -16.38 16.44
C GLN A 139 35.21 -15.69 16.14
N THR A 140 35.32 -15.10 14.95
CA THR A 140 36.57 -14.43 14.56
C THR A 140 36.76 -13.14 15.33
N ALA A 141 35.67 -12.36 15.50
CA ALA A 141 35.74 -11.15 16.30
C ALA A 141 36.22 -11.46 17.71
N LYS A 142 35.65 -12.49 18.34
CA LYS A 142 36.09 -12.87 19.69
C LYS A 142 37.57 -13.19 19.70
N ARG A 143 38.02 -13.94 18.68
CA ARG A 143 39.43 -14.30 18.56
C ARG A 143 40.32 -13.07 18.45
N LEU A 144 39.90 -12.08 17.67
CA LEU A 144 40.67 -10.86 17.44
C LEU A 144 40.46 -9.81 18.52
N GLY A 145 39.60 -10.09 19.51
CA GLY A 145 39.32 -9.14 20.57
C GLY A 145 38.38 -8.01 20.20
N ILE A 146 37.68 -8.11 19.07
CA ILE A 146 36.75 -7.06 18.66
C ILE A 146 35.41 -7.27 19.37
N ASP A 147 34.87 -6.18 19.93
CA ASP A 147 33.60 -6.21 20.66
C ASP A 147 32.46 -5.93 19.68
N LEU A 148 32.06 -7.00 18.98
CA LEU A 148 31.11 -6.89 17.89
C LEU A 148 29.70 -6.61 18.43
N LYS A 149 29.09 -5.52 17.95
CA LYS A 149 27.71 -5.22 18.29
C LYS A 149 26.83 -5.91 17.25
N VAL A 150 25.72 -6.49 17.70
CA VAL A 150 24.91 -7.35 16.84
C VAL A 150 23.46 -6.94 16.96
N GLY A 151 22.83 -6.71 15.82
CA GLY A 151 21.44 -6.28 15.81
C GLY A 151 21.00 -5.98 14.39
N ASN A 152 19.84 -5.35 14.29
CA ASN A 152 19.37 -4.97 12.96
C ASN A 152 20.03 -3.68 12.51
N VAL A 153 20.06 -3.50 11.21
CA VAL A 153 20.26 -2.17 10.62
C VAL A 153 18.99 -1.81 9.84
N PHE A 154 18.86 -0.52 9.53
CA PHE A 154 17.81 -0.02 8.65
C PHE A 154 18.45 0.45 7.35
N SER A 155 18.09 -0.20 6.25
CA SER A 155 18.63 0.14 4.93
C SER A 155 17.67 1.11 4.28
N SER A 156 18.09 2.35 4.13
CA SER A 156 17.21 3.39 3.61
C SER A 156 17.57 3.74 2.17
N ASP A 157 16.53 4.11 1.41
CA ASP A 157 16.71 4.77 0.12
C ASP A 157 17.15 6.23 0.24
N PHE A 158 17.25 6.76 1.45
CA PHE A 158 17.55 8.17 1.65
C PHE A 158 18.80 8.30 2.51
N PHE A 159 19.82 8.99 1.99
CA PHE A 159 20.91 9.43 2.85
C PHE A 159 20.45 10.61 3.70
N TYR A 160 19.77 11.56 3.08
CA TYR A 160 19.16 12.69 3.78
C TYR A 160 17.70 12.33 4.05
N SER A 161 17.41 11.90 5.27
CA SER A 161 16.13 11.32 5.60
C SER A 161 15.05 12.39 5.75
N PHE A 162 13.82 12.01 5.38
CA PHE A 162 12.62 12.81 5.65
C PHE A 162 11.86 12.32 6.87
N GLU A 163 12.43 11.39 7.62
CA GLU A 163 11.78 10.73 8.74
C GLU A 163 12.72 10.65 9.92
N THR A 164 13.47 11.72 10.19
CA THR A 164 14.39 11.70 11.33
C THR A 164 13.64 11.59 12.66
N HIS A 165 12.36 11.98 12.68
CA HIS A 165 11.52 11.80 13.86
C HIS A 165 11.27 10.34 14.19
N ALA A 166 11.59 9.42 13.28
CA ALA A 166 11.37 8.00 13.48
C ALA A 166 12.59 7.28 14.01
N PHE A 167 13.74 7.96 14.15
CA PHE A 167 14.96 7.26 14.52
C PHE A 167 14.84 6.59 15.89
N ASP A 168 14.16 7.24 16.85
CA ASP A 168 14.02 6.62 18.16
C ASP A 168 13.19 5.34 18.09
N LEU A 169 12.13 5.31 17.26
CA LEU A 169 11.33 4.10 17.14
C LEU A 169 12.10 2.96 16.52
N MET A 170 12.95 3.29 15.53
CA MET A 170 13.83 2.28 14.94
C MET A 170 14.78 1.72 15.99
N ALA A 171 15.35 2.62 16.79
CA ALA A 171 16.28 2.18 17.83
C ALA A 171 15.58 1.34 18.88
N LYS A 172 14.31 1.65 19.18
CA LYS A 172 13.53 0.82 20.10
C LYS A 172 13.39 -0.60 19.58
N TYR A 173 13.23 -0.76 18.26
CA TYR A 173 13.05 -2.08 17.67
C TYR A 173 14.38 -2.73 17.26
N ASN A 174 15.47 -2.37 17.93
CA ASN A 174 16.79 -3.03 17.80
C ASN A 174 17.48 -2.71 16.48
N HIS A 175 17.18 -1.56 15.86
CA HIS A 175 17.99 -1.07 14.75
C HIS A 175 19.09 -0.19 15.33
N LEU A 176 20.34 -0.63 15.15
CA LEU A 176 21.49 0.05 15.75
C LEU A 176 21.97 1.20 14.90
N ALA A 177 21.72 1.13 13.59
CA ALA A 177 22.27 2.15 12.70
C ALA A 177 21.52 2.11 11.38
N ILE A 178 21.75 3.13 10.56
CA ILE A 178 21.20 3.23 9.22
C ILE A 178 22.35 3.16 8.21
N GLU A 179 22.14 2.41 7.14
CA GLU A 179 22.98 2.46 5.95
C GLU A 179 22.02 2.35 4.77
N MET A 180 22.52 1.93 3.58
CA MET A 180 21.66 2.02 2.41
C MET A 180 21.76 0.81 1.46
N GLU A 181 22.33 -0.32 1.90
CA GLU A 181 22.49 -1.45 0.98
C GLU A 181 22.12 -2.80 1.54
N ALA A 182 22.15 -3.00 2.87
CA ALA A 182 22.17 -4.35 3.43
C ALA A 182 20.90 -5.12 3.08
N ALA A 183 19.74 -4.48 3.16
CA ALA A 183 18.50 -5.13 2.74
C ALA A 183 18.58 -5.61 1.31
N GLY A 184 19.29 -4.89 0.44
CA GLY A 184 19.41 -5.31 -0.95
C GLY A 184 20.37 -6.47 -1.13
N LEU A 185 21.56 -6.36 -0.52
CA LEU A 185 22.50 -7.48 -0.56
C LEU A 185 21.86 -8.75 -0.01
N TYR A 186 21.16 -8.64 1.12
CA TYR A 186 20.59 -9.84 1.75
C TYR A 186 19.52 -10.44 0.88
N ALA A 187 18.63 -9.61 0.33
CA ALA A 187 17.56 -10.16 -0.51
C ALA A 187 18.09 -10.75 -1.81
N THR A 188 19.09 -10.12 -2.42
CA THR A 188 19.67 -10.69 -3.64
C THR A 188 20.36 -12.03 -3.36
N ALA A 189 21.08 -12.12 -2.23
CA ALA A 189 21.71 -13.38 -1.90
C ALA A 189 20.67 -14.46 -1.59
N MET A 190 19.57 -14.09 -0.92
CA MET A 190 18.50 -15.06 -0.69
C MET A 190 17.92 -15.55 -2.02
N GLU A 191 17.64 -14.62 -2.93
CA GLU A 191 17.08 -14.98 -4.24
C GLU A 191 17.94 -16.00 -4.96
N LEU A 192 19.27 -15.82 -4.88
CA LEU A 192 20.21 -16.56 -5.72
C LEU A 192 21.00 -17.62 -4.95
N ASN A 193 20.59 -17.97 -3.73
CA ASN A 193 21.15 -19.11 -3.00
C ASN A 193 22.63 -18.88 -2.66
N ALA A 194 22.99 -17.65 -2.35
CA ALA A 194 24.34 -17.32 -1.94
C ALA A 194 24.35 -16.92 -0.47
N LYS A 195 25.55 -16.94 0.11
CA LYS A 195 25.79 -16.67 1.52
C LYS A 195 26.33 -15.26 1.66
N ALA A 196 25.62 -14.41 2.38
CA ALA A 196 26.01 -13.01 2.54
C ALA A 196 25.90 -12.58 3.99
N LEU A 197 26.68 -11.55 4.32
CA LEU A 197 26.72 -10.95 5.64
C LEU A 197 27.20 -9.52 5.49
N CYS A 198 26.67 -8.63 6.33
CA CYS A 198 27.04 -7.22 6.32
CA CYS A 198 27.00 -7.20 6.33
C CYS A 198 27.61 -6.82 7.67
N LEU A 199 28.78 -6.20 7.65
CA LEU A 199 29.36 -5.55 8.81
C LEU A 199 29.43 -4.06 8.47
N CYS A 200 29.22 -3.21 9.46
CA CYS A 200 29.36 -1.79 9.20
C CYS A 200 29.94 -1.09 10.43
N SER A 201 30.88 -0.18 10.18
CA SER A 201 31.50 0.61 11.23
C SER A 201 30.77 1.95 11.39
N VAL A 202 30.57 2.34 12.65
CA VAL A 202 29.83 3.56 12.98
C VAL A 202 30.78 4.75 12.82
N SER A 203 30.56 5.56 11.79
CA SER A 203 31.36 6.75 11.53
C SER A 203 30.72 8.02 12.06
N ASP A 204 29.42 7.98 12.34
CA ASP A 204 28.59 9.14 12.63
C ASP A 204 27.47 8.66 13.54
N HIS A 205 27.16 9.45 14.58
CA HIS A 205 26.01 9.17 15.43
C HIS A 205 24.91 10.16 15.05
N LEU A 206 23.83 9.65 14.44
CA LEU A 206 22.78 10.52 13.94
C LEU A 206 21.99 11.20 15.07
N ILE A 207 22.07 10.69 16.29
CA ILE A 207 21.28 11.26 17.39
C ILE A 207 22.06 12.38 18.07
N THR A 208 23.22 12.06 18.62
CA THR A 208 24.03 13.05 19.31
C THR A 208 24.75 14.00 18.36
N LYS A 209 24.99 13.55 17.12
CA LYS A 209 25.60 14.27 15.99
C LYS A 209 27.11 14.16 15.99
N GLU A 210 27.71 13.40 16.92
CA GLU A 210 29.16 13.22 16.93
C GLU A 210 29.60 12.50 15.65
N ALA A 211 30.84 12.77 15.23
CA ALA A 211 31.29 12.24 13.95
C ALA A 211 32.80 12.06 13.95
N LEU A 212 33.24 11.00 13.28
CA LEU A 212 34.67 10.75 13.15
C LEU A 212 35.32 11.80 12.26
N SER A 213 36.52 12.23 12.66
CA SER A 213 37.35 12.96 11.72
C SER A 213 37.94 11.99 10.71
N PRO A 214 38.27 12.46 9.49
CA PRO A 214 38.83 11.56 8.45
C PRO A 214 39.90 10.60 8.95
N LYS A 215 40.76 11.08 9.85
CA LYS A 215 41.84 10.25 10.37
C LYS A 215 41.30 9.15 11.28
N GLU A 216 40.28 9.47 12.10
CA GLU A 216 39.61 8.43 12.86
C GLU A 216 38.95 7.42 11.94
N ARG A 217 38.35 7.89 10.84
CA ARG A 217 37.61 7.02 9.94
C ARG A 217 38.51 5.92 9.38
N VAL A 218 39.78 6.23 9.13
CA VAL A 218 40.71 5.19 8.68
C VAL A 218 41.43 4.51 9.83
N GLU A 219 41.48 5.15 11.00
CA GLU A 219 41.98 4.48 12.20
C GLU A 219 41.17 3.23 12.49
N SER A 220 39.88 3.40 12.78
CA SER A 220 38.97 2.27 12.69
C SER A 220 38.82 1.87 11.23
N PHE A 221 37.93 0.92 10.96
CA PHE A 221 37.69 0.35 9.64
C PHE A 221 38.81 -0.60 9.27
N ASP A 222 40.08 -0.22 9.53
CA ASP A 222 41.16 -1.19 9.39
C ASP A 222 40.86 -2.45 10.20
N ASN A 223 40.31 -2.28 11.41
CA ASN A 223 39.90 -3.42 12.20
C ASN A 223 38.79 -4.20 11.52
N MET A 224 37.78 -3.49 10.99
CA MET A 224 36.73 -4.18 10.25
C MET A 224 37.27 -4.91 9.03
N ILE A 225 38.26 -4.31 8.35
CA ILE A 225 38.86 -4.97 7.19
C ILE A 225 39.57 -6.25 7.61
N ILE A 226 40.31 -6.20 8.72
CA ILE A 226 41.01 -7.40 9.19
C ILE A 226 40.01 -8.46 9.61
N LEU A 227 38.91 -8.06 10.26
CA LEU A 227 37.87 -9.01 10.64
C LEU A 227 37.38 -9.78 9.43
N ALA A 228 37.03 -9.03 8.38
CA ALA A 228 36.47 -9.65 7.18
C ALA A 228 37.46 -10.60 6.53
N LEU A 229 38.73 -10.17 6.38
CA LEU A 229 39.72 -11.02 5.74
C LEU A 229 40.01 -12.25 6.59
N GLU A 230 40.04 -12.07 7.91
CA GLU A 230 40.31 -13.19 8.80
C GLU A 230 39.19 -14.22 8.78
N MET A 231 37.92 -13.77 8.74
CA MET A 231 36.84 -14.76 8.73
C MET A 231 36.72 -15.47 7.40
N MET A 232 37.32 -14.94 6.34
CA MET A 232 37.25 -15.54 5.02
C MET A 232 38.42 -16.47 4.71
N SER A 233 39.47 -16.45 5.52
CA SER A 233 40.65 -17.27 5.26
C SER A 233 40.73 -18.48 6.19
N MET B 1 -25.70 4.86 -27.85
CA MET B 1 -24.68 3.93 -28.31
CA MET B 1 -24.52 4.21 -28.43
C MET B 1 -23.50 3.91 -27.33
N THR B 2 -23.59 4.71 -26.27
CA THR B 2 -22.93 4.44 -25.00
C THR B 2 -23.99 4.71 -23.94
N PRO B 3 -23.83 4.18 -22.73
CA PRO B 3 -24.81 4.46 -21.67
C PRO B 3 -24.82 5.92 -21.26
N HIS B 4 -23.79 6.71 -21.60
CA HIS B 4 -23.65 8.06 -21.09
C HIS B 4 -23.60 9.12 -22.18
N ILE B 5 -23.66 8.74 -23.45
CA ILE B 5 -23.59 9.67 -24.56
C ILE B 5 -24.55 9.18 -25.63
N ASN B 6 -25.48 10.03 -26.06
CA ASN B 6 -26.45 9.63 -27.07
C ASN B 6 -26.19 10.33 -28.41
N ALA B 7 -24.93 10.66 -28.68
CA ALA B 7 -24.55 11.25 -29.96
C ALA B 7 -24.45 10.19 -31.05
N LYS B 8 -24.80 10.58 -32.27
CA LYS B 8 -24.60 9.72 -33.42
C LYS B 8 -23.12 9.66 -33.77
N ILE B 9 -22.65 8.51 -34.25
CA ILE B 9 -21.24 8.42 -34.60
C ILE B 9 -20.94 9.43 -35.70
N GLY B 10 -19.83 10.14 -35.54
CA GLY B 10 -19.51 11.25 -36.39
C GLY B 10 -19.99 12.60 -35.91
N ASP B 11 -20.76 12.64 -34.82
CA ASP B 11 -21.22 13.95 -34.34
C ASP B 11 -20.09 14.76 -33.74
N PHE B 12 -19.06 14.09 -33.21
CA PHE B 12 -17.96 14.79 -32.59
C PHE B 12 -16.87 15.06 -33.61
N TYR B 13 -16.31 16.27 -33.57
CA TYR B 13 -15.05 16.54 -34.21
C TYR B 13 -13.93 15.84 -33.46
N PRO B 14 -12.78 15.61 -34.11
CA PRO B 14 -11.66 14.95 -33.42
C PRO B 14 -10.91 15.83 -32.43
N GLN B 15 -11.19 17.13 -32.39
CA GLN B 15 -10.68 18.03 -31.36
C GLN B 15 -11.82 18.41 -30.44
N CYS B 16 -11.69 18.09 -29.15
CA CYS B 16 -12.77 18.35 -28.22
C CYS B 16 -12.27 19.12 -27.00
N LEU B 17 -12.95 20.22 -26.67
CA LEU B 17 -12.75 20.92 -25.40
C LEU B 17 -13.62 20.30 -24.30
N LEU B 18 -13.05 20.13 -23.12
CA LEU B 18 -13.74 19.49 -22.01
C LEU B 18 -13.82 20.45 -20.82
N CYS B 19 -14.93 20.35 -20.08
CA CYS B 19 -15.12 21.10 -18.84
C CYS B 19 -16.07 20.31 -17.95
N GLY B 20 -15.87 20.36 -16.64
CA GLY B 20 -16.69 19.53 -15.75
C GLY B 20 -18.14 19.96 -15.71
N ASP B 21 -18.40 21.26 -15.84
CA ASP B 21 -19.74 21.81 -15.66
C ASP B 21 -20.46 21.87 -17.02
N PRO B 22 -21.51 21.08 -17.23
CA PRO B 22 -22.20 21.12 -18.54
C PRO B 22 -22.87 22.45 -18.86
N LEU B 23 -23.17 23.27 -17.85
CA LEU B 23 -23.69 24.61 -18.11
C LEU B 23 -22.59 25.56 -18.56
N ARG B 24 -21.35 25.35 -18.11
CA ARG B 24 -20.21 26.08 -18.65
CA ARG B 24 -20.23 26.09 -18.67
C ARG B 24 -19.96 25.65 -20.09
N VAL B 25 -20.14 24.36 -20.38
CA VAL B 25 -20.02 23.85 -21.73
C VAL B 25 -21.07 24.50 -22.64
N SER B 26 -22.31 24.59 -22.16
CA SER B 26 -23.34 25.26 -22.94
C SER B 26 -23.00 26.74 -23.13
N TYR B 27 -22.50 27.39 -22.08
CA TYR B 27 -22.11 28.79 -22.20
C TYR B 27 -21.06 28.99 -23.28
N ILE B 28 -20.11 28.06 -23.40
CA ILE B 28 -19.08 28.17 -24.43
C ILE B 28 -19.68 28.03 -25.82
N ALA B 29 -20.55 27.02 -25.99
CA ALA B 29 -21.23 26.83 -27.27
C ALA B 29 -22.07 28.05 -27.63
N LYS B 30 -22.73 28.64 -26.63
CA LYS B 30 -23.69 29.71 -26.89
C LYS B 30 -23.03 31.03 -27.25
N LYS B 31 -21.83 31.30 -26.77
CA LYS B 31 -21.15 32.57 -26.96
C LYS B 31 -20.08 32.53 -28.03
N PHE B 32 -19.36 31.41 -28.15
CA PHE B 32 -18.17 31.39 -28.99
C PHE B 32 -18.29 30.54 -30.24
N LEU B 33 -19.29 29.67 -30.35
CA LEU B 33 -19.33 28.67 -31.41
C LEU B 33 -20.33 29.05 -32.49
N GLN B 34 -19.86 29.08 -33.74
CA GLN B 34 -20.76 29.24 -34.87
C GLN B 34 -21.54 27.96 -35.11
N ASP B 35 -22.83 28.11 -35.40
CA ASP B 35 -23.72 26.99 -35.73
C ASP B 35 -23.65 25.90 -34.65
N ALA B 36 -23.60 26.34 -33.39
CA ALA B 36 -23.50 25.40 -32.28
C ALA B 36 -24.72 24.49 -32.22
N LYS B 37 -24.48 23.20 -32.04
CA LYS B 37 -25.51 22.18 -32.12
C LYS B 37 -25.33 21.19 -30.98
N GLU B 38 -26.38 20.98 -30.20
CA GLU B 38 -26.30 20.01 -29.11
C GLU B 38 -26.33 18.60 -29.68
N ILE B 39 -25.35 17.77 -29.28
CA ILE B 39 -25.23 16.42 -29.81
C ILE B 39 -25.41 15.34 -28.75
N THR B 40 -25.39 15.67 -27.47
CA THR B 40 -25.63 14.66 -26.45
C THR B 40 -26.12 15.34 -25.18
N ASN B 41 -26.93 14.60 -24.39
CA ASN B 41 -27.49 15.20 -23.18
C ASN B 41 -27.90 14.16 -22.15
N VAL B 42 -27.37 12.93 -22.23
CA VAL B 42 -27.63 11.92 -21.21
C VAL B 42 -27.17 12.44 -19.87
N ARG B 43 -28.00 12.26 -18.84
CA ARG B 43 -27.70 12.66 -17.47
C ARG B 43 -27.45 14.16 -17.37
N ASN B 44 -28.06 14.94 -18.27
CA ASN B 44 -27.90 16.40 -18.33
C ASN B 44 -26.45 16.80 -18.57
N MET B 45 -25.64 15.91 -19.11
CA MET B 45 -24.23 16.20 -19.36
C MET B 45 -24.11 16.56 -20.83
N LEU B 46 -24.15 17.85 -21.12
CA LEU B 46 -24.29 18.32 -22.48
C LEU B 46 -22.98 18.23 -23.24
N GLY B 47 -23.09 18.03 -24.54
CA GLY B 47 -21.96 18.21 -25.44
C GLY B 47 -22.43 18.81 -26.74
N PHE B 48 -21.51 19.48 -27.44
CA PHE B 48 -21.85 20.26 -28.62
C PHE B 48 -20.83 20.04 -29.73
N SER B 49 -21.24 20.35 -30.95
CA SER B 49 -20.33 20.48 -32.09
C SER B 49 -20.62 21.79 -32.80
N GLY B 50 -19.58 22.41 -33.33
CA GLY B 50 -19.73 23.69 -33.99
C GLY B 50 -18.40 24.14 -34.58
N LYS B 51 -18.32 25.42 -34.94
CA LYS B 51 -17.13 25.95 -35.59
C LYS B 51 -16.61 27.17 -34.84
N TYR B 52 -15.28 27.29 -34.79
CA TYR B 52 -14.62 28.49 -34.29
C TYR B 52 -13.63 28.95 -35.35
N LYS B 53 -13.77 30.20 -35.79
CA LYS B 53 -12.99 30.74 -36.90
C LYS B 53 -12.89 29.73 -38.06
N GLY B 54 -14.03 29.15 -38.38
CA GLY B 54 -14.13 28.27 -39.53
C GLY B 54 -13.71 26.82 -39.32
N ARG B 55 -13.19 26.47 -38.15
CA ARG B 55 -12.72 25.12 -37.89
C ARG B 55 -13.65 24.39 -36.94
N GLY B 56 -13.88 23.11 -37.21
CA GLY B 56 -14.82 22.34 -36.41
C GLY B 56 -14.26 22.00 -35.05
N ILE B 57 -15.09 22.17 -34.02
CA ILE B 57 -14.66 22.00 -32.64
C ILE B 57 -15.83 21.43 -31.84
N SER B 58 -15.57 20.41 -31.04
CA SER B 58 -16.57 19.86 -30.15
C SER B 58 -16.28 20.28 -28.71
N LEU B 59 -17.34 20.27 -27.90
CA LEU B 59 -17.29 20.53 -26.47
C LEU B 59 -18.01 19.40 -25.73
N MET B 60 -17.51 19.06 -24.54
CA MET B 60 -18.15 17.99 -23.79
C MET B 60 -17.98 18.20 -22.28
N GLY B 61 -19.06 18.00 -21.54
CA GLY B 61 -18.97 18.01 -20.10
C GLY B 61 -18.53 16.66 -19.57
N HIS B 62 -17.75 16.70 -18.47
CA HIS B 62 -17.24 15.47 -17.91
C HIS B 62 -17.50 15.29 -16.42
N GLY B 63 -18.26 16.18 -15.79
CA GLY B 63 -18.60 15.97 -14.40
C GLY B 63 -17.39 16.14 -13.48
N MET B 64 -17.59 15.76 -12.22
CA MET B 64 -16.61 16.03 -11.17
C MET B 64 -15.96 14.74 -10.68
N GLY B 65 -14.64 14.73 -10.61
CA GLY B 65 -13.91 13.61 -10.06
C GLY B 65 -13.33 12.73 -11.16
N ILE B 66 -12.27 12.00 -10.79
CA ILE B 66 -11.55 11.15 -11.74
C ILE B 66 -12.48 10.09 -12.36
N ALA B 67 -13.30 9.44 -11.53
CA ALA B 67 -14.14 8.35 -12.04
C ALA B 67 -15.10 8.85 -13.09
N SER B 68 -15.75 10.00 -12.84
CA SER B 68 -16.68 10.54 -13.83
C SER B 68 -15.94 10.99 -15.08
N CYS B 69 -14.82 11.70 -14.90
CA CYS B 69 -14.08 12.18 -16.06
C CYS B 69 -13.60 11.02 -16.91
N THR B 70 -13.18 9.93 -16.26
CA THR B 70 -12.69 8.77 -16.99
C THR B 70 -13.78 8.14 -17.86
N ILE B 71 -15.02 8.08 -17.36
CA ILE B 71 -16.11 7.54 -18.16
C ILE B 71 -16.22 8.29 -19.48
N TYR B 72 -16.32 9.62 -19.41
CA TYR B 72 -16.58 10.40 -20.62
C TYR B 72 -15.37 10.42 -21.54
N VAL B 73 -14.16 10.55 -20.99
CA VAL B 73 -12.97 10.59 -21.83
C VAL B 73 -12.79 9.27 -22.56
N THR B 74 -13.01 8.16 -21.86
CA THR B 74 -12.89 6.83 -22.47
C THR B 74 -13.86 6.68 -23.63
N GLU B 75 -15.10 7.14 -23.45
CA GLU B 75 -16.10 6.99 -24.49
C GLU B 75 -15.81 7.91 -25.68
N LEU B 76 -15.39 9.16 -25.43
CA LEU B 76 -15.03 10.05 -26.53
C LEU B 76 -13.95 9.44 -27.42
N ILE B 77 -12.89 8.88 -26.81
CA ILE B 77 -11.78 8.35 -27.59
C ILE B 77 -12.20 7.05 -28.30
N LYS B 78 -12.84 6.12 -27.57
CA LYS B 78 -13.02 4.76 -28.06
C LYS B 78 -14.22 4.64 -28.99
N THR B 79 -15.30 5.34 -28.69
CA THR B 79 -16.51 5.29 -29.50
C THR B 79 -16.57 6.42 -30.52
N TYR B 80 -16.28 7.65 -30.11
CA TYR B 80 -16.46 8.81 -30.97
C TYR B 80 -15.16 9.29 -31.63
N GLN B 81 -14.06 8.56 -31.45
CA GLN B 81 -12.81 8.78 -32.19
C GLN B 81 -12.22 10.17 -31.96
N VAL B 82 -12.44 10.75 -30.78
CA VAL B 82 -11.80 12.02 -30.43
C VAL B 82 -10.30 11.79 -30.26
N LYS B 83 -9.50 12.64 -30.91
CA LYS B 83 -8.04 12.50 -30.94
C LYS B 83 -7.31 13.45 -30.01
N GLU B 84 -7.87 14.63 -29.75
CA GLU B 84 -7.20 15.68 -29.00
C GLU B 84 -8.18 16.23 -27.99
N LEU B 85 -7.82 16.18 -26.71
CA LEU B 85 -8.72 16.57 -25.62
C LEU B 85 -8.10 17.73 -24.86
N LEU B 86 -8.76 18.90 -24.90
CA LEU B 86 -8.27 20.08 -24.21
C LEU B 86 -9.24 20.34 -23.06
N ARG B 87 -8.78 20.12 -21.84
CA ARG B 87 -9.61 20.27 -20.66
C ARG B 87 -9.33 21.61 -20.01
N ILE B 88 -10.40 22.39 -19.79
CA ILE B 88 -10.31 23.58 -18.99
C ILE B 88 -11.11 23.36 -17.72
N GLY B 89 -10.95 24.27 -16.77
CA GLY B 89 -11.73 24.21 -15.55
C GLY B 89 -11.15 25.17 -14.54
N THR B 90 -11.64 25.04 -13.32
CA THR B 90 -11.18 25.86 -12.20
C THR B 90 -10.33 25.00 -11.27
N CYS B 91 -9.67 25.66 -10.32
CA CYS B 91 -8.83 24.98 -9.37
C CYS B 91 -8.71 25.83 -8.11
N GLY B 92 -8.25 25.18 -7.04
CA GLY B 92 -7.96 25.85 -5.79
C GLY B 92 -6.47 25.98 -5.57
N ALA B 93 -5.95 27.21 -5.59
CA ALA B 93 -4.51 27.43 -5.52
C ALA B 93 -3.95 27.13 -4.14
N ILE B 94 -2.73 26.59 -4.09
CA ILE B 94 -2.10 26.27 -2.81
C ILE B 94 -0.68 26.80 -2.74
N SER B 95 -0.19 27.35 -3.85
CA SER B 95 1.18 27.84 -3.97
C SER B 95 1.20 29.36 -3.96
N PRO B 96 2.24 29.98 -3.39
CA PRO B 96 2.38 31.44 -3.48
C PRO B 96 2.86 31.93 -4.84
N LYS B 97 3.19 31.02 -5.77
CA LYS B 97 3.58 31.42 -7.10
C LYS B 97 2.41 31.82 -7.98
N VAL B 98 1.17 31.55 -7.55
CA VAL B 98 -0.01 31.83 -8.35
C VAL B 98 -1.03 32.57 -7.50
N GLY B 99 -1.93 33.29 -8.18
CA GLY B 99 -3.03 33.98 -7.53
C GLY B 99 -4.29 33.88 -8.37
N LEU B 100 -5.37 34.47 -7.84
CA LEU B 100 -6.66 34.47 -8.54
C LEU B 100 -6.50 34.94 -9.97
N LYS B 101 -7.27 34.30 -10.87
CA LYS B 101 -7.37 34.56 -12.30
C LYS B 101 -6.18 33.98 -13.09
N ASP B 102 -5.12 33.53 -12.43
CA ASP B 102 -4.02 32.93 -13.16
C ASP B 102 -4.50 31.68 -13.89
N ILE B 103 -3.97 31.46 -15.08
CA ILE B 103 -4.21 30.23 -15.84
C ILE B 103 -3.00 29.31 -15.63
N ILE B 104 -3.26 28.09 -15.16
CA ILE B 104 -2.22 27.09 -14.92
C ILE B 104 -2.26 26.04 -16.02
N MET B 105 -1.08 25.71 -16.56
CA MET B 105 -0.90 24.57 -17.45
C MET B 105 -0.28 23.43 -16.65
N ALA B 106 -1.00 22.32 -16.55
CA ALA B 106 -0.60 21.19 -15.73
C ALA B 106 0.31 20.26 -16.54
N THR B 107 1.61 20.34 -16.32
CA THR B 107 2.49 19.39 -17.00
C THR B 107 2.63 18.09 -16.24
N GLY B 108 2.01 18.00 -15.07
CA GLY B 108 1.88 16.73 -14.37
C GLY B 108 0.70 16.83 -13.44
N ALA B 109 0.08 15.69 -13.15
CA ALA B 109 -1.04 15.66 -12.21
C ALA B 109 -0.83 14.54 -11.22
N SER B 110 -0.46 14.90 -10.00
CA SER B 110 -0.38 13.99 -8.88
C SER B 110 -1.79 13.67 -8.37
N THR B 111 -1.89 12.64 -7.51
CA THR B 111 -3.24 12.24 -7.08
C THR B 111 -3.17 11.48 -5.76
N ASP B 112 -4.28 11.53 -5.03
CA ASP B 112 -4.54 10.62 -3.91
C ASP B 112 -5.49 9.50 -4.30
N SER B 113 -5.84 9.39 -5.58
CA SER B 113 -6.66 8.31 -6.10
C SER B 113 -5.86 7.01 -6.15
N LYS B 114 -6.56 5.87 -6.11
CA LYS B 114 -5.88 4.60 -6.34
C LYS B 114 -5.97 4.16 -7.79
N THR B 115 -6.68 4.93 -8.65
CA THR B 115 -6.94 4.52 -10.03
C THR B 115 -5.66 4.22 -10.80
N ASN B 116 -4.63 5.06 -10.66
CA ASN B 116 -3.47 4.81 -11.49
C ASN B 116 -2.65 3.63 -10.98
N ARG B 117 -2.70 3.35 -9.67
CA ARG B 117 -2.10 2.14 -9.15
C ARG B 117 -2.82 0.90 -9.67
N VAL B 118 -4.16 0.94 -9.71
CA VAL B 118 -4.92 -0.16 -10.30
C VAL B 118 -4.56 -0.32 -11.77
N ARG B 119 -4.38 0.79 -12.48
CA ARG B 119 -4.04 0.74 -13.89
C ARG B 119 -2.61 0.26 -14.13
N PHE B 120 -1.69 0.55 -13.20
CA PHE B 120 -0.26 0.55 -13.52
C PHE B 120 0.52 -0.28 -12.50
N LEU B 121 0.14 -1.55 -12.39
CA LEU B 121 0.95 -2.58 -11.72
C LEU B 121 1.21 -2.27 -10.26
N ASN B 122 0.36 -1.45 -9.63
CA ASN B 122 0.53 -0.99 -8.25
C ASN B 122 1.76 -0.11 -8.07
N HIS B 123 2.35 0.39 -9.16
CA HIS B 123 3.48 1.30 -9.15
C HIS B 123 3.00 2.76 -9.25
N ASP B 124 3.94 3.69 -9.37
CA ASP B 124 3.66 5.13 -9.49
C ASP B 124 3.63 5.49 -10.97
N LEU B 125 2.44 5.79 -11.49
CA LEU B 125 2.30 6.31 -12.85
C LEU B 125 2.41 7.83 -12.79
N SER B 126 3.35 8.40 -13.54
CA SER B 126 3.44 9.85 -13.61
CA SER B 126 3.48 9.86 -13.64
C SER B 126 2.50 10.32 -14.71
N ALA B 127 1.36 10.85 -14.29
CA ALA B 127 0.33 11.31 -15.22
C ALA B 127 0.75 12.65 -15.82
N THR B 128 0.90 12.69 -17.14
CA THR B 128 1.44 13.82 -17.87
C THR B 128 0.59 14.08 -19.10
N PRO B 129 0.60 15.32 -19.61
CA PRO B 129 -0.10 15.61 -20.88
C PRO B 129 0.75 15.28 -22.10
N ASP B 130 0.12 15.39 -23.25
CA ASP B 130 0.84 15.31 -24.53
C ASP B 130 1.75 16.52 -24.67
N PHE B 131 3.03 16.28 -24.98
CA PHE B 131 3.97 17.39 -25.02
C PHE B 131 3.62 18.39 -26.13
N GLU B 132 3.34 17.89 -27.34
CA GLU B 132 2.98 18.78 -28.45
C GLU B 132 1.87 19.75 -28.04
N LEU B 133 0.81 19.23 -27.39
CA LEU B 133 -0.27 20.10 -26.92
C LEU B 133 0.22 21.13 -25.91
N SER B 134 1.09 20.73 -25.00
CA SER B 134 1.66 21.68 -24.05
C SER B 134 2.41 22.80 -24.78
N LEU B 135 3.15 22.46 -25.85
CA LEU B 135 3.84 23.50 -26.60
C LEU B 135 2.87 24.43 -27.30
N ARG B 136 1.83 23.85 -27.89
CA ARG B 136 0.78 24.65 -28.54
C ARG B 136 0.17 25.66 -27.58
N ALA B 137 -0.14 25.21 -26.35
CA ALA B 137 -0.68 26.12 -25.36
C ALA B 137 0.31 27.23 -25.03
N TYR B 138 1.58 26.87 -24.82
CA TYR B 138 2.58 27.88 -24.48
C TYR B 138 2.73 28.90 -25.60
N GLN B 139 2.76 28.42 -26.85
CA GLN B 139 2.97 29.30 -28.00
C GLN B 139 1.74 30.15 -28.27
N THR B 140 0.56 29.56 -28.15
CA THR B 140 -0.68 30.32 -28.31
C THR B 140 -0.84 31.35 -27.20
N ALA B 141 -0.58 30.96 -25.95
CA ALA B 141 -0.66 31.90 -24.85
C ALA B 141 0.30 33.07 -25.05
N LYS B 142 1.49 32.77 -25.57
CA LYS B 142 2.45 33.84 -25.87
C LYS B 142 1.88 34.81 -26.89
N ARG B 143 1.42 34.28 -28.03
CA ARG B 143 0.81 35.11 -29.08
C ARG B 143 -0.34 35.95 -28.53
N LEU B 144 -1.03 35.49 -27.50
CA LEU B 144 -2.19 36.17 -26.95
C LEU B 144 -1.88 37.05 -25.75
N GLY B 145 -0.62 37.08 -25.30
CA GLY B 145 -0.26 37.92 -24.17
C GLY B 145 -0.65 37.41 -22.81
N ILE B 146 -0.86 36.10 -22.67
CA ILE B 146 -1.30 35.47 -21.42
C ILE B 146 -0.08 34.97 -20.66
N ASP B 147 0.03 35.36 -19.38
CA ASP B 147 1.12 34.92 -18.52
C ASP B 147 0.76 33.55 -17.95
N LEU B 148 1.06 32.51 -18.73
CA LEU B 148 0.67 31.14 -18.41
C LEU B 148 1.58 30.56 -17.33
N LYS B 149 0.99 30.14 -16.22
CA LYS B 149 1.71 29.46 -15.15
C LYS B 149 1.76 27.96 -15.46
N VAL B 150 2.92 27.36 -15.22
CA VAL B 150 3.16 25.97 -15.59
C VAL B 150 3.71 25.23 -14.38
N GLY B 151 3.13 24.08 -14.08
CA GLY B 151 3.62 23.25 -13.01
C GLY B 151 2.71 22.07 -12.85
N ASN B 152 2.82 21.40 -11.71
CA ASN B 152 1.95 20.26 -11.42
C ASN B 152 0.65 20.73 -10.79
N VAL B 153 -0.41 19.93 -10.95
CA VAL B 153 -1.59 20.06 -10.11
C VAL B 153 -1.75 18.76 -9.33
N PHE B 154 -2.56 18.82 -8.27
CA PHE B 154 -2.87 17.66 -7.46
C PHE B 154 -4.35 17.33 -7.68
N SER B 155 -4.62 16.17 -8.28
CA SER B 155 -6.00 15.73 -8.56
C SER B 155 -6.50 14.89 -7.38
N SER B 156 -7.38 15.45 -6.57
CA SER B 156 -7.82 14.80 -5.35
C SER B 156 -9.20 14.16 -5.52
N ASP B 157 -9.43 13.09 -4.76
CA ASP B 157 -10.76 12.51 -4.63
C ASP B 157 -11.66 13.30 -3.70
N PHE B 158 -11.12 14.31 -3.03
CA PHE B 158 -11.81 15.04 -1.98
C PHE B 158 -11.86 16.51 -2.33
N PHE B 159 -13.07 17.03 -2.52
CA PHE B 159 -13.24 18.47 -2.52
C PHE B 159 -13.05 19.04 -1.12
N TYR B 160 -13.71 18.43 -0.14
CA TYR B 160 -13.54 18.77 1.27
C TYR B 160 -12.43 17.87 1.82
N SER B 161 -11.21 18.39 1.77
CA SER B 161 -10.02 17.62 2.08
C SER B 161 -9.94 17.26 3.56
N PHE B 162 -9.41 16.07 3.83
CA PHE B 162 -9.03 15.64 5.16
C PHE B 162 -7.54 15.84 5.43
N GLU B 163 -6.82 16.43 4.49
CA GLU B 163 -5.37 16.60 4.59
C GLU B 163 -4.97 18.03 4.26
N THR B 164 -5.69 19.03 4.80
CA THR B 164 -5.33 20.42 4.52
C THR B 164 -3.97 20.78 5.10
N HIS B 165 -3.52 20.09 6.15
CA HIS B 165 -2.21 20.34 6.75
C HIS B 165 -1.08 20.04 5.79
N ALA B 166 -1.35 19.31 4.71
CA ALA B 166 -0.35 18.87 3.76
C ALA B 166 -0.25 19.79 2.53
N PHE B 167 -1.05 20.86 2.47
CA PHE B 167 -1.02 21.72 1.28
C PHE B 167 0.34 22.38 1.08
N ASP B 168 0.99 22.78 2.17
CA ASP B 168 2.29 23.43 2.05
C ASP B 168 3.33 22.49 1.44
N LEU B 169 3.28 21.22 1.81
CA LEU B 169 4.21 20.24 1.23
C LEU B 169 3.92 20.03 -0.26
N MET B 170 2.64 19.98 -0.63
CA MET B 170 2.29 19.89 -2.04
C MET B 170 2.87 21.07 -2.82
N ALA B 171 2.65 22.29 -2.34
CA ALA B 171 3.18 23.47 -3.02
C ALA B 171 4.70 23.43 -3.06
N LYS B 172 5.33 22.88 -2.03
CA LYS B 172 6.78 22.74 -2.04
C LYS B 172 7.24 21.90 -3.22
N TYR B 173 6.52 20.82 -3.51
CA TYR B 173 6.83 19.95 -4.65
C TYR B 173 6.24 20.46 -5.97
N ASN B 174 6.03 21.77 -6.09
CA ASN B 174 5.63 22.41 -7.35
C ASN B 174 4.20 22.08 -7.75
N HIS B 175 3.34 21.80 -6.78
CA HIS B 175 1.91 21.66 -7.04
C HIS B 175 1.26 23.01 -6.84
N LEU B 176 0.82 23.61 -7.94
CA LEU B 176 0.37 24.99 -7.90
C LEU B 176 -1.06 25.11 -7.41
N ALA B 177 -1.87 24.07 -7.60
CA ALA B 177 -3.27 24.13 -7.21
C ALA B 177 -3.82 22.72 -7.13
N ILE B 178 -5.04 22.61 -6.61
CA ILE B 178 -5.76 21.35 -6.47
C ILE B 178 -6.98 21.37 -7.38
N GLU B 179 -7.18 20.31 -8.14
CA GLU B 179 -8.46 20.08 -8.80
C GLU B 179 -8.79 18.61 -8.64
N MET B 180 -9.64 18.04 -9.50
CA MET B 180 -10.11 16.71 -9.18
C MET B 180 -10.18 15.76 -10.37
N GLU B 181 -9.61 16.11 -11.53
CA GLU B 181 -9.81 15.26 -12.69
C GLU B 181 -8.56 15.00 -13.50
N ALA B 182 -7.56 15.88 -13.43
CA ALA B 182 -6.50 15.90 -14.41
C ALA B 182 -5.71 14.59 -14.43
N ALA B 183 -5.47 14.00 -13.24
CA ALA B 183 -4.71 12.74 -13.23
C ALA B 183 -5.46 11.64 -13.96
N GLY B 184 -6.80 11.69 -13.96
CA GLY B 184 -7.61 10.72 -14.66
C GLY B 184 -7.65 10.97 -16.15
N LEU B 185 -7.84 12.25 -16.54
CA LEU B 185 -7.79 12.58 -17.96
C LEU B 185 -6.46 12.17 -18.56
N TYR B 186 -5.37 12.48 -17.85
CA TYR B 186 -4.04 12.18 -18.36
C TYR B 186 -3.82 10.67 -18.48
N ALA B 187 -4.18 9.91 -17.43
CA ALA B 187 -3.98 8.47 -17.48
C ALA B 187 -4.81 7.82 -18.57
N THR B 188 -6.06 8.28 -18.73
CA THR B 188 -6.91 7.72 -19.76
C THR B 188 -6.35 8.02 -21.15
N ALA B 189 -5.83 9.23 -21.36
CA ALA B 189 -5.27 9.56 -22.66
C ALA B 189 -3.99 8.76 -22.92
N MET B 190 -3.19 8.53 -21.88
CA MET B 190 -2.03 7.66 -22.04
C MET B 190 -2.44 6.24 -22.39
N GLU B 191 -3.42 5.70 -21.64
CA GLU B 191 -3.92 4.36 -21.91
C GLU B 191 -4.34 4.18 -23.37
N LEU B 192 -4.98 5.19 -23.94
CA LEU B 192 -5.65 5.04 -25.22
C LEU B 192 -4.94 5.78 -26.35
N ASN B 193 -3.68 6.19 -26.14
CA ASN B 193 -2.85 6.82 -27.17
C ASN B 193 -3.51 8.06 -27.76
N ALA B 194 -4.12 8.88 -26.90
CA ALA B 194 -4.70 10.15 -27.33
C ALA B 194 -3.93 11.32 -26.72
N LYS B 195 -4.14 12.51 -27.29
CA LYS B 195 -3.43 13.72 -26.89
C LYS B 195 -4.34 14.55 -25.99
N ALA B 196 -3.86 14.86 -24.79
CA ALA B 196 -4.65 15.58 -23.81
C ALA B 196 -3.81 16.63 -23.09
N LEU B 197 -4.47 17.72 -22.68
CA LEU B 197 -3.84 18.78 -21.89
C LEU B 197 -4.88 19.36 -20.95
N CYS B 198 -4.42 19.76 -19.77
CA CYS B 198 -5.30 20.37 -18.77
CA CYS B 198 -5.28 20.37 -18.75
C CYS B 198 -4.82 21.79 -18.49
N LEU B 199 -5.74 22.74 -18.61
CA LEU B 199 -5.56 24.12 -18.22
C LEU B 199 -6.56 24.42 -17.11
N CYS B 200 -6.15 25.15 -16.08
CA CYS B 200 -7.07 25.51 -15.01
CA CYS B 200 -7.10 25.53 -15.05
C CYS B 200 -6.85 26.96 -14.58
N SER B 201 -7.95 27.64 -14.26
CA SER B 201 -7.93 29.02 -13.81
C SER B 201 -8.17 29.07 -12.30
N VAL B 202 -7.36 29.88 -11.61
CA VAL B 202 -7.38 29.97 -10.15
C VAL B 202 -8.62 30.81 -9.79
N SER B 203 -9.66 30.13 -9.31
CA SER B 203 -10.87 30.81 -8.85
C SER B 203 -10.85 31.08 -7.35
N ASP B 204 -10.08 30.31 -6.61
CA ASP B 204 -10.01 30.38 -5.15
C ASP B 204 -8.56 30.12 -4.76
N HIS B 205 -8.13 30.74 -3.65
CA HIS B 205 -6.84 30.42 -3.07
C HIS B 205 -7.09 29.78 -1.72
N LEU B 206 -6.68 28.52 -1.57
CA LEU B 206 -6.91 27.78 -0.34
C LEU B 206 -5.99 28.21 0.80
N ILE B 207 -4.95 29.00 0.52
CA ILE B 207 -4.05 29.44 1.58
C ILE B 207 -4.50 30.82 2.05
N THR B 208 -4.56 31.78 1.13
CA THR B 208 -4.90 33.15 1.48
C THR B 208 -6.41 33.37 1.62
N LYS B 209 -7.23 32.42 1.17
CA LYS B 209 -8.69 32.46 1.30
C LYS B 209 -9.32 33.55 0.43
N GLU B 210 -8.60 34.11 -0.54
CA GLU B 210 -9.22 34.98 -1.53
C GLU B 210 -10.09 34.17 -2.48
N ALA B 211 -11.15 34.81 -2.99
CA ALA B 211 -12.08 34.12 -3.88
C ALA B 211 -12.65 35.12 -4.88
N LEU B 212 -12.82 34.68 -6.13
CA LEU B 212 -13.42 35.54 -7.13
C LEU B 212 -14.93 35.64 -6.91
N SER B 213 -15.48 36.83 -7.14
CA SER B 213 -16.90 37.06 -6.99
C SER B 213 -17.67 36.28 -8.05
N PRO B 214 -18.96 35.99 -7.80
CA PRO B 214 -19.73 35.24 -8.81
C PRO B 214 -19.72 35.89 -10.18
N LYS B 215 -19.58 37.21 -10.26
CA LYS B 215 -19.53 37.89 -11.54
C LYS B 215 -18.12 37.83 -12.13
N GLU B 216 -17.13 38.37 -11.41
CA GLU B 216 -15.77 38.45 -11.92
C GLU B 216 -15.18 37.07 -12.20
N ARG B 217 -15.85 36.00 -11.78
CA ARG B 217 -15.41 34.66 -12.16
C ARG B 217 -15.55 34.44 -13.65
N VAL B 218 -16.61 34.97 -14.25
CA VAL B 218 -16.91 34.63 -15.64
C VAL B 218 -16.03 35.40 -16.62
N GLU B 219 -15.55 36.58 -16.24
CA GLU B 219 -14.68 37.34 -17.13
C GLU B 219 -13.26 36.80 -17.11
N SER B 220 -12.83 36.21 -16.00
CA SER B 220 -11.52 35.60 -15.97
C SER B 220 -11.49 34.31 -16.77
N PHE B 221 -12.65 33.67 -16.94
CA PHE B 221 -12.65 32.36 -17.58
C PHE B 221 -12.78 32.45 -19.09
N ASP B 222 -13.28 33.58 -19.62
CA ASP B 222 -13.28 33.77 -21.06
C ASP B 222 -11.86 33.76 -21.65
N ASN B 223 -10.89 34.26 -20.88
CA ASN B 223 -9.52 34.26 -21.36
C ASN B 223 -9.03 32.84 -21.60
N MET B 224 -9.20 31.99 -20.60
CA MET B 224 -8.83 30.58 -20.74
C MET B 224 -9.63 29.91 -21.85
N ILE B 225 -10.91 30.27 -22.00
CA ILE B 225 -11.74 29.70 -23.06
C ILE B 225 -11.18 30.07 -24.43
N ILE B 226 -10.76 31.32 -24.60
CA ILE B 226 -10.26 31.77 -25.90
C ILE B 226 -8.88 31.16 -26.16
N LEU B 227 -8.05 31.04 -25.12
CA LEU B 227 -6.81 30.29 -25.26
C LEU B 227 -7.08 28.92 -25.83
N ALA B 228 -8.02 28.20 -25.23
CA ALA B 228 -8.34 26.85 -25.69
C ALA B 228 -8.83 26.85 -27.13
N LEU B 229 -9.79 27.73 -27.45
CA LEU B 229 -10.33 27.73 -28.81
C LEU B 229 -9.28 28.13 -29.84
N GLU B 230 -8.37 29.03 -29.47
CA GLU B 230 -7.32 29.41 -30.40
C GLU B 230 -6.31 28.28 -30.60
N MET B 231 -6.13 27.42 -29.60
CA MET B 231 -5.21 26.29 -29.77
C MET B 231 -5.77 25.26 -30.73
N MET B 232 -7.09 25.07 -30.71
CA MET B 232 -7.72 24.08 -31.57
CA MET B 232 -7.73 24.08 -31.57
C MET B 232 -7.90 24.55 -33.00
N SER B 233 -7.41 25.73 -33.35
CA SER B 233 -7.48 26.22 -34.72
C SER B 233 -6.18 25.93 -35.46
N MET C 1 -11.64 -35.98 9.42
CA MET C 1 -11.44 -34.95 10.43
C MET C 1 -10.49 -33.86 9.93
N THR C 2 -10.11 -32.95 10.82
CA THR C 2 -9.28 -31.80 10.53
C THR C 2 -8.15 -31.70 11.54
N PRO C 3 -7.08 -30.96 11.22
CA PRO C 3 -5.98 -30.82 12.17
C PRO C 3 -6.36 -30.16 13.50
N HIS C 4 -7.45 -29.40 13.56
CA HIS C 4 -7.78 -28.61 14.74
C HIS C 4 -9.10 -28.99 15.38
N ILE C 5 -9.79 -30.01 14.85
CA ILE C 5 -11.05 -30.52 15.37
C ILE C 5 -11.03 -32.04 15.23
N ASN C 6 -11.24 -32.77 16.32
CA ASN C 6 -11.27 -34.22 16.24
C ASN C 6 -12.68 -34.78 16.46
N ALA C 7 -13.69 -34.04 16.02
CA ALA C 7 -15.03 -34.57 15.87
C ALA C 7 -15.13 -35.30 14.54
N LYS C 8 -16.04 -36.26 14.47
CA LYS C 8 -16.30 -36.92 13.20
C LYS C 8 -17.43 -36.21 12.46
N ILE C 9 -17.46 -36.42 11.14
CA ILE C 9 -18.44 -35.72 10.30
C ILE C 9 -19.84 -36.11 10.74
N GLY C 10 -20.68 -35.09 10.96
CA GLY C 10 -22.02 -35.29 11.47
C GLY C 10 -22.18 -34.99 12.95
N ASP C 11 -21.07 -34.74 13.66
CA ASP C 11 -21.15 -34.40 15.08
C ASP C 11 -21.71 -33.01 15.32
N PHE C 12 -21.49 -32.08 14.39
CA PHE C 12 -21.97 -30.72 14.54
C PHE C 12 -23.37 -30.60 13.94
N TYR C 13 -24.27 -29.98 14.69
CA TYR C 13 -25.50 -29.49 14.09
C TYR C 13 -25.17 -28.35 13.13
N PRO C 14 -26.02 -28.09 12.14
CA PRO C 14 -25.67 -27.06 11.15
C PRO C 14 -25.78 -25.63 11.66
N GLN C 15 -26.27 -25.43 12.89
CA GLN C 15 -26.27 -24.14 13.56
C GLN C 15 -25.29 -24.20 14.73
N CYS C 16 -24.41 -23.19 14.82
CA CYS C 16 -23.31 -23.25 15.77
C CYS C 16 -23.07 -21.88 16.40
N LEU C 17 -23.05 -21.84 17.73
CA LEU C 17 -22.59 -20.67 18.48
C LEU C 17 -21.08 -20.73 18.65
N LEU C 18 -20.43 -19.55 18.62
CA LEU C 18 -18.98 -19.47 18.63
C LEU C 18 -18.51 -18.48 19.68
N CYS C 19 -17.48 -18.86 20.42
CA CYS C 19 -16.78 -17.98 21.36
CA CYS C 19 -16.79 -17.96 21.31
C CYS C 19 -15.28 -18.17 21.18
N GLY C 20 -14.51 -17.12 21.49
CA GLY C 20 -13.08 -17.28 21.48
C GLY C 20 -12.61 -18.14 22.64
N ASP C 21 -13.30 -18.02 23.78
CA ASP C 21 -12.92 -18.70 25.01
C ASP C 21 -13.60 -20.05 25.06
N PRO C 22 -12.87 -21.16 24.94
CA PRO C 22 -13.52 -22.48 25.04
C PRO C 22 -14.13 -22.74 26.40
N LEU C 23 -13.72 -22.03 27.45
CA LEU C 23 -14.38 -22.20 28.73
C LEU C 23 -15.78 -21.58 28.74
N ARG C 24 -15.98 -20.49 27.99
CA ARG C 24 -17.34 -19.98 27.81
C ARG C 24 -18.19 -20.98 27.04
N VAL C 25 -17.61 -21.59 26.02
CA VAL C 25 -18.25 -22.71 25.33
C VAL C 25 -18.60 -23.82 26.32
N SER C 26 -17.70 -24.09 27.27
CA SER C 26 -17.94 -25.13 28.25
C SER C 26 -19.04 -24.74 29.22
N TYR C 27 -19.06 -23.45 29.60
CA TYR C 27 -20.05 -22.93 30.52
C TYR C 27 -21.46 -22.97 29.91
N ILE C 28 -21.57 -22.62 28.63
CA ILE C 28 -22.87 -22.63 27.96
C ILE C 28 -23.39 -24.07 27.83
N ALA C 29 -22.48 -25.01 27.54
CA ALA C 29 -22.88 -26.41 27.40
C ALA C 29 -23.49 -26.96 28.69
N LYS C 30 -22.79 -26.80 29.82
CA LYS C 30 -23.23 -27.39 31.07
C LYS C 30 -24.52 -26.76 31.58
N LYS C 31 -24.72 -25.47 31.31
CA LYS C 31 -25.81 -24.73 31.92
C LYS C 31 -27.07 -24.70 31.07
N PHE C 32 -26.94 -24.57 29.74
CA PHE C 32 -28.12 -24.32 28.92
C PHE C 32 -28.48 -25.46 27.98
N LEU C 33 -27.61 -26.44 27.78
CA LEU C 33 -27.90 -27.52 26.85
C LEU C 33 -28.20 -28.80 27.61
N GLN C 34 -29.21 -29.53 27.14
CA GLN C 34 -29.52 -30.84 27.68
C GLN C 34 -28.80 -31.89 26.84
N ASP C 35 -28.31 -32.94 27.51
CA ASP C 35 -27.54 -34.00 26.88
C ASP C 35 -26.32 -33.44 26.14
N ALA C 36 -25.69 -32.43 26.73
CA ALA C 36 -24.48 -31.87 26.16
C ALA C 36 -23.40 -32.95 26.05
N LYS C 37 -22.69 -32.96 24.93
CA LYS C 37 -21.64 -33.93 24.67
C LYS C 37 -20.44 -33.20 24.07
N GLU C 38 -19.29 -33.30 24.74
CA GLU C 38 -18.05 -32.76 24.19
C GLU C 38 -17.67 -33.57 22.95
N ILE C 39 -17.53 -32.88 21.81
CA ILE C 39 -17.30 -33.56 20.53
C ILE C 39 -15.92 -33.26 19.96
N THR C 40 -15.21 -32.26 20.47
CA THR C 40 -13.85 -31.98 20.02
C THR C 40 -13.09 -31.31 21.16
N ASN C 41 -11.76 -31.51 21.15
CA ASN C 41 -10.92 -30.91 22.19
C ASN C 41 -9.45 -30.76 21.78
N VAL C 42 -9.12 -30.78 20.49
CA VAL C 42 -7.74 -30.54 20.07
C VAL C 42 -7.29 -29.18 20.59
N ARG C 43 -6.07 -29.12 21.12
CA ARG C 43 -5.47 -27.87 21.63
C ARG C 43 -6.30 -27.25 22.74
N ASN C 44 -7.09 -28.06 23.45
CA ASN C 44 -7.97 -27.63 24.55
C ASN C 44 -9.08 -26.71 24.07
N MET C 45 -9.31 -26.64 22.77
CA MET C 45 -10.35 -25.79 22.19
C MET C 45 -11.61 -26.63 22.07
N LEU C 46 -12.52 -26.45 23.02
CA LEU C 46 -13.64 -27.38 23.19
C LEU C 46 -14.80 -27.05 22.27
N GLY C 47 -15.51 -28.11 21.84
CA GLY C 47 -16.76 -27.95 21.14
C GLY C 47 -17.76 -28.96 21.65
N PHE C 48 -19.04 -28.63 21.46
CA PHE C 48 -20.14 -29.41 22.04
C PHE C 48 -21.31 -29.51 21.07
N SER C 49 -22.11 -30.56 21.26
CA SER C 49 -23.38 -30.73 20.57
C SER C 49 -24.43 -31.08 21.60
N GLY C 50 -25.59 -30.42 21.51
CA GLY C 50 -26.68 -30.64 22.44
C GLY C 50 -27.94 -29.99 21.93
N LYS C 51 -28.99 -30.07 22.74
CA LYS C 51 -30.29 -29.56 22.34
C LYS C 51 -30.69 -28.40 23.25
N TYR C 52 -31.45 -27.47 22.67
CA TYR C 52 -31.95 -26.31 23.39
C TYR C 52 -33.45 -26.20 23.09
N LYS C 53 -34.28 -26.43 24.09
CA LYS C 53 -35.73 -26.51 23.90
C LYS C 53 -36.05 -27.47 22.75
N GLY C 54 -35.41 -28.64 22.79
CA GLY C 54 -35.69 -29.71 21.86
C GLY C 54 -34.98 -29.63 20.53
N ARG C 55 -34.34 -28.51 20.21
CA ARG C 55 -33.68 -28.34 18.92
C ARG C 55 -32.16 -28.37 19.11
N GLY C 56 -31.50 -29.17 18.28
CA GLY C 56 -30.07 -29.37 18.44
C GLY C 56 -29.28 -28.15 18.03
N ILE C 57 -28.24 -27.86 18.80
CA ILE C 57 -27.33 -26.76 18.50
C ILE C 57 -25.93 -27.18 18.90
N SER C 58 -24.94 -26.64 18.20
CA SER C 58 -23.56 -26.89 18.52
C SER C 58 -22.89 -25.63 19.05
N LEU C 59 -21.80 -25.84 19.79
CA LEU C 59 -20.96 -24.76 20.31
C LEU C 59 -19.52 -25.03 19.91
N MET C 60 -18.76 -23.96 19.66
CA MET C 60 -17.37 -24.17 19.30
C MET C 60 -16.53 -22.97 19.70
N GLY C 61 -15.35 -23.24 20.30
CA GLY C 61 -14.40 -22.18 20.55
C GLY C 61 -13.52 -21.89 19.34
N HIS C 62 -13.15 -20.61 19.17
CA HIS C 62 -12.32 -20.23 18.02
C HIS C 62 -11.01 -19.51 18.37
N GLY C 63 -10.66 -19.36 19.65
CA GLY C 63 -9.43 -18.69 20.01
C GLY C 63 -9.48 -17.21 19.73
N MET C 64 -8.31 -16.55 19.88
CA MET C 64 -8.22 -15.10 19.78
C MET C 64 -7.51 -14.68 18.51
N GLY C 65 -8.11 -13.75 17.78
CA GLY C 65 -7.48 -13.19 16.59
C GLY C 65 -8.08 -13.74 15.31
N ILE C 66 -7.99 -12.94 14.25
CA ILE C 66 -8.56 -13.30 12.96
C ILE C 66 -7.97 -14.60 12.43
N ALA C 67 -6.65 -14.76 12.53
CA ALA C 67 -6.03 -15.99 12.02
C ALA C 67 -6.56 -17.24 12.73
N SER C 68 -6.64 -17.20 14.06
CA SER C 68 -7.18 -18.32 14.81
C SER C 68 -8.64 -18.58 14.43
N CYS C 69 -9.46 -17.53 14.43
CA CYS C 69 -10.88 -17.69 14.12
C CYS C 69 -11.09 -18.27 12.73
N THR C 70 -10.29 -17.83 11.75
CA THR C 70 -10.44 -18.29 10.38
C THR C 70 -10.18 -19.80 10.24
N ILE C 71 -9.20 -20.33 10.96
CA ILE C 71 -8.94 -21.76 10.93
C ILE C 71 -10.20 -22.54 11.31
N TYR C 72 -10.81 -22.18 12.44
CA TYR C 72 -11.92 -22.99 12.95
C TYR C 72 -13.16 -22.81 12.12
N VAL C 73 -13.44 -21.58 11.66
CA VAL C 73 -14.64 -21.34 10.87
C VAL C 73 -14.53 -22.03 9.51
N THR C 74 -13.34 -21.96 8.89
CA THR C 74 -13.12 -22.69 7.65
C THR C 74 -13.40 -24.17 7.82
N GLU C 75 -12.91 -24.75 8.93
CA GLU C 75 -13.07 -26.19 9.12
C GLU C 75 -14.52 -26.56 9.43
N LEU C 76 -15.23 -25.71 10.19
CA LEU C 76 -16.63 -25.98 10.51
C LEU C 76 -17.48 -25.99 9.24
N ILE C 77 -17.19 -25.08 8.31
CA ILE C 77 -18.02 -24.97 7.12
C ILE C 77 -17.64 -26.06 6.12
N LYS C 78 -16.35 -26.21 5.82
CA LYS C 78 -15.94 -27.07 4.71
C LYS C 78 -16.03 -28.54 5.08
N THR C 79 -15.67 -28.90 6.31
CA THR C 79 -15.64 -30.30 6.72
C THR C 79 -16.84 -30.71 7.56
N TYR C 80 -17.36 -29.85 8.44
CA TYR C 80 -18.42 -30.25 9.35
C TYR C 80 -19.79 -29.72 8.94
N GLN C 81 -19.88 -29.11 7.75
CA GLN C 81 -21.14 -28.71 7.12
C GLN C 81 -22.00 -27.83 8.03
N VAL C 82 -21.36 -27.00 8.85
CA VAL C 82 -22.08 -25.99 9.62
C VAL C 82 -22.58 -24.93 8.65
N LYS C 83 -23.84 -24.53 8.82
CA LYS C 83 -24.49 -23.60 7.90
C LYS C 83 -24.70 -22.21 8.47
N GLU C 84 -24.96 -22.08 9.77
CA GLU C 84 -25.20 -20.81 10.43
C GLU C 84 -24.22 -20.70 11.59
N LEU C 85 -23.50 -19.58 11.65
CA LEU C 85 -22.46 -19.39 12.64
C LEU C 85 -22.70 -18.06 13.35
N LEU C 86 -22.90 -18.12 14.67
CA LEU C 86 -23.25 -16.94 15.45
C LEU C 86 -22.18 -16.74 16.51
N ARG C 87 -21.29 -15.78 16.29
CA ARG C 87 -20.28 -15.46 17.28
C ARG C 87 -20.89 -14.63 18.41
N ILE C 88 -20.64 -15.05 19.64
CA ILE C 88 -21.08 -14.32 20.83
C ILE C 88 -19.84 -14.08 21.68
N GLY C 89 -19.19 -12.94 21.48
CA GLY C 89 -17.93 -12.68 22.13
C GLY C 89 -17.96 -11.48 23.06
N THR C 90 -16.79 -10.95 23.37
CA THR C 90 -16.62 -9.76 24.18
C THR C 90 -15.93 -8.68 23.35
N CYS C 91 -15.94 -7.46 23.86
CA CYS C 91 -15.33 -6.36 23.13
C CYS C 91 -15.04 -5.20 24.07
N GLY C 92 -14.22 -4.27 23.58
CA GLY C 92 -13.91 -3.06 24.31
C GLY C 92 -14.54 -1.82 23.70
N ALA C 93 -15.32 -1.10 24.48
CA ALA C 93 -16.10 0.01 23.94
C ALA C 93 -15.23 1.24 23.74
N ILE C 94 -15.52 1.98 22.67
CA ILE C 94 -14.77 3.19 22.36
C ILE C 94 -15.75 4.31 22.04
N SER C 95 -17.03 4.07 22.31
CA SER C 95 -18.10 5.02 22.05
C SER C 95 -18.82 5.37 23.34
N PRO C 96 -19.22 6.63 23.52
CA PRO C 96 -20.00 6.99 24.71
C PRO C 96 -21.40 6.41 24.70
N LYS C 97 -21.90 5.98 23.53
CA LYS C 97 -23.25 5.47 23.42
C LYS C 97 -23.41 4.07 23.97
N VAL C 98 -22.35 3.44 24.47
CA VAL C 98 -22.42 2.08 25.00
C VAL C 98 -21.69 2.02 26.33
N GLY C 99 -22.09 1.07 27.17
CA GLY C 99 -21.46 0.84 28.45
C GLY C 99 -21.23 -0.64 28.69
N LEU C 100 -20.68 -0.95 29.86
CA LEU C 100 -20.37 -2.34 30.21
C LEU C 100 -21.61 -3.22 30.15
N LYS C 101 -21.43 -4.42 29.61
CA LYS C 101 -22.42 -5.48 29.45
C LYS C 101 -23.46 -5.16 28.37
N ASP C 102 -23.34 -4.04 27.65
CA ASP C 102 -24.17 -3.80 26.48
C ASP C 102 -23.88 -4.85 25.41
N ILE C 103 -24.92 -5.24 24.67
CA ILE C 103 -24.77 -6.18 23.55
C ILE C 103 -24.71 -5.38 22.24
N ILE C 104 -23.72 -5.70 21.41
CA ILE C 104 -23.52 -5.02 20.13
C ILE C 104 -23.71 -6.05 19.02
N MET C 105 -24.54 -5.72 18.04
CA MET C 105 -24.61 -6.50 16.81
C MET C 105 -23.76 -5.77 15.78
N ALA C 106 -22.79 -6.50 15.21
CA ALA C 106 -21.83 -5.90 14.28
C ALA C 106 -22.37 -6.01 12.87
N THR C 107 -22.90 -4.91 12.34
CA THR C 107 -23.36 -4.90 10.96
C THR C 107 -22.21 -4.70 9.98
N GLY C 108 -21.03 -4.31 10.47
CA GLY C 108 -19.84 -4.26 9.66
C GLY C 108 -18.65 -4.47 10.57
N ALA C 109 -17.57 -5.02 10.02
CA ALA C 109 -16.36 -5.26 10.80
C ALA C 109 -15.19 -4.70 10.01
N SER C 110 -14.75 -3.51 10.38
CA SER C 110 -13.50 -2.92 9.90
C SER C 110 -12.30 -3.62 10.52
N THR C 111 -11.12 -3.41 9.93
CA THR C 111 -9.96 -4.13 10.43
C THR C 111 -8.66 -3.44 10.05
N ASP C 112 -7.62 -3.71 10.85
CA ASP C 112 -6.25 -3.33 10.51
C ASP C 112 -5.43 -4.50 10.01
N SER C 113 -6.06 -5.67 9.90
CA SER C 113 -5.46 -6.85 9.33
C SER C 113 -5.24 -6.68 7.82
N LYS C 114 -4.26 -7.40 7.26
CA LYS C 114 -4.11 -7.49 5.80
C LYS C 114 -4.88 -8.65 5.19
N THR C 115 -5.56 -9.45 6.02
CA THR C 115 -6.13 -10.71 5.54
C THR C 115 -7.14 -10.48 4.43
N ASN C 116 -8.00 -9.47 4.57
CA ASN C 116 -9.02 -9.28 3.55
C ASN C 116 -8.44 -8.66 2.28
N ARG C 117 -7.39 -7.85 2.38
CA ARG C 117 -6.71 -7.43 1.17
C ARG C 117 -6.07 -8.62 0.44
N VAL C 118 -5.55 -9.59 1.20
CA VAL C 118 -5.01 -10.79 0.57
C VAL C 118 -6.13 -11.58 -0.11
N ARG C 119 -7.28 -11.70 0.55
CA ARG C 119 -8.40 -12.45 -0.04
C ARG C 119 -9.00 -11.75 -1.23
N PHE C 120 -8.92 -10.41 -1.28
CA PHE C 120 -9.83 -9.62 -2.09
C PHE C 120 -9.06 -8.58 -2.90
N LEU C 121 -8.11 -9.06 -3.71
CA LEU C 121 -7.55 -8.29 -4.81
C LEU C 121 -6.83 -7.01 -4.36
N ASN C 122 -6.37 -6.96 -3.10
CA ASN C 122 -5.77 -5.78 -2.48
CA ASN C 122 -5.76 -5.77 -2.52
C ASN C 122 -6.73 -4.60 -2.45
N HIS C 123 -8.02 -4.84 -2.61
CA HIS C 123 -9.03 -3.80 -2.47
C HIS C 123 -9.62 -3.84 -1.04
N ASP C 124 -10.63 -3.01 -0.81
CA ASP C 124 -11.34 -2.94 0.47
C ASP C 124 -12.54 -3.87 0.41
N LEU C 125 -12.48 -4.98 1.13
CA LEU C 125 -13.64 -5.84 1.36
C LEU C 125 -14.46 -5.28 2.52
N SER C 126 -15.72 -4.93 2.25
CA SER C 126 -16.60 -4.52 3.34
C SER C 126 -17.15 -5.78 3.97
N ALA C 127 -16.58 -6.16 5.12
CA ALA C 127 -16.93 -7.42 5.79
C ALA C 127 -18.22 -7.23 6.56
N THR C 128 -19.23 -8.02 6.20
CA THR C 128 -20.59 -7.83 6.69
C THR C 128 -21.18 -9.18 7.07
N PRO C 129 -22.20 -9.19 7.93
CA PRO C 129 -22.90 -10.44 8.23
C PRO C 129 -24.00 -10.75 7.22
N ASP C 130 -24.47 -11.99 7.29
CA ASP C 130 -25.70 -12.37 6.59
C ASP C 130 -26.87 -11.57 7.13
N PHE C 131 -27.60 -10.92 6.22
CA PHE C 131 -28.66 -10.01 6.64
C PHE C 131 -29.80 -10.75 7.34
N GLU C 132 -30.12 -11.97 6.89
CA GLU C 132 -31.23 -12.71 7.50
C GLU C 132 -30.93 -13.03 8.96
N LEU C 133 -29.69 -13.41 9.27
CA LEU C 133 -29.31 -13.63 10.68
C LEU C 133 -29.40 -12.34 11.49
N SER C 134 -28.98 -11.21 10.91
CA SER C 134 -29.08 -9.94 11.62
CA SER C 134 -29.08 -9.95 11.64
C SER C 134 -30.54 -9.58 11.92
N LEU C 135 -31.42 -9.77 10.94
CA LEU C 135 -32.83 -9.52 11.16
C LEU C 135 -33.39 -10.41 12.27
N ARG C 136 -32.98 -11.68 12.31
CA ARG C 136 -33.44 -12.57 13.38
C ARG C 136 -32.97 -12.05 14.74
N ALA C 137 -31.70 -11.66 14.82
CA ALA C 137 -31.18 -11.11 16.07
C ALA C 137 -31.99 -9.89 16.52
N TYR C 138 -32.27 -8.98 15.60
CA TYR C 138 -33.04 -7.79 15.95
C TYR C 138 -34.43 -8.16 16.46
N GLN C 139 -35.12 -9.05 15.74
CA GLN C 139 -36.48 -9.44 16.12
C GLN C 139 -36.49 -10.22 17.43
N THR C 140 -35.59 -11.20 17.57
CA THR C 140 -35.52 -11.98 18.79
C THR C 140 -35.21 -11.10 19.99
N ALA C 141 -34.25 -10.17 19.84
CA ALA C 141 -33.94 -9.26 20.93
C ALA C 141 -35.15 -8.40 21.29
N LYS C 142 -35.89 -7.92 20.28
CA LYS C 142 -37.08 -7.13 20.56
C LYS C 142 -38.08 -7.95 21.36
N ARG C 143 -38.31 -9.19 20.96
CA ARG C 143 -39.26 -10.06 21.65
C ARG C 143 -38.84 -10.35 23.09
N LEU C 144 -37.54 -10.55 23.32
CA LEU C 144 -37.04 -10.88 24.64
C LEU C 144 -36.92 -9.68 25.56
N GLY C 145 -37.03 -8.47 25.02
CA GLY C 145 -36.80 -7.27 25.79
C GLY C 145 -35.36 -6.82 25.87
N ILE C 146 -34.49 -7.32 25.00
CA ILE C 146 -33.06 -7.00 25.06
C ILE C 146 -32.79 -5.79 24.19
N ASP C 147 -32.04 -4.83 24.72
CA ASP C 147 -31.70 -3.60 24.01
C ASP C 147 -30.41 -3.85 23.20
N LEU C 148 -30.56 -3.98 21.89
CA LEU C 148 -29.45 -4.32 21.00
C LEU C 148 -28.86 -3.04 20.41
N LYS C 149 -27.59 -2.75 20.74
CA LYS C 149 -26.87 -1.69 20.06
C LYS C 149 -26.33 -2.22 18.74
N VAL C 150 -26.51 -1.45 17.66
CA VAL C 150 -26.16 -1.90 16.33
C VAL C 150 -25.21 -0.91 15.70
N GLY C 151 -24.09 -1.41 15.18
CA GLY C 151 -23.11 -0.55 14.54
C GLY C 151 -21.96 -1.39 14.02
N ASN C 152 -20.90 -0.70 13.59
CA ASN C 152 -19.68 -1.40 13.22
C ASN C 152 -18.85 -1.75 14.45
N VAL C 153 -18.06 -2.82 14.33
CA VAL C 153 -16.95 -3.05 15.24
C VAL C 153 -15.67 -2.92 14.44
N PHE C 154 -14.56 -2.70 15.15
CA PHE C 154 -13.23 -2.71 14.55
C PHE C 154 -12.51 -3.97 15.02
N SER C 155 -12.16 -4.87 14.09
CA SER C 155 -11.45 -6.11 14.41
C SER C 155 -9.96 -5.89 14.27
N SER C 156 -9.23 -5.96 15.37
CA SER C 156 -7.82 -5.59 15.37
C SER C 156 -6.95 -6.81 15.57
N ASP C 157 -5.73 -6.75 14.99
CA ASP C 157 -4.67 -7.71 15.29
C ASP C 157 -4.01 -7.42 16.63
N PHE C 158 -4.37 -6.31 17.30
CA PHE C 158 -3.73 -5.85 18.52
C PHE C 158 -4.75 -5.76 19.64
N PHE C 159 -4.57 -6.57 20.70
CA PHE C 159 -5.29 -6.28 21.93
C PHE C 159 -4.73 -5.03 22.60
N TYR C 160 -3.39 -4.91 22.60
CA TYR C 160 -2.67 -3.75 23.13
C TYR C 160 -2.31 -2.86 21.95
N SER C 161 -3.17 -1.89 21.67
CA SER C 161 -3.07 -1.08 20.47
C SER C 161 -1.88 -0.12 20.50
N PHE C 162 -1.30 0.12 19.33
CA PHE C 162 -0.31 1.18 19.12
C PHE C 162 -0.95 2.45 18.58
N GLU C 163 -2.28 2.49 18.48
CA GLU C 163 -3.02 3.58 17.86
C GLU C 163 -4.21 3.98 18.71
N THR C 164 -4.02 4.08 20.04
CA THR C 164 -5.10 4.53 20.91
C THR C 164 -5.54 5.95 20.59
N HIS C 165 -4.68 6.76 19.98
CA HIS C 165 -5.04 8.11 19.55
C HIS C 165 -6.15 8.10 18.50
N ALA C 166 -6.36 6.98 17.83
CA ALA C 166 -7.33 6.88 16.76
C ALA C 166 -8.70 6.41 17.24
N PHE C 167 -8.88 6.20 18.54
CA PHE C 167 -10.15 5.64 19.01
C PHE C 167 -11.32 6.59 18.75
N ASP C 168 -11.11 7.90 18.94
CA ASP C 168 -12.19 8.85 18.69
C ASP C 168 -12.57 8.87 17.21
N LEU C 169 -11.59 8.75 16.32
CA LEU C 169 -11.87 8.67 14.89
C LEU C 169 -12.70 7.45 14.58
N MET C 170 -12.31 6.29 15.11
CA MET C 170 -13.10 5.07 14.93
C MET C 170 -14.53 5.29 15.38
N ALA C 171 -14.72 5.87 16.55
CA ALA C 171 -16.07 6.03 17.08
C ALA C 171 -16.86 7.05 16.27
N LYS C 172 -16.19 8.07 15.74
CA LYS C 172 -16.86 9.00 14.83
C LYS C 172 -17.46 8.27 13.64
N TYR C 173 -16.75 7.26 13.12
CA TYR C 173 -17.23 6.50 11.98
C TYR C 173 -18.12 5.32 12.37
N ASN C 174 -18.81 5.42 13.53
CA ASN C 174 -19.80 4.45 13.95
C ASN C 174 -19.19 3.10 14.33
N HIS C 175 -17.97 3.09 14.87
CA HIS C 175 -17.43 1.88 15.48
C HIS C 175 -17.70 1.94 16.97
N LEU C 176 -18.52 1.00 17.45
CA LEU C 176 -18.95 1.02 18.82
C LEU C 176 -17.93 0.38 19.74
N ALA C 177 -17.20 -0.61 19.24
CA ALA C 177 -16.27 -1.37 20.07
C ALA C 177 -15.19 -1.99 19.19
N ILE C 178 -14.16 -2.49 19.87
CA ILE C 178 -13.04 -3.19 19.26
C ILE C 178 -13.04 -4.63 19.78
N GLU C 179 -12.91 -5.58 18.86
CA GLU C 179 -12.61 -6.96 19.22
C GLU C 179 -11.57 -7.44 18.21
N MET C 180 -11.43 -8.77 18.04
CA MET C 180 -10.32 -9.24 17.22
C MET C 180 -10.66 -10.39 16.27
N GLU C 181 -11.94 -10.63 15.98
CA GLU C 181 -12.30 -11.77 15.13
C GLU C 181 -13.37 -11.49 14.10
N ALA C 182 -14.24 -10.49 14.30
CA ALA C 182 -15.45 -10.36 13.47
C ALA C 182 -15.13 -10.23 11.99
N ALA C 183 -14.10 -9.45 11.64
CA ALA C 183 -13.79 -9.27 10.23
C ALA C 183 -13.36 -10.58 9.58
N GLY C 184 -12.73 -11.46 10.33
CA GLY C 184 -12.32 -12.74 9.79
C GLY C 184 -13.46 -13.74 9.68
N LEU C 185 -14.33 -13.76 10.69
CA LEU C 185 -15.53 -14.59 10.62
C LEU C 185 -16.37 -14.20 9.41
N TYR C 186 -16.56 -12.91 9.22
CA TYR C 186 -17.40 -12.40 8.15
C TYR C 186 -16.79 -12.70 6.79
N ALA C 187 -15.49 -12.47 6.63
CA ALA C 187 -14.88 -12.73 5.33
C ALA C 187 -14.83 -14.22 5.01
N THR C 188 -14.59 -15.07 6.03
CA THR C 188 -14.56 -16.51 5.80
C THR C 188 -15.93 -17.03 5.41
N ALA C 189 -16.98 -16.58 6.10
CA ALA C 189 -18.34 -16.97 5.71
C ALA C 189 -18.73 -16.40 4.35
N MET C 190 -18.20 -15.23 3.99
CA MET C 190 -18.45 -14.70 2.65
C MET C 190 -17.76 -15.57 1.61
N GLU C 191 -16.49 -15.92 1.86
CA GLU C 191 -15.75 -16.78 0.93
C GLU C 191 -16.50 -18.07 0.67
N LEU C 192 -17.05 -18.67 1.73
CA LEU C 192 -17.54 -20.04 1.72
C LEU C 192 -19.06 -20.13 1.69
N ASN C 193 -19.74 -19.02 1.36
CA ASN C 193 -21.18 -19.03 1.10
C ASN C 193 -21.98 -19.56 2.29
N ALA C 194 -21.61 -19.12 3.50
CA ALA C 194 -22.29 -19.48 4.73
C ALA C 194 -22.81 -18.22 5.41
N LYS C 195 -23.71 -18.43 6.38
CA LYS C 195 -24.38 -17.35 7.10
C LYS C 195 -23.74 -17.11 8.47
N ALA C 196 -23.30 -15.88 8.71
CA ALA C 196 -22.59 -15.56 9.94
C ALA C 196 -23.03 -14.20 10.50
N LEU C 197 -22.97 -14.10 11.83
CA LEU C 197 -23.29 -12.87 12.55
C LEU C 197 -22.42 -12.81 13.81
N CYS C 198 -22.02 -11.60 14.18
CA CYS C 198 -21.22 -11.38 15.39
CA CYS C 198 -21.21 -11.36 15.37
C CYS C 198 -21.99 -10.52 16.37
N LEU C 199 -22.22 -11.07 17.57
CA LEU C 199 -22.71 -10.32 18.71
C LEU C 199 -21.58 -10.27 19.72
N CYS C 200 -21.35 -9.10 20.32
CA CYS C 200 -20.32 -8.95 21.33
CA CYS C 200 -20.32 -8.98 21.35
C CYS C 200 -20.84 -8.16 22.51
N SER C 201 -20.51 -8.61 23.71
CA SER C 201 -20.88 -7.93 24.94
C SER C 201 -19.69 -7.13 25.47
N VAL C 202 -19.97 -5.92 25.96
CA VAL C 202 -18.90 -5.00 26.31
C VAL C 202 -18.27 -5.47 27.63
N SER C 203 -17.00 -5.86 27.58
CA SER C 203 -16.27 -6.29 28.76
C SER C 203 -15.25 -5.27 29.23
N ASP C 204 -14.90 -4.30 28.40
CA ASP C 204 -14.03 -3.20 28.76
C ASP C 204 -14.58 -1.92 28.14
N HIS C 205 -14.35 -0.81 28.81
CA HIS C 205 -14.68 0.50 28.24
C HIS C 205 -13.37 1.27 28.16
N LEU C 206 -12.92 1.54 26.93
CA LEU C 206 -11.58 2.06 26.70
C LEU C 206 -11.51 3.57 26.85
N ILE C 207 -12.62 4.25 27.12
CA ILE C 207 -12.63 5.69 27.31
C ILE C 207 -12.96 6.06 28.76
N THR C 208 -14.07 5.54 29.30
CA THR C 208 -14.36 5.75 30.72
C THR C 208 -13.57 4.81 31.62
N LYS C 209 -12.80 3.89 31.03
CA LYS C 209 -11.79 3.06 31.71
C LYS C 209 -12.38 2.15 32.78
N GLU C 210 -12.81 0.96 32.36
CA GLU C 210 -13.18 -0.13 33.26
C GLU C 210 -12.77 -1.45 32.62
N ALA C 211 -12.81 -2.52 33.41
CA ALA C 211 -12.46 -3.85 32.89
C ALA C 211 -13.11 -4.90 33.78
N LEU C 212 -13.41 -6.05 33.18
CA LEU C 212 -14.10 -7.15 33.85
C LEU C 212 -13.13 -8.30 34.07
N SER C 213 -13.32 -9.03 35.17
CA SER C 213 -12.43 -10.13 35.50
C SER C 213 -12.51 -11.23 34.43
N PRO C 214 -11.51 -12.13 34.38
CA PRO C 214 -11.65 -13.30 33.50
C PRO C 214 -12.83 -14.17 33.87
N LYS C 215 -13.13 -14.31 35.16
CA LYS C 215 -14.36 -15.00 35.55
C LYS C 215 -15.58 -14.26 35.02
N GLU C 216 -15.63 -12.94 35.24
CA GLU C 216 -16.78 -12.15 34.79
C GLU C 216 -17.00 -12.26 33.28
N ARG C 217 -15.94 -12.47 32.50
CA ARG C 217 -16.09 -12.57 31.06
C ARG C 217 -16.87 -13.81 30.64
N VAL C 218 -16.93 -14.82 31.50
CA VAL C 218 -17.78 -15.99 31.25
C VAL C 218 -19.17 -15.84 31.86
N GLU C 219 -19.31 -15.11 32.97
CA GLU C 219 -20.50 -15.22 33.82
C GLU C 219 -21.51 -14.09 33.64
N SER C 220 -21.08 -12.89 33.26
CA SER C 220 -21.96 -11.72 33.29
C SER C 220 -22.72 -11.50 31.98
N PHE C 221 -22.73 -12.47 31.08
CA PHE C 221 -23.22 -12.27 29.72
C PHE C 221 -24.33 -13.25 29.34
N ASP C 222 -25.05 -13.78 30.32
CA ASP C 222 -26.12 -14.74 30.04
C ASP C 222 -27.18 -14.14 29.12
N ASN C 223 -27.38 -12.82 29.17
CA ASN C 223 -28.32 -12.17 28.25
C ASN C 223 -27.97 -12.46 26.80
N MET C 224 -26.71 -12.22 26.43
CA MET C 224 -26.29 -12.48 25.04
C MET C 224 -26.39 -13.96 24.71
N ILE C 225 -26.09 -14.84 25.67
CA ILE C 225 -26.13 -16.27 25.42
C ILE C 225 -27.55 -16.72 25.12
N ILE C 226 -28.51 -16.28 25.94
CA ILE C 226 -29.90 -16.65 25.73
C ILE C 226 -30.42 -16.07 24.40
N LEU C 227 -30.02 -14.83 24.09
CA LEU C 227 -30.43 -14.25 22.82
C LEU C 227 -29.97 -15.12 21.65
N ALA C 228 -28.72 -15.59 21.69
CA ALA C 228 -28.20 -16.45 20.63
C ALA C 228 -28.96 -17.77 20.56
N LEU C 229 -29.19 -18.39 21.72
CA LEU C 229 -29.91 -19.66 21.73
C LEU C 229 -31.32 -19.50 21.18
N GLU C 230 -32.00 -18.41 21.56
CA GLU C 230 -33.35 -18.17 21.06
C GLU C 230 -33.35 -17.93 19.55
N MET C 231 -32.35 -17.19 19.03
CA MET C 231 -32.27 -16.95 17.59
C MET C 231 -32.20 -18.25 16.80
N MET C 232 -31.63 -19.31 17.39
CA MET C 232 -31.43 -20.56 16.69
C MET C 232 -32.56 -21.56 16.93
N SER C 233 -33.64 -21.13 17.58
CA SER C 233 -34.75 -22.02 17.90
C SER C 233 -35.92 -21.82 16.93
N MET D 1 33.23 18.89 3.02
CA MET D 1 32.24 19.94 2.95
CA MET D 1 32.31 19.97 2.65
C MET D 1 30.87 19.41 2.49
N THR D 2 30.82 18.33 1.71
CA THR D 2 29.71 17.39 1.73
C THR D 2 30.38 16.02 1.78
N PRO D 3 29.70 15.00 2.30
CA PRO D 3 30.33 13.68 2.40
C PRO D 3 30.71 13.08 1.07
N HIS D 4 30.04 13.45 -0.02
CA HIS D 4 30.23 12.78 -1.31
C HIS D 4 30.82 13.68 -2.40
N ILE D 5 31.09 14.95 -2.09
CA ILE D 5 31.68 15.88 -3.05
C ILE D 5 32.73 16.70 -2.31
N ASN D 6 33.97 16.72 -2.82
CA ASN D 6 35.03 17.49 -2.19
C ASN D 6 35.48 18.69 -3.03
N ALA D 7 34.57 19.25 -3.82
CA ALA D 7 34.82 20.54 -4.43
C ALA D 7 34.70 21.66 -3.38
N LYS D 8 35.41 22.75 -3.63
CA LYS D 8 35.18 23.97 -2.86
C LYS D 8 33.87 24.61 -3.30
N ILE D 9 33.14 25.21 -2.35
CA ILE D 9 31.92 25.92 -2.70
C ILE D 9 32.27 27.03 -3.69
N GLY D 10 31.51 27.10 -4.78
CA GLY D 10 31.85 28.00 -5.86
C GLY D 10 32.54 27.32 -7.03
N ASP D 11 32.98 26.06 -6.88
CA ASP D 11 33.67 25.38 -7.97
C ASP D 11 32.72 25.01 -9.11
N PHE D 12 31.44 24.79 -8.81
CA PHE D 12 30.48 24.42 -9.84
C PHE D 12 29.87 25.67 -10.47
N TYR D 13 29.58 25.57 -11.76
CA TYR D 13 28.72 26.55 -12.43
C TYR D 13 27.27 26.27 -12.06
N PRO D 14 26.36 27.22 -12.31
CA PRO D 14 24.95 26.98 -11.98
C PRO D 14 24.27 26.00 -12.92
N GLN D 15 24.83 25.75 -14.10
CA GLN D 15 24.33 24.76 -15.03
C GLN D 15 25.24 23.54 -14.98
N CYS D 16 24.66 22.36 -14.76
CA CYS D 16 25.46 21.15 -14.58
C CYS D 16 24.84 20.01 -15.38
N LEU D 17 25.67 19.38 -16.21
CA LEU D 17 25.31 18.17 -16.94
C LEU D 17 25.60 16.97 -16.05
N LEU D 18 24.67 16.02 -16.01
CA LEU D 18 24.78 14.85 -15.14
C LEU D 18 24.77 13.56 -15.95
N CYS D 19 25.57 12.60 -15.52
CA CYS D 19 25.62 11.27 -16.13
C CYS D 19 25.96 10.27 -15.03
N GLY D 20 25.44 9.05 -15.13
CA GLY D 20 25.71 8.08 -14.09
C GLY D 20 27.15 7.60 -14.04
N ASP D 21 27.83 7.56 -15.20
CA ASP D 21 29.14 6.95 -15.29
C ASP D 21 30.21 8.03 -15.19
N PRO D 22 31.06 8.03 -14.15
CA PRO D 22 32.08 9.08 -14.05
C PRO D 22 33.09 9.03 -15.18
N LEU D 23 33.31 7.86 -15.80
CA LEU D 23 34.21 7.79 -16.95
C LEU D 23 33.58 8.42 -18.19
N ARG D 24 32.24 8.36 -18.32
CA ARG D 24 31.57 9.11 -19.37
C ARG D 24 31.64 10.61 -19.11
N VAL D 25 31.54 11.00 -17.83
CA VAL D 25 31.78 12.39 -17.46
C VAL D 25 33.16 12.84 -17.92
N SER D 26 34.18 12.00 -17.65
CA SER D 26 35.54 12.33 -18.05
C SER D 26 35.67 12.40 -19.57
N TYR D 27 35.00 11.48 -20.27
CA TYR D 27 34.96 11.51 -21.73
C TYR D 27 34.39 12.83 -22.24
N ILE D 28 33.28 13.29 -21.66
CA ILE D 28 32.69 14.56 -22.10
C ILE D 28 33.66 15.71 -21.83
N ALA D 29 34.30 15.70 -20.65
CA ALA D 29 35.24 16.77 -20.32
C ALA D 29 36.38 16.83 -21.33
N LYS D 30 36.81 15.66 -21.83
CA LYS D 30 37.96 15.62 -22.72
C LYS D 30 37.60 16.03 -24.15
N LYS D 31 36.47 15.54 -24.67
CA LYS D 31 36.12 15.78 -26.06
C LYS D 31 35.41 17.10 -26.29
N PHE D 32 34.75 17.67 -25.28
CA PHE D 32 33.86 18.80 -25.52
C PHE D 32 34.20 20.07 -24.75
N LEU D 33 35.00 19.99 -23.71
CA LEU D 33 35.30 21.12 -22.85
C LEU D 33 36.75 21.58 -23.04
N GLN D 34 36.94 22.89 -22.91
CA GLN D 34 38.27 23.47 -22.83
C GLN D 34 38.49 24.08 -21.46
N ASP D 35 39.76 24.14 -21.06
CA ASP D 35 40.15 24.66 -19.74
C ASP D 35 39.36 23.95 -18.64
N ALA D 36 39.40 22.62 -18.68
CA ALA D 36 38.60 21.79 -17.80
C ALA D 36 39.41 21.39 -16.58
N LYS D 37 38.84 21.59 -15.40
CA LYS D 37 39.43 21.18 -14.14
C LYS D 37 38.53 20.12 -13.50
N GLU D 38 39.11 18.99 -13.10
CA GLU D 38 38.39 18.03 -12.28
C GLU D 38 38.25 18.62 -10.88
N ILE D 39 37.01 18.83 -10.43
CA ILE D 39 36.77 19.54 -9.17
C ILE D 39 36.33 18.65 -8.04
N THR D 40 36.00 17.39 -8.30
CA THR D 40 35.62 16.50 -7.20
C THR D 40 35.88 15.06 -7.61
N ASN D 41 36.20 14.21 -6.62
CA ASN D 41 36.53 12.83 -6.95
C ASN D 41 36.29 11.86 -5.79
N VAL D 42 35.48 12.23 -4.79
CA VAL D 42 35.12 11.28 -3.73
C VAL D 42 34.50 10.05 -4.37
N ARG D 43 34.90 8.86 -3.90
CA ARG D 43 34.38 7.58 -4.41
C ARG D 43 34.59 7.40 -5.91
N ASN D 44 35.63 8.03 -6.47
CA ASN D 44 35.88 7.99 -7.91
C ASN D 44 34.74 8.63 -8.72
N MET D 45 33.86 9.41 -8.08
CA MET D 45 32.72 10.00 -8.76
C MET D 45 33.15 11.40 -9.19
N LEU D 46 33.60 11.51 -10.42
CA LEU D 46 34.27 12.71 -10.89
C LEU D 46 33.26 13.80 -11.24
N GLY D 47 33.65 15.04 -10.97
CA GLY D 47 32.96 16.21 -11.50
C GLY D 47 33.99 17.21 -12.00
N PHE D 48 33.55 18.03 -12.97
CA PHE D 48 34.43 18.96 -13.68
C PHE D 48 33.78 20.32 -13.84
N SER D 49 34.62 21.31 -14.13
CA SER D 49 34.17 22.60 -14.64
C SER D 49 35.07 22.97 -15.81
N GLY D 50 34.47 23.63 -16.80
CA GLY D 50 35.24 24.05 -17.96
C GLY D 50 34.35 24.81 -18.91
N LYS D 51 34.86 25.03 -20.11
CA LYS D 51 34.14 25.87 -21.07
C LYS D 51 33.73 25.05 -22.27
N TYR D 52 32.43 25.11 -22.61
CA TYR D 52 31.94 24.55 -23.86
C TYR D 52 31.85 25.68 -24.88
N LYS D 53 32.78 25.69 -25.84
CA LYS D 53 32.84 26.74 -26.85
C LYS D 53 32.71 28.12 -26.22
N GLY D 54 33.49 28.33 -25.17
CA GLY D 54 33.60 29.60 -24.49
C GLY D 54 32.63 29.85 -23.36
N ARG D 55 31.76 28.89 -23.03
CA ARG D 55 30.75 29.10 -22.00
C ARG D 55 30.98 28.14 -20.83
N GLY D 56 31.06 28.71 -19.63
CA GLY D 56 31.36 27.90 -18.45
C GLY D 56 30.19 26.98 -18.12
N ILE D 57 30.50 25.71 -17.86
CA ILE D 57 29.51 24.69 -17.48
C ILE D 57 30.20 23.68 -16.58
N SER D 58 29.40 22.91 -15.84
CA SER D 58 29.94 21.85 -15.01
C SER D 58 29.38 20.50 -15.45
N LEU D 59 30.09 19.43 -15.07
CA LEU D 59 29.67 18.06 -15.27
C LEU D 59 29.80 17.30 -13.96
N MET D 60 28.88 16.37 -13.70
CA MET D 60 28.96 15.62 -12.46
C MET D 60 28.42 14.22 -12.66
N GLY D 61 29.14 13.22 -12.15
CA GLY D 61 28.60 11.86 -12.10
C GLY D 61 27.67 11.63 -10.93
N HIS D 62 26.68 10.74 -11.12
CA HIS D 62 25.70 10.49 -10.07
C HIS D 62 25.49 9.02 -9.72
N GLY D 63 26.19 8.09 -10.38
CA GLY D 63 26.04 6.68 -10.01
C GLY D 63 24.72 6.09 -10.49
N MET D 64 24.41 4.88 -10.02
CA MET D 64 23.26 4.16 -10.54
C MET D 64 22.17 4.05 -9.47
N GLY D 65 20.94 4.35 -9.86
CA GLY D 65 19.80 4.16 -8.98
C GLY D 65 19.33 5.47 -8.37
N ILE D 66 18.04 5.49 -8.00
CA ILE D 66 17.45 6.71 -7.45
C ILE D 66 18.18 7.15 -6.18
N ALA D 67 18.52 6.21 -5.29
CA ALA D 67 19.13 6.61 -4.03
C ALA D 67 20.49 7.27 -4.25
N SER D 68 21.28 6.72 -5.16
CA SER D 68 22.58 7.32 -5.48
C SER D 68 22.40 8.67 -6.14
N CYS D 69 21.51 8.74 -7.13
CA CYS D 69 21.29 9.99 -7.84
C CYS D 69 20.79 11.08 -6.89
N THR D 70 19.90 10.71 -5.96
CA THR D 70 19.33 11.68 -5.03
C THR D 70 20.40 12.30 -4.14
N ILE D 71 21.39 11.51 -3.73
CA ILE D 71 22.48 12.03 -2.91
C ILE D 71 23.22 13.15 -3.65
N TYR D 72 23.64 12.87 -4.88
CA TYR D 72 24.45 13.83 -5.60
C TYR D 72 23.65 15.07 -5.98
N VAL D 73 22.40 14.89 -6.44
CA VAL D 73 21.59 16.04 -6.81
C VAL D 73 21.29 16.92 -5.60
N THR D 74 20.97 16.30 -4.46
CA THR D 74 20.68 17.08 -3.27
C THR D 74 21.88 17.92 -2.86
N GLU D 75 23.08 17.36 -2.98
CA GLU D 75 24.28 18.07 -2.58
C GLU D 75 24.63 19.16 -3.60
N LEU D 76 24.44 18.90 -4.90
CA LEU D 76 24.65 19.94 -5.90
C LEU D 76 23.76 21.16 -5.65
N ILE D 77 22.50 20.92 -5.32
CA ILE D 77 21.55 22.03 -5.17
C ILE D 77 21.77 22.75 -3.85
N LYS D 78 21.79 22.02 -2.74
CA LYS D 78 21.78 22.69 -1.45
C LYS D 78 23.13 23.28 -1.05
N THR D 79 24.23 22.66 -1.46
CA THR D 79 25.55 23.15 -1.08
C THR D 79 26.27 23.90 -2.20
N TYR D 80 26.24 23.39 -3.43
CA TYR D 80 27.06 23.92 -4.51
C TYR D 80 26.30 24.84 -5.46
N GLN D 81 25.05 25.18 -5.12
CA GLN D 81 24.29 26.27 -5.74
C GLN D 81 23.98 26.00 -7.21
N VAL D 82 23.85 24.73 -7.59
CA VAL D 82 23.44 24.38 -8.94
C VAL D 82 21.96 24.66 -9.13
N LYS D 83 21.61 25.27 -10.27
CA LYS D 83 20.26 25.74 -10.54
C LYS D 83 19.57 25.00 -11.69
N GLU D 84 20.33 24.54 -12.68
CA GLU D 84 19.79 23.80 -13.81
C GLU D 84 20.57 22.50 -13.93
N LEU D 85 19.86 21.39 -13.81
CA LEU D 85 20.48 20.07 -13.91
C LEU D 85 19.96 19.37 -15.14
N LEU D 86 20.84 19.06 -16.08
CA LEU D 86 20.46 18.31 -17.27
C LEU D 86 21.11 16.94 -17.20
N ARG D 87 20.29 15.90 -17.09
CA ARG D 87 20.78 14.55 -16.95
C ARG D 87 20.68 13.81 -18.29
N ILE D 88 21.78 13.20 -18.69
CA ILE D 88 21.78 12.33 -19.86
C ILE D 88 22.15 10.93 -19.40
N GLY D 89 21.93 9.96 -20.28
CA GLY D 89 22.25 8.58 -19.94
C GLY D 89 21.67 7.66 -20.98
N THR D 90 21.75 6.36 -20.70
CA THR D 90 21.24 5.34 -21.60
C THR D 90 19.91 4.79 -21.06
N CYS D 91 19.22 4.02 -21.90
CA CYS D 91 17.99 3.40 -21.44
C CYS D 91 17.69 2.17 -22.28
N GLY D 92 16.78 1.34 -21.76
CA GLY D 92 16.31 0.18 -22.46
C GLY D 92 14.93 0.44 -23.03
N ALA D 93 14.82 0.39 -24.35
CA ALA D 93 13.54 0.69 -24.99
C ALA D 93 12.53 -0.42 -24.73
N ILE D 94 11.27 -0.04 -24.49
CA ILE D 94 10.17 -1.00 -24.39
C ILE D 94 9.03 -0.69 -25.34
N SER D 95 9.12 0.38 -26.11
CA SER D 95 8.02 0.78 -27.00
C SER D 95 8.42 0.57 -28.46
N PRO D 96 7.46 0.24 -29.33
CA PRO D 96 7.76 0.21 -30.77
C PRO D 96 7.96 1.58 -31.39
N LYS D 97 7.78 2.66 -30.61
CA LYS D 97 7.95 4.02 -31.10
C LYS D 97 9.39 4.50 -31.11
N VAL D 98 10.31 3.77 -30.47
CA VAL D 98 11.71 4.15 -30.39
C VAL D 98 12.56 2.94 -30.77
N GLY D 99 13.77 3.24 -31.24
CA GLY D 99 14.73 2.22 -31.62
C GLY D 99 16.12 2.62 -31.18
N LEU D 100 17.09 1.74 -31.46
CA LEU D 100 18.46 1.99 -31.06
C LEU D 100 18.92 3.35 -31.58
N LYS D 101 19.63 4.08 -30.72
CA LYS D 101 20.25 5.40 -30.92
C LYS D 101 19.26 6.54 -30.80
N ASP D 102 17.98 6.28 -30.54
CA ASP D 102 17.03 7.38 -30.41
C ASP D 102 17.29 8.12 -29.11
N ILE D 103 17.07 9.43 -29.14
CA ILE D 103 17.16 10.28 -27.96
C ILE D 103 15.75 10.57 -27.50
N ILE D 104 15.51 10.33 -26.20
CA ILE D 104 14.20 10.48 -25.58
C ILE D 104 14.29 11.62 -24.57
N MET D 105 13.32 12.52 -24.62
CA MET D 105 13.13 13.51 -23.58
C MET D 105 12.02 13.01 -22.67
N ALA D 106 12.31 12.88 -21.37
CA ALA D 106 11.35 12.29 -20.43
C ALA D 106 10.49 13.40 -19.82
N THR D 107 9.25 13.54 -20.31
CA THR D 107 8.34 14.53 -19.75
C THR D 107 7.62 14.03 -18.50
N GLY D 108 7.84 12.76 -18.15
CA GLY D 108 7.42 12.24 -16.87
C GLY D 108 8.23 10.99 -16.61
N ALA D 109 8.40 10.64 -15.33
CA ALA D 109 9.14 9.44 -14.96
C ALA D 109 8.33 8.67 -13.91
N SER D 110 7.71 7.58 -14.32
CA SER D 110 7.03 6.66 -13.42
C SER D 110 8.07 5.83 -12.67
N THR D 111 7.62 5.10 -11.65
CA THR D 111 8.63 4.37 -10.88
C THR D 111 8.00 3.24 -10.08
N ASP D 112 8.81 2.20 -9.81
CA ASP D 112 8.50 1.17 -8.84
C ASP D 112 9.18 1.41 -7.49
N SER D 113 9.84 2.55 -7.33
CA SER D 113 10.44 2.92 -6.05
C SER D 113 9.36 3.35 -5.06
N LYS D 114 9.65 3.20 -3.78
CA LYS D 114 8.79 3.78 -2.74
C LYS D 114 9.18 5.21 -2.37
N THR D 115 10.23 5.76 -2.96
CA THR D 115 10.79 7.01 -2.44
C THR D 115 9.82 8.18 -2.57
N ASN D 116 9.05 8.24 -3.66
CA ASN D 116 8.17 9.39 -3.79
C ASN D 116 6.93 9.25 -2.92
N ARG D 117 6.50 8.02 -2.62
CA ARG D 117 5.45 7.87 -1.62
C ARG D 117 5.94 8.27 -0.23
N VAL D 118 7.21 8.02 0.08
CA VAL D 118 7.78 8.48 1.34
C VAL D 118 7.81 10.00 1.37
N ARG D 119 8.19 10.60 0.23
CA ARG D 119 8.28 12.06 0.12
C ARG D 119 6.91 12.73 0.17
N PHE D 120 5.87 12.07 -0.33
CA PHE D 120 4.66 12.76 -0.78
C PHE D 120 3.40 12.11 -0.23
N LEU D 121 3.32 12.02 1.10
CA LEU D 121 2.08 11.72 1.82
C LEU D 121 1.52 10.34 1.49
N ASN D 122 2.38 9.43 1.03
CA ASN D 122 1.97 8.11 0.56
CA ASN D 122 1.98 8.10 0.54
C ASN D 122 0.98 8.17 -0.61
N HIS D 123 0.97 9.30 -1.34
CA HIS D 123 0.15 9.48 -2.53
C HIS D 123 1.01 9.27 -3.80
N ASP D 124 0.43 9.59 -4.97
CA ASP D 124 1.14 9.49 -6.25
C ASP D 124 1.70 10.86 -6.61
N LEU D 125 3.01 11.02 -6.52
CA LEU D 125 3.71 12.18 -7.03
C LEU D 125 4.02 11.97 -8.51
N SER D 126 3.51 12.85 -9.37
N SER D 126 3.52 12.85 -9.36
CA SER D 126 3.84 12.78 -10.78
CA SER D 126 3.82 12.81 -10.78
C SER D 126 5.14 13.51 -11.01
C SER D 126 5.14 13.52 -11.00
N ALA D 127 6.23 12.75 -11.12
CA ALA D 127 7.56 13.30 -11.20
C ALA D 127 7.84 13.79 -12.63
N THR D 128 8.07 15.09 -12.77
CA THR D 128 8.10 15.79 -14.04
C THR D 128 9.28 16.75 -14.06
N PRO D 129 9.78 17.08 -15.26
CA PRO D 129 10.87 18.06 -15.39
C PRO D 129 10.33 19.48 -15.40
N ASP D 130 11.27 20.41 -15.34
CA ASP D 130 10.95 21.82 -15.50
C ASP D 130 10.52 22.08 -16.94
N PHE D 131 9.41 22.80 -17.12
CA PHE D 131 8.87 22.96 -18.46
C PHE D 131 9.79 23.79 -19.36
N GLU D 132 10.33 24.90 -18.85
CA GLU D 132 11.18 25.73 -19.70
C GLU D 132 12.39 24.95 -20.21
N LEU D 133 12.94 24.05 -19.39
CA LEU D 133 14.03 23.20 -19.87
C LEU D 133 13.55 22.25 -20.97
N SER D 134 12.34 21.70 -20.84
CA SER D 134 11.85 20.81 -21.88
CA SER D 134 11.83 20.81 -21.87
C SER D 134 11.63 21.56 -23.18
N LEU D 135 11.10 22.77 -23.10
CA LEU D 135 10.91 23.59 -24.30
C LEU D 135 12.25 23.95 -24.92
N ARG D 136 13.24 24.26 -24.08
CA ARG D 136 14.55 24.64 -24.58
C ARG D 136 15.24 23.44 -25.21
N ALA D 137 15.04 22.25 -24.66
CA ALA D 137 15.54 21.04 -25.32
C ALA D 137 14.88 20.85 -26.68
N TYR D 138 13.55 21.06 -26.73
CA TYR D 138 12.83 20.84 -27.97
C TYR D 138 13.30 21.80 -29.06
N GLN D 139 13.44 23.08 -28.71
CA GLN D 139 13.87 24.06 -29.71
C GLN D 139 15.31 23.84 -30.13
N THR D 140 16.18 23.42 -29.18
CA THR D 140 17.58 23.21 -29.52
C THR D 140 17.73 22.00 -30.45
N ALA D 141 16.99 20.93 -30.19
CA ALA D 141 17.09 19.76 -31.06
C ALA D 141 16.57 20.07 -32.46
N LYS D 142 15.47 20.81 -32.56
CA LYS D 142 14.96 21.22 -33.87
C LYS D 142 16.01 22.01 -34.64
N ARG D 143 16.64 22.98 -33.96
CA ARG D 143 17.65 23.82 -34.59
C ARG D 143 18.88 23.00 -34.99
N LEU D 144 19.28 22.05 -34.14
CA LEU D 144 20.43 21.20 -34.44
C LEU D 144 20.11 20.11 -35.44
N GLY D 145 18.83 19.92 -35.80
CA GLY D 145 18.45 18.85 -36.70
C GLY D 145 18.35 17.48 -36.07
N ILE D 146 18.24 17.41 -34.75
CA ILE D 146 18.20 16.14 -34.03
C ILE D 146 16.74 15.74 -33.81
N ASP D 147 16.40 14.51 -34.18
CA ASP D 147 15.06 14.02 -33.91
C ASP D 147 14.97 13.64 -32.44
N LEU D 148 14.03 14.24 -31.73
CA LEU D 148 13.85 14.04 -30.30
C LEU D 148 12.53 13.33 -30.09
N LYS D 149 12.58 12.11 -29.56
CA LYS D 149 11.36 11.42 -29.13
C LYS D 149 10.97 11.95 -27.76
N VAL D 150 9.66 12.06 -27.50
CA VAL D 150 9.17 12.67 -26.29
C VAL D 150 8.11 11.76 -25.68
N GLY D 151 8.27 11.45 -24.39
CA GLY D 151 7.27 10.69 -23.67
C GLY D 151 7.73 10.41 -22.26
N ASN D 152 7.07 9.45 -21.61
CA ASN D 152 7.46 9.05 -20.26
C ASN D 152 8.58 8.02 -20.31
N VAL D 153 9.37 7.97 -19.23
CA VAL D 153 10.22 6.83 -18.94
C VAL D 153 9.76 6.19 -17.64
N PHE D 154 10.20 4.95 -17.42
CA PHE D 154 9.97 4.23 -16.17
C PHE D 154 11.31 4.07 -15.44
N SER D 155 11.43 4.70 -14.28
CA SER D 155 12.65 4.59 -13.47
C SER D 155 12.50 3.42 -12.52
N SER D 156 13.30 2.40 -12.72
CA SER D 156 13.16 1.19 -11.92
C SER D 156 14.26 1.10 -10.86
N ASP D 157 13.93 0.43 -9.75
CA ASP D 157 14.93 -0.01 -8.79
C ASP D 157 15.68 -1.26 -9.26
N PHE D 158 15.27 -1.85 -10.40
CA PHE D 158 15.79 -3.14 -10.85
C PHE D 158 16.35 -2.98 -12.26
N PHE D 159 17.66 -3.15 -12.40
CA PHE D 159 18.23 -3.33 -13.74
C PHE D 159 17.80 -4.67 -14.33
N TYR D 160 17.81 -5.70 -13.49
CA TYR D 160 17.35 -7.04 -13.85
C TYR D 160 15.94 -7.17 -13.29
N SER D 161 14.94 -6.97 -14.14
CA SER D 161 13.55 -6.85 -13.70
C SER D 161 12.94 -8.20 -13.36
N PHE D 162 12.00 -8.19 -12.42
CA PHE D 162 11.16 -9.34 -12.12
C PHE D 162 9.77 -9.21 -12.73
N GLU D 163 9.57 -8.17 -13.54
CA GLU D 163 8.28 -7.83 -14.11
C GLU D 163 8.41 -7.56 -15.60
N THR D 164 9.23 -8.35 -16.31
CA THR D 164 9.36 -8.21 -17.75
C THR D 164 8.01 -8.41 -18.47
N HIS D 165 7.11 -9.19 -17.86
CA HIS D 165 5.76 -9.40 -18.38
C HIS D 165 4.95 -8.11 -18.46
N ALA D 166 5.40 -7.04 -17.82
CA ALA D 166 4.65 -5.80 -17.74
C ALA D 166 5.15 -4.74 -18.72
N PHE D 167 6.19 -5.04 -19.50
CA PHE D 167 6.79 -4.01 -20.33
C PHE D 167 5.81 -3.53 -21.39
N ASP D 168 5.02 -4.46 -21.97
CA ASP D 168 4.01 -4.08 -22.95
C ASP D 168 3.00 -3.09 -22.36
N LEU D 169 2.61 -3.31 -21.10
CA LEU D 169 1.66 -2.42 -20.46
C LEU D 169 2.27 -1.04 -20.26
N MET D 170 3.51 -0.99 -19.77
CA MET D 170 4.20 0.30 -19.63
C MET D 170 4.25 1.01 -20.97
N ALA D 171 4.55 0.27 -22.05
CA ALA D 171 4.64 0.87 -23.38
C ALA D 171 3.30 1.41 -23.84
N LYS D 172 2.22 0.69 -23.55
CA LYS D 172 0.88 1.16 -23.87
C LYS D 172 0.61 2.52 -23.26
N TYR D 173 1.08 2.73 -22.03
CA TYR D 173 0.88 3.99 -21.31
C TYR D 173 1.96 5.01 -21.63
N ASN D 174 2.61 4.92 -22.79
CA ASN D 174 3.55 5.95 -23.25
C ASN D 174 4.84 5.96 -22.42
N HIS D 175 5.27 4.81 -21.93
CA HIS D 175 6.61 4.66 -21.42
C HIS D 175 7.48 4.12 -22.54
N LEU D 176 8.39 4.95 -23.05
CA LEU D 176 9.17 4.56 -24.22
C LEU D 176 10.36 3.69 -23.84
N ALA D 177 10.86 3.83 -22.61
CA ALA D 177 12.09 3.17 -22.20
C ALA D 177 12.14 3.11 -20.67
N ILE D 178 13.05 2.25 -20.18
CA ILE D 178 13.30 2.08 -18.75
C ILE D 178 14.71 2.56 -18.46
N GLU D 179 14.86 3.35 -17.40
CA GLU D 179 16.18 3.60 -16.83
C GLU D 179 16.03 3.52 -15.32
N MET D 180 16.89 4.21 -14.54
CA MET D 180 16.88 3.95 -13.10
C MET D 180 17.02 5.19 -12.21
N GLU D 181 16.90 6.39 -12.76
CA GLU D 181 17.19 7.58 -11.96
C GLU D 181 16.23 8.74 -12.14
N ALA D 182 15.54 8.85 -13.27
CA ALA D 182 14.85 10.10 -13.61
C ALA D 182 13.80 10.47 -12.55
N ALA D 183 13.04 9.48 -12.06
CA ALA D 183 12.02 9.78 -11.09
C ALA D 183 12.61 10.40 -9.82
N GLY D 184 13.83 9.98 -9.44
CA GLY D 184 14.51 10.52 -8.29
C GLY D 184 15.05 11.93 -8.55
N LEU D 185 15.66 12.11 -9.71
CA LEU D 185 16.12 13.44 -10.11
C LEU D 185 14.99 14.45 -10.10
N TYR D 186 13.89 14.12 -10.76
CA TYR D 186 12.75 15.04 -10.86
C TYR D 186 12.17 15.33 -9.49
N ALA D 187 11.94 14.28 -8.69
CA ALA D 187 11.39 14.51 -7.35
C ALA D 187 12.33 15.39 -6.52
N THR D 188 13.63 15.15 -6.62
CA THR D 188 14.58 15.95 -5.86
C THR D 188 14.58 17.40 -6.32
N ALA D 189 14.57 17.63 -7.65
CA ALA D 189 14.51 19.01 -8.11
C ALA D 189 13.19 19.67 -7.70
N MET D 190 12.10 18.91 -7.65
CA MET D 190 10.84 19.49 -7.23
C MET D 190 10.87 19.85 -5.75
N GLU D 191 11.42 18.96 -4.92
CA GLU D 191 11.59 19.26 -3.50
C GLU D 191 12.35 20.56 -3.29
N LEU D 192 13.41 20.77 -4.06
CA LEU D 192 14.37 21.83 -3.78
C LEU D 192 14.22 23.04 -4.69
N ASN D 193 13.15 23.11 -5.48
CA ASN D 193 12.84 24.29 -6.29
C ASN D 193 13.96 24.59 -7.28
N ALA D 194 14.45 23.55 -7.95
CA ALA D 194 15.45 23.63 -8.99
C ALA D 194 14.89 23.10 -10.31
N LYS D 195 15.53 23.45 -11.42
CA LYS D 195 15.07 23.04 -12.74
C LYS D 195 15.86 21.83 -13.19
N ALA D 196 15.18 20.84 -13.73
CA ALA D 196 15.85 19.59 -14.11
C ALA D 196 15.19 19.01 -15.35
N LEU D 197 15.99 18.29 -16.13
CA LEU D 197 15.48 17.59 -17.32
C LEU D 197 16.32 16.35 -17.53
N CYS D 198 15.69 15.30 -18.07
CA CYS D 198 16.36 14.05 -18.37
CA CYS D 198 16.35 14.03 -18.37
C CYS D 198 16.20 13.73 -19.86
N LEU D 199 17.34 13.48 -20.52
CA LEU D 199 17.39 12.91 -21.87
C LEU D 199 18.03 11.54 -21.74
N CYS D 200 17.57 10.57 -22.52
CA CYS D 200 18.26 9.30 -22.53
C CYS D 200 18.30 8.75 -23.94
N SER D 201 19.33 7.96 -24.21
CA SER D 201 19.54 7.39 -25.54
C SER D 201 19.39 5.88 -25.49
N VAL D 202 18.63 5.32 -26.43
CA VAL D 202 18.36 3.89 -26.46
C VAL D 202 19.65 3.16 -26.87
N SER D 203 20.24 2.42 -25.92
CA SER D 203 21.40 1.58 -26.17
C SER D 203 21.02 0.12 -26.33
N ASP D 204 19.84 -0.26 -25.85
CA ASP D 204 19.37 -1.64 -25.86
C ASP D 204 17.86 -1.62 -26.06
N HIS D 205 17.34 -2.58 -26.79
CA HIS D 205 15.90 -2.74 -26.91
C HIS D 205 15.51 -3.97 -26.10
N LEU D 206 14.73 -3.77 -25.03
CA LEU D 206 14.36 -4.87 -24.16
C LEU D 206 13.33 -5.80 -24.82
N ILE D 207 12.64 -5.36 -25.86
CA ILE D 207 11.64 -6.22 -26.52
C ILE D 207 12.30 -7.00 -27.67
N THR D 208 12.72 -6.29 -28.73
CA THR D 208 13.31 -6.95 -29.89
C THR D 208 14.67 -7.57 -29.60
N LYS D 209 15.33 -7.17 -28.52
CA LYS D 209 16.62 -7.66 -28.01
C LYS D 209 17.82 -7.14 -28.79
N GLU D 210 17.64 -6.22 -29.72
CA GLU D 210 18.75 -5.58 -30.41
C GLU D 210 19.56 -4.73 -29.44
N ALA D 211 20.86 -4.58 -29.73
CA ALA D 211 21.75 -3.83 -28.86
C ALA D 211 22.86 -3.18 -29.67
N LEU D 212 23.36 -2.05 -29.16
CA LEU D 212 24.49 -1.39 -29.80
C LEU D 212 25.80 -2.15 -29.54
N SER D 213 26.74 -1.98 -30.47
CA SER D 213 28.04 -2.62 -30.36
C SER D 213 28.87 -1.92 -29.29
N PRO D 214 29.98 -2.53 -28.84
CA PRO D 214 30.88 -1.83 -27.90
C PRO D 214 31.37 -0.50 -28.45
N LYS D 215 31.73 -0.45 -29.74
CA LYS D 215 32.13 0.80 -30.36
C LYS D 215 30.99 1.81 -30.33
N GLU D 216 29.78 1.36 -30.63
CA GLU D 216 28.65 2.30 -30.71
C GLU D 216 28.35 2.92 -29.36
N ARG D 217 28.48 2.14 -28.28
CA ARG D 217 28.23 2.71 -26.96
C ARG D 217 29.22 3.83 -26.63
N VAL D 218 30.42 3.79 -27.21
CA VAL D 218 31.37 4.88 -27.00
C VAL D 218 31.03 6.08 -27.87
N GLU D 219 30.56 5.86 -29.10
CA GLU D 219 30.54 6.91 -30.11
C GLU D 219 29.16 7.38 -30.52
N SER D 220 28.09 6.61 -30.24
CA SER D 220 26.77 6.93 -30.74
C SER D 220 26.07 8.03 -29.95
N PHE D 221 26.50 8.32 -28.73
CA PHE D 221 25.76 9.25 -27.88
C PHE D 221 26.27 10.68 -27.97
N ASP D 222 27.12 11.00 -28.95
CA ASP D 222 27.62 12.36 -29.04
C ASP D 222 26.50 13.34 -29.37
N ASN D 223 25.52 12.91 -30.17
CA ASN D 223 24.43 13.81 -30.51
C ASN D 223 23.65 14.22 -29.26
N MET D 224 23.43 13.28 -28.34
CA MET D 224 22.76 13.62 -27.09
C MET D 224 23.62 14.55 -26.22
N ILE D 225 24.92 14.26 -26.15
CA ILE D 225 25.84 15.14 -25.42
C ILE D 225 25.81 16.54 -26.01
N ILE D 226 25.86 16.64 -27.33
CA ILE D 226 25.87 17.96 -27.98
C ILE D 226 24.56 18.70 -27.73
N LEU D 227 23.44 17.98 -27.82
CA LEU D 227 22.16 18.60 -27.50
C LEU D 227 22.17 19.18 -26.10
N ALA D 228 22.64 18.40 -25.12
CA ALA D 228 22.72 18.87 -23.74
C ALA D 228 23.58 20.11 -23.63
N LEU D 229 24.80 20.05 -24.15
CA LEU D 229 25.72 21.16 -24.00
C LEU D 229 25.18 22.40 -24.69
N GLU D 230 24.56 22.21 -25.85
CA GLU D 230 24.02 23.34 -26.60
C GLU D 230 22.84 23.99 -25.87
N MET D 231 22.01 23.20 -25.19
CA MET D 231 20.91 23.85 -24.49
C MET D 231 21.35 24.53 -23.19
N MET D 232 22.55 24.24 -22.71
CA MET D 232 23.15 25.04 -21.64
C MET D 232 23.84 26.30 -22.16
N SER D 233 23.74 26.58 -23.46
CA SER D 233 24.34 27.78 -24.04
C SER D 233 23.28 28.69 -24.65
N MET E 1 -26.39 27.35 0.10
CA MET E 1 -25.42 28.06 -0.72
CA MET E 1 -25.44 27.98 -0.83
C MET E 1 -24.04 27.43 -0.63
N THR E 2 -23.75 26.47 -1.48
CA THR E 2 -22.45 25.83 -1.53
C THR E 2 -21.95 26.03 -2.95
N PRO E 3 -20.72 25.60 -3.30
CA PRO E 3 -20.33 25.70 -4.71
C PRO E 3 -21.16 24.80 -5.62
N HIS E 4 -21.84 23.79 -5.08
CA HIS E 4 -22.50 22.78 -5.89
C HIS E 4 -24.01 22.71 -5.72
N ILE E 5 -24.58 23.45 -4.78
CA ILE E 5 -26.03 23.46 -4.56
C ILE E 5 -26.45 24.91 -4.34
N ASN E 6 -27.42 25.39 -5.13
CA ASN E 6 -27.91 26.76 -4.97
C ASN E 6 -29.31 26.81 -4.36
N ALA E 7 -29.68 25.75 -3.66
CA ALA E 7 -30.86 25.79 -2.80
C ALA E 7 -30.63 26.72 -1.62
N LYS E 8 -31.73 27.08 -0.97
CA LYS E 8 -31.72 27.86 0.26
C LYS E 8 -31.80 26.92 1.45
N ILE E 9 -31.15 27.33 2.54
CA ILE E 9 -31.26 26.55 3.78
C ILE E 9 -32.73 26.47 4.14
N GLY E 10 -33.23 25.24 4.27
CA GLY E 10 -34.63 25.01 4.52
C GLY E 10 -35.43 24.49 3.35
N ASP E 11 -34.80 24.33 2.18
CA ASP E 11 -35.51 23.78 1.03
C ASP E 11 -35.59 22.26 1.03
N PHE E 12 -34.68 21.59 1.74
CA PHE E 12 -34.67 20.13 1.76
C PHE E 12 -35.46 19.62 2.96
N TYR E 13 -36.35 18.67 2.70
CA TYR E 13 -36.90 17.88 3.79
C TYR E 13 -35.79 17.03 4.42
N PRO E 14 -35.97 16.59 5.66
CA PRO E 14 -34.91 15.77 6.29
C PRO E 14 -34.72 14.42 5.62
N GLN E 15 -35.64 14.00 4.76
CA GLN E 15 -35.55 12.73 4.04
C GLN E 15 -35.32 13.01 2.57
N CYS E 16 -34.27 12.41 2.00
CA CYS E 16 -33.89 12.72 0.63
C CYS E 16 -33.56 11.44 -0.13
N LEU E 17 -34.20 11.26 -1.27
CA LEU E 17 -33.79 10.24 -2.23
C LEU E 17 -32.67 10.80 -3.11
N LEU E 18 -31.73 9.92 -3.50
CA LEU E 18 -30.59 10.30 -4.32
C LEU E 18 -30.46 9.37 -5.53
N CYS E 19 -30.21 9.97 -6.70
CA CYS E 19 -29.79 9.27 -7.89
C CYS E 19 -28.54 9.93 -8.44
N GLY E 20 -27.72 9.15 -9.16
CA GLY E 20 -26.62 9.76 -9.88
C GLY E 20 -27.08 10.62 -11.03
N ASP E 21 -28.19 10.22 -11.68
CA ASP E 21 -28.70 10.88 -12.86
C ASP E 21 -29.74 11.91 -12.47
N PRO E 22 -29.49 13.20 -12.69
CA PRO E 22 -30.51 14.21 -12.33
C PRO E 22 -31.77 14.12 -13.17
N LEU E 23 -31.68 13.57 -14.38
CA LEU E 23 -32.88 13.40 -15.20
C LEU E 23 -33.77 12.28 -14.65
N ARG E 24 -33.22 11.32 -13.91
CA ARG E 24 -34.05 10.40 -13.16
C ARG E 24 -34.69 11.10 -11.95
N VAL E 25 -33.91 11.95 -11.28
CA VAL E 25 -34.46 12.82 -10.24
C VAL E 25 -35.62 13.65 -10.78
N SER E 26 -35.43 14.23 -11.96
CA SER E 26 -36.53 14.96 -12.58
C SER E 26 -37.72 14.05 -12.86
N TYR E 27 -37.46 12.85 -13.40
CA TYR E 27 -38.54 11.93 -13.73
C TYR E 27 -39.37 11.59 -12.50
N ILE E 28 -38.72 11.42 -11.36
CA ILE E 28 -39.43 11.07 -10.13
C ILE E 28 -40.29 12.22 -9.65
N ALA E 29 -39.75 13.44 -9.69
CA ALA E 29 -40.50 14.60 -9.23
C ALA E 29 -41.77 14.79 -10.06
N LYS E 30 -41.64 14.69 -11.38
CA LYS E 30 -42.78 14.94 -12.26
C LYS E 30 -43.83 13.84 -12.16
N LYS E 31 -43.42 12.60 -11.91
CA LYS E 31 -44.34 11.48 -11.97
C LYS E 31 -44.93 11.10 -10.61
N PHE E 32 -44.21 11.34 -9.52
CA PHE E 32 -44.61 10.79 -8.24
C PHE E 32 -44.85 11.80 -7.14
N LEU E 33 -44.46 13.05 -7.30
CA LEU E 33 -44.61 14.04 -6.25
C LEU E 33 -45.71 15.03 -6.59
N GLN E 34 -46.42 15.48 -5.56
CA GLN E 34 -47.36 16.60 -5.68
C GLN E 34 -46.65 17.88 -5.27
N ASP E 35 -46.99 18.98 -5.93
CA ASP E 35 -46.46 20.31 -5.61
C ASP E 35 -44.94 20.37 -5.71
N ALA E 36 -44.36 19.53 -6.58
CA ALA E 36 -42.91 19.43 -6.66
C ALA E 36 -42.29 20.73 -7.13
N LYS E 37 -41.11 21.04 -6.58
CA LYS E 37 -40.45 22.32 -6.78
C LYS E 37 -38.97 22.07 -7.04
N GLU E 38 -38.43 22.65 -8.12
CA GLU E 38 -36.99 22.56 -8.37
C GLU E 38 -36.25 23.52 -7.45
N ILE E 39 -35.38 22.98 -6.60
CA ILE E 39 -34.72 23.78 -5.57
C ILE E 39 -33.24 24.00 -5.85
N THR E 40 -32.62 23.24 -6.76
CA THR E 40 -31.22 23.45 -7.07
C THR E 40 -30.94 22.98 -8.49
N ASN E 41 -29.99 23.66 -9.15
CA ASN E 41 -29.67 23.32 -10.53
C ASN E 41 -28.23 23.60 -10.93
N VAL E 42 -27.31 23.81 -9.98
CA VAL E 42 -25.92 24.05 -10.32
C VAL E 42 -25.38 22.86 -11.11
N ARG E 43 -24.65 23.16 -12.19
CA ARG E 43 -24.05 22.16 -13.07
C ARG E 43 -25.09 21.18 -13.62
N ASN E 44 -26.33 21.63 -13.76
CA ASN E 44 -27.45 20.81 -14.21
C ASN E 44 -27.74 19.65 -13.28
N MET E 45 -27.23 19.67 -12.05
CA MET E 45 -27.47 18.58 -11.10
C MET E 45 -28.70 18.97 -10.27
N LEU E 46 -29.86 18.50 -10.74
CA LEU E 46 -31.14 19.01 -10.25
C LEU E 46 -31.51 18.40 -8.91
N GLY E 47 -32.23 19.17 -8.11
CA GLY E 47 -32.85 18.64 -6.91
C GLY E 47 -34.24 19.24 -6.76
N PHE E 48 -35.09 18.50 -6.06
CA PHE E 48 -36.51 18.83 -5.96
C PHE E 48 -37.00 18.56 -4.54
N SER E 49 -38.03 19.32 -4.14
CA SER E 49 -38.80 19.04 -2.94
C SER E 49 -40.28 18.99 -3.30
N GLY E 50 -41.01 18.13 -2.61
CA GLY E 50 -42.44 18.05 -2.78
C GLY E 50 -43.03 17.04 -1.83
N LYS E 51 -44.29 16.68 -2.06
CA LYS E 51 -45.01 15.74 -1.21
C LYS E 51 -45.33 14.45 -1.95
N TYR E 52 -45.22 13.34 -1.23
CA TYR E 52 -45.68 12.03 -1.68
C TYR E 52 -46.69 11.54 -0.67
N LYS E 53 -47.96 11.49 -1.07
CA LYS E 53 -49.06 11.09 -0.19
C LYS E 53 -49.10 11.97 1.06
N GLY E 54 -49.02 13.29 0.83
CA GLY E 54 -49.09 14.26 1.89
C GLY E 54 -47.80 14.56 2.62
N ARG E 55 -46.77 13.74 2.45
CA ARG E 55 -45.55 13.84 3.25
C ARG E 55 -44.41 14.44 2.43
N GLY E 56 -43.65 15.33 3.06
CA GLY E 56 -42.55 15.98 2.37
C GLY E 56 -41.42 15.02 2.09
N ILE E 57 -40.78 15.21 0.93
CA ILE E 57 -39.63 14.40 0.55
C ILE E 57 -38.81 15.20 -0.44
N SER E 58 -37.49 15.02 -0.39
CA SER E 58 -36.60 15.69 -1.31
C SER E 58 -35.94 14.66 -2.23
N LEU E 59 -35.44 15.17 -3.36
CA LEU E 59 -34.75 14.37 -4.36
C LEU E 59 -33.52 15.14 -4.80
N MET E 60 -32.40 14.44 -4.99
CA MET E 60 -31.19 15.14 -5.34
C MET E 60 -30.29 14.25 -6.20
N GLY E 61 -29.69 14.83 -7.23
CA GLY E 61 -28.71 14.11 -8.02
C GLY E 61 -27.32 14.20 -7.39
N HIS E 62 -26.51 13.14 -7.60
CA HIS E 62 -25.17 13.14 -7.02
C HIS E 62 -24.06 12.86 -8.03
N GLY E 63 -24.34 12.83 -9.33
CA GLY E 63 -23.31 12.52 -10.34
C GLY E 63 -22.75 11.11 -10.18
N MET E 64 -21.69 10.83 -10.94
CA MET E 64 -21.13 9.48 -11.04
C MET E 64 -19.77 9.40 -10.34
N GLY E 65 -19.59 8.38 -9.52
CA GLY E 65 -18.29 8.20 -8.90
C GLY E 65 -18.27 8.70 -7.46
N ILE E 66 -17.43 8.04 -6.64
CA ILE E 66 -17.39 8.34 -5.20
C ILE E 66 -17.10 9.80 -4.94
N ALA E 67 -16.18 10.40 -5.70
CA ALA E 67 -15.77 11.77 -5.41
C ALA E 67 -16.91 12.75 -5.64
N SER E 68 -17.68 12.56 -6.71
CA SER E 68 -18.87 13.37 -6.96
C SER E 68 -19.91 13.15 -5.87
N CYS E 69 -20.23 11.89 -5.57
CA CYS E 69 -21.24 11.59 -4.57
C CYS E 69 -20.90 12.25 -3.24
N THR E 70 -19.63 12.13 -2.82
CA THR E 70 -19.18 12.64 -1.54
C THR E 70 -19.38 14.15 -1.42
N ILE E 71 -19.17 14.89 -2.52
CA ILE E 71 -19.42 16.34 -2.52
C ILE E 71 -20.87 16.63 -2.19
N TYR E 72 -21.79 16.07 -2.97
CA TYR E 72 -23.21 16.37 -2.76
C TYR E 72 -23.69 15.89 -1.41
N VAL E 73 -23.30 14.67 -1.00
CA VAL E 73 -23.77 14.13 0.27
C VAL E 73 -23.23 14.95 1.44
N THR E 74 -21.94 15.31 1.40
CA THR E 74 -21.37 16.17 2.44
C THR E 74 -22.18 17.45 2.60
N GLU E 75 -22.54 18.07 1.47
CA GLU E 75 -23.27 19.33 1.54
C GLU E 75 -24.72 19.13 2.00
N LEU E 76 -25.38 18.06 1.55
CA LEU E 76 -26.74 17.79 1.99
C LEU E 76 -26.80 17.61 3.51
N ILE E 77 -25.79 16.95 4.09
CA ILE E 77 -25.77 16.70 5.52
C ILE E 77 -25.37 17.96 6.30
N LYS E 78 -24.27 18.60 5.90
CA LYS E 78 -23.67 19.61 6.75
C LYS E 78 -24.36 20.96 6.61
N THR E 79 -24.85 21.28 5.43
CA THR E 79 -25.46 22.55 5.13
C THR E 79 -26.98 22.52 5.19
N TYR E 80 -27.60 21.47 4.66
CA TYR E 80 -29.04 21.42 4.48
C TYR E 80 -29.75 20.49 5.46
N GLN E 81 -29.02 19.98 6.46
CA GLN E 81 -29.57 19.25 7.60
C GLN E 81 -30.32 17.99 7.21
N VAL E 82 -29.98 17.40 6.06
CA VAL E 82 -30.57 16.14 5.66
C VAL E 82 -30.15 15.04 6.62
N LYS E 83 -31.12 14.26 7.10
CA LYS E 83 -30.89 13.22 8.09
C LYS E 83 -30.93 11.82 7.53
N GLU E 84 -31.74 11.59 6.51
CA GLU E 84 -31.94 10.27 5.94
C GLU E 84 -31.71 10.37 4.44
N LEU E 85 -30.76 9.62 3.92
CA LEU E 85 -30.37 9.66 2.52
C LEU E 85 -30.49 8.25 1.97
N LEU E 86 -31.37 8.08 0.98
CA LEU E 86 -31.59 6.80 0.33
C LEU E 86 -31.21 6.93 -1.13
N ARG E 87 -30.14 6.25 -1.53
CA ARG E 87 -29.75 6.18 -2.91
C ARG E 87 -30.57 5.13 -3.63
N ILE E 88 -31.07 5.46 -4.82
CA ILE E 88 -31.80 4.52 -5.67
C ILE E 88 -31.15 4.62 -7.05
N GLY E 89 -30.11 3.83 -7.27
CA GLY E 89 -29.29 3.96 -8.43
C GLY E 89 -29.39 2.77 -9.35
N THR E 90 -28.37 2.59 -10.15
CA THR E 90 -28.29 1.44 -11.04
C THR E 90 -26.97 0.72 -10.78
N CYS E 91 -26.85 -0.48 -11.33
CA CYS E 91 -25.66 -1.28 -11.11
C CYS E 91 -25.55 -2.32 -12.22
N GLY E 92 -24.37 -2.92 -12.31
CA GLY E 92 -24.12 -4.04 -13.21
C GLY E 92 -23.96 -5.32 -12.45
N ALA E 93 -24.81 -6.31 -12.74
CA ALA E 93 -24.78 -7.55 -11.99
C ALA E 93 -23.55 -8.38 -12.35
N ILE E 94 -22.95 -9.01 -11.34
CA ILE E 94 -21.87 -9.96 -11.57
C ILE E 94 -22.17 -11.32 -10.98
N SER E 95 -23.32 -11.48 -10.30
CA SER E 95 -23.69 -12.73 -9.64
C SER E 95 -24.89 -13.37 -10.33
N PRO E 96 -24.91 -14.69 -10.47
CA PRO E 96 -26.09 -15.35 -11.06
C PRO E 96 -27.36 -15.23 -10.24
N LYS E 97 -27.25 -14.84 -8.96
CA LYS E 97 -28.42 -14.72 -8.09
C LYS E 97 -29.33 -13.55 -8.44
N VAL E 98 -28.99 -12.73 -9.44
CA VAL E 98 -29.81 -11.60 -9.84
C VAL E 98 -29.82 -11.51 -11.36
N GLY E 99 -30.81 -10.78 -11.88
CA GLY E 99 -30.91 -10.53 -13.29
C GLY E 99 -31.27 -9.08 -13.56
N LEU E 100 -31.46 -8.75 -14.83
CA LEU E 100 -31.87 -7.41 -15.22
C LEU E 100 -33.08 -6.96 -14.43
N LYS E 101 -33.03 -5.71 -13.98
CA LYS E 101 -34.09 -4.98 -13.29
C LYS E 101 -34.37 -5.48 -11.88
N ASP E 102 -33.63 -6.48 -11.39
CA ASP E 102 -33.72 -6.80 -9.97
C ASP E 102 -33.30 -5.60 -9.13
N ILE E 103 -33.86 -5.51 -7.92
CA ILE E 103 -33.51 -4.47 -6.97
C ILE E 103 -32.60 -5.07 -5.91
N ILE E 104 -31.46 -4.42 -5.64
CA ILE E 104 -30.46 -4.91 -4.71
C ILE E 104 -30.35 -3.91 -3.56
N MET E 105 -30.40 -4.41 -2.33
CA MET E 105 -30.08 -3.61 -1.16
C MET E 105 -28.65 -3.95 -0.72
N ALA E 106 -27.79 -2.94 -0.67
CA ALA E 106 -26.37 -3.13 -0.37
C ALA E 106 -26.15 -3.10 1.13
N THR E 107 -25.95 -4.26 1.73
CA THR E 107 -25.64 -4.27 3.16
C THR E 107 -24.18 -3.98 3.43
N GLY E 108 -23.37 -3.88 2.38
CA GLY E 108 -22.00 -3.41 2.49
C GLY E 108 -21.58 -2.96 1.12
N ALA E 109 -20.56 -2.10 1.07
CA ALA E 109 -20.06 -1.58 -0.20
C ALA E 109 -18.54 -1.67 -0.17
N SER E 110 -18.00 -2.72 -0.78
CA SER E 110 -16.56 -2.85 -1.00
C SER E 110 -16.13 -1.81 -2.03
N THR E 111 -14.82 -1.57 -2.12
CA THR E 111 -14.38 -0.57 -3.11
C THR E 111 -12.93 -0.80 -3.51
N ASP E 112 -12.59 -0.33 -4.72
CA ASP E 112 -11.20 -0.19 -5.16
C ASP E 112 -10.69 1.25 -5.03
N SER E 113 -11.49 2.12 -4.41
CA SER E 113 -11.10 3.50 -4.16
C SER E 113 -10.05 3.54 -3.04
N LYS E 114 -9.29 4.64 -2.99
CA LYS E 114 -8.43 4.87 -1.84
C LYS E 114 -9.10 5.80 -0.81
N THR E 115 -10.32 6.28 -1.09
CA THR E 115 -10.90 7.32 -0.24
C THR E 115 -11.09 6.85 1.20
N ASN E 116 -11.47 5.59 1.40
CA ASN E 116 -11.73 5.17 2.78
C ASN E 116 -10.46 4.89 3.56
N ARG E 117 -9.39 4.46 2.88
CA ARG E 117 -8.09 4.38 3.54
C ARG E 117 -7.59 5.76 3.96
N VAL E 118 -7.82 6.78 3.12
CA VAL E 118 -7.44 8.13 3.49
C VAL E 118 -8.24 8.60 4.70
N ARG E 119 -9.55 8.29 4.73
CA ARG E 119 -10.39 8.69 5.85
C ARG E 119 -10.03 7.95 7.14
N PHE E 120 -9.52 6.74 7.04
CA PHE E 120 -9.62 5.79 8.12
C PHE E 120 -8.28 5.07 8.32
N LEU E 121 -7.25 5.85 8.59
CA LEU E 121 -6.02 5.36 9.19
C LEU E 121 -5.26 4.41 8.29
N ASN E 122 -5.55 4.44 6.99
CA ASN E 122 -5.00 3.48 6.02
CA ASN E 122 -5.06 3.49 5.99
C ASN E 122 -5.39 2.05 6.33
N HIS E 123 -6.40 1.83 7.16
CA HIS E 123 -6.94 0.53 7.47
C HIS E 123 -8.14 0.23 6.56
N ASP E 124 -8.89 -0.83 6.90
CA ASP E 124 -10.05 -1.29 6.12
C ASP E 124 -11.32 -0.80 6.81
N LEU E 125 -11.97 0.20 6.24
CA LEU E 125 -13.28 0.63 6.71
C LEU E 125 -14.36 -0.18 6.05
N SER E 126 -15.15 -0.92 6.83
CA SER E 126 -16.29 -1.65 6.30
CA SER E 126 -16.29 -1.64 6.27
C SER E 126 -17.44 -0.65 6.11
N ALA E 127 -17.60 -0.14 4.88
CA ALA E 127 -18.63 0.85 4.62
C ALA E 127 -19.99 0.17 4.64
N THR E 128 -20.89 0.62 5.51
CA THR E 128 -22.16 -0.06 5.77
C THR E 128 -23.29 0.93 5.84
N PRO E 129 -24.51 0.50 5.54
CA PRO E 129 -25.69 1.36 5.74
C PRO E 129 -26.16 1.38 7.19
N ASP E 130 -26.99 2.38 7.49
CA ASP E 130 -27.69 2.42 8.77
C ASP E 130 -28.66 1.24 8.87
N PHE E 131 -28.61 0.52 10.00
CA PHE E 131 -29.36 -0.73 10.08
C PHE E 131 -30.87 -0.47 10.08
N GLU E 132 -31.32 0.61 10.71
CA GLU E 132 -32.76 0.84 10.79
C GLU E 132 -33.33 1.13 9.41
N LEU E 133 -32.61 1.88 8.57
CA LEU E 133 -33.07 2.08 7.20
C LEU E 133 -33.12 0.76 6.44
N SER E 134 -32.08 -0.06 6.62
CA SER E 134 -32.06 -1.35 5.92
C SER E 134 -33.23 -2.23 6.38
N LEU E 135 -33.56 -2.18 7.67
CA LEU E 135 -34.74 -2.87 8.17
C LEU E 135 -36.02 -2.32 7.54
N ARG E 136 -36.11 -0.99 7.46
CA ARG E 136 -37.24 -0.34 6.83
C ARG E 136 -37.46 -0.84 5.41
N ALA E 137 -36.37 -0.94 4.63
CA ALA E 137 -36.48 -1.35 3.22
C ALA E 137 -36.94 -2.79 3.08
N TYR E 138 -36.40 -3.69 3.90
CA TYR E 138 -36.81 -5.09 3.83
C TYR E 138 -38.30 -5.23 4.14
N GLN E 139 -38.76 -4.56 5.20
CA GLN E 139 -40.17 -4.65 5.59
C GLN E 139 -41.08 -4.05 4.54
N THR E 140 -40.69 -2.91 3.97
CA THR E 140 -41.51 -2.26 2.95
C THR E 140 -41.54 -3.07 1.66
N ALA E 141 -40.40 -3.61 1.24
CA ALA E 141 -40.37 -4.49 0.07
C ALA E 141 -41.32 -5.67 0.25
N LYS E 142 -41.28 -6.30 1.43
CA LYS E 142 -42.20 -7.40 1.74
C LYS E 142 -43.65 -6.92 1.71
N ARG E 143 -43.92 -5.77 2.32
CA ARG E 143 -45.26 -5.21 2.37
C ARG E 143 -45.80 -4.88 0.98
N LEU E 144 -44.92 -4.49 0.06
CA LEU E 144 -45.31 -4.16 -1.30
C LEU E 144 -45.23 -5.34 -2.26
N GLY E 145 -44.81 -6.51 -1.78
CA GLY E 145 -44.63 -7.63 -2.66
C GLY E 145 -43.49 -7.46 -3.65
N ILE E 146 -42.58 -6.52 -3.40
CA ILE E 146 -41.43 -6.31 -4.28
C ILE E 146 -40.32 -7.27 -3.89
N ASP E 147 -39.81 -8.01 -4.87
CA ASP E 147 -38.69 -8.90 -4.62
C ASP E 147 -37.43 -8.08 -4.46
N LEU E 148 -36.75 -8.24 -3.33
CA LEU E 148 -35.57 -7.46 -2.99
C LEU E 148 -34.42 -8.42 -2.78
N LYS E 149 -33.35 -8.22 -3.53
CA LYS E 149 -32.12 -8.98 -3.33
C LYS E 149 -31.26 -8.22 -2.32
N VAL E 150 -30.50 -8.97 -1.51
CA VAL E 150 -29.74 -8.38 -0.43
C VAL E 150 -28.32 -8.96 -0.44
N GLY E 151 -27.33 -8.08 -0.46
CA GLY E 151 -25.96 -8.52 -0.39
C GLY E 151 -25.03 -7.33 -0.41
N ASN E 152 -23.74 -7.59 -0.64
CA ASN E 152 -22.81 -6.50 -0.85
C ASN E 152 -22.88 -6.01 -2.29
N VAL E 153 -22.44 -4.77 -2.50
CA VAL E 153 -22.06 -4.30 -3.82
C VAL E 153 -20.58 -3.92 -3.79
N PHE E 154 -19.99 -3.79 -4.97
CA PHE E 154 -18.61 -3.34 -5.11
C PHE E 154 -18.66 -1.98 -5.79
N SER E 155 -18.24 -0.93 -5.06
CA SER E 155 -18.20 0.43 -5.60
C SER E 155 -16.84 0.67 -6.23
N SER E 156 -16.81 0.88 -7.53
CA SER E 156 -15.55 1.01 -8.25
C SER E 156 -15.38 2.42 -8.79
N ASP E 157 -14.10 2.83 -8.91
CA ASP E 157 -13.73 4.03 -9.63
C ASP E 157 -13.82 3.85 -11.15
N PHE E 158 -14.15 2.65 -11.63
CA PHE E 158 -14.10 2.32 -13.05
C PHE E 158 -15.46 1.81 -13.53
N PHE E 159 -16.03 2.50 -14.52
CA PHE E 159 -17.14 1.87 -15.23
C PHE E 159 -16.61 0.81 -16.17
N TYR E 160 -15.57 1.15 -16.91
CA TYR E 160 -14.88 0.25 -17.82
C TYR E 160 -13.72 -0.37 -17.05
N SER E 161 -13.93 -1.57 -16.53
CA SER E 161 -13.03 -2.17 -15.57
C SER E 161 -11.76 -2.69 -16.22
N PHE E 162 -10.66 -2.66 -15.47
CA PHE E 162 -9.42 -3.32 -15.90
C PHE E 162 -9.23 -4.68 -15.21
N GLU E 163 -10.20 -5.11 -14.41
CA GLU E 163 -10.11 -6.31 -13.58
C GLU E 163 -11.31 -7.21 -13.78
N THR E 164 -11.75 -7.37 -15.03
CA THR E 164 -12.92 -8.21 -15.29
C THR E 164 -12.67 -9.67 -14.95
N HIS E 165 -11.42 -10.11 -14.95
CA HIS E 165 -11.06 -11.44 -14.45
C HIS E 165 -11.37 -11.61 -12.96
N ALA E 166 -11.69 -10.54 -12.24
CA ALA E 166 -11.91 -10.62 -10.81
C ALA E 166 -13.38 -10.65 -10.43
N PHE E 167 -14.27 -10.58 -11.43
CA PHE E 167 -15.69 -10.49 -11.12
C PHE E 167 -16.20 -11.74 -10.43
N ASP E 168 -15.71 -12.92 -10.84
CA ASP E 168 -16.18 -14.15 -10.20
C ASP E 168 -15.73 -14.21 -8.73
N LEU E 169 -14.51 -13.74 -8.44
CA LEU E 169 -14.11 -13.68 -7.05
C LEU E 169 -15.02 -12.73 -6.25
N MET E 170 -15.38 -11.59 -6.85
CA MET E 170 -16.27 -10.65 -6.18
C MET E 170 -17.62 -11.30 -5.91
N ALA E 171 -18.19 -11.94 -6.94
CA ALA E 171 -19.47 -12.62 -6.78
C ALA E 171 -19.38 -13.73 -5.75
N LYS E 172 -18.26 -14.43 -5.71
CA LYS E 172 -18.05 -15.49 -4.72
C LYS E 172 -18.16 -14.94 -3.30
N TYR E 173 -17.59 -13.76 -3.07
CA TYR E 173 -17.64 -13.10 -1.78
C TYR E 173 -18.91 -12.27 -1.57
N ASN E 174 -20.01 -12.68 -2.20
CA ASN E 174 -21.35 -12.12 -1.97
C ASN E 174 -21.49 -10.69 -2.47
N HIS E 175 -20.77 -10.33 -3.52
CA HIS E 175 -20.98 -9.05 -4.19
C HIS E 175 -21.91 -9.32 -5.36
N LEU E 176 -23.10 -8.73 -5.31
CA LEU E 176 -24.10 -9.04 -6.32
C LEU E 176 -23.97 -8.17 -7.55
N ALA E 177 -23.36 -7.00 -7.42
CA ALA E 177 -23.31 -6.10 -8.55
C ALA E 177 -22.22 -5.06 -8.29
N ILE E 178 -21.89 -4.33 -9.35
CA ILE E 178 -20.91 -3.26 -9.31
C ILE E 178 -21.63 -1.95 -9.58
N GLU E 179 -21.41 -0.96 -8.72
CA GLU E 179 -21.81 0.42 -9.02
C GLU E 179 -20.64 1.31 -8.58
N MET E 180 -20.86 2.63 -8.47
CA MET E 180 -19.71 3.52 -8.32
C MET E 180 -19.87 4.59 -7.24
N GLU E 181 -20.85 4.46 -6.35
CA GLU E 181 -21.03 5.50 -5.33
C GLU E 181 -21.30 4.99 -3.93
N ALA E 182 -21.79 3.77 -3.73
CA ALA E 182 -22.32 3.39 -2.42
C ALA E 182 -21.26 3.46 -1.34
N ALA E 183 -20.02 3.07 -1.64
CA ALA E 183 -18.96 3.15 -0.64
C ALA E 183 -18.78 4.58 -0.16
N GLY E 184 -18.91 5.55 -1.06
CA GLY E 184 -18.70 6.94 -0.67
C GLY E 184 -19.90 7.51 0.06
N LEU E 185 -21.11 7.16 -0.41
CA LEU E 185 -22.31 7.49 0.36
C LEU E 185 -22.22 6.94 1.78
N TYR E 186 -21.89 5.64 1.92
CA TYR E 186 -21.84 5.04 3.26
C TYR E 186 -20.78 5.69 4.13
N ALA E 187 -19.56 5.86 3.61
CA ALA E 187 -18.49 6.40 4.45
C ALA E 187 -18.76 7.86 4.82
N THR E 188 -19.33 8.64 3.90
CA THR E 188 -19.65 10.03 4.22
C THR E 188 -20.71 10.10 5.32
N ALA E 189 -21.74 9.25 5.24
CA ALA E 189 -22.77 9.26 6.26
C ALA E 189 -22.27 8.70 7.59
N MET E 190 -21.32 7.77 7.57
CA MET E 190 -20.65 7.39 8.83
C MET E 190 -19.86 8.55 9.41
N GLU E 191 -19.09 9.23 8.57
CA GLU E 191 -18.32 10.39 9.02
C GLU E 191 -19.22 11.40 9.71
N LEU E 192 -20.40 11.66 9.13
CA LEU E 192 -21.23 12.77 9.55
C LEU E 192 -22.45 12.36 10.37
N ASN E 193 -22.49 11.12 10.85
CA ASN E 193 -23.54 10.67 11.79
C ASN E 193 -24.93 10.80 11.18
N ALA E 194 -25.07 10.41 9.92
CA ALA E 194 -26.35 10.42 9.21
C ALA E 194 -26.76 9.00 8.87
N LYS E 195 -28.03 8.85 8.46
CA LYS E 195 -28.58 7.55 8.08
C LYS E 195 -28.59 7.42 6.57
N ALA E 196 -27.87 6.43 6.03
CA ALA E 196 -27.82 6.23 4.59
C ALA E 196 -28.11 4.79 4.23
N LEU E 197 -28.66 4.60 3.03
CA LEU E 197 -28.88 3.27 2.46
C LEU E 197 -28.82 3.39 0.95
N CYS E 198 -28.36 2.32 0.31
CA CYS E 198 -28.26 2.25 -1.15
C CYS E 198 -29.10 1.09 -1.64
N LEU E 199 -30.04 1.40 -2.53
CA LEU E 199 -30.72 0.45 -3.38
C LEU E 199 -30.30 0.74 -4.81
N CYS E 200 -30.11 -0.31 -5.61
CA CYS E 200 -29.77 -0.15 -7.02
CA CYS E 200 -29.80 -0.12 -7.02
C CYS E 200 -30.49 -1.19 -7.84
N SER E 201 -31.00 -0.79 -9.01
CA SER E 201 -31.61 -1.73 -9.93
C SER E 201 -30.60 -2.11 -11.01
N VAL E 202 -30.59 -3.39 -11.36
CA VAL E 202 -29.64 -3.93 -12.33
C VAL E 202 -29.99 -3.38 -13.72
N SER E 203 -29.10 -2.57 -14.28
CA SER E 203 -29.26 -2.02 -15.62
C SER E 203 -28.34 -2.67 -16.65
N ASP E 204 -27.26 -3.29 -16.21
CA ASP E 204 -26.35 -4.04 -17.06
C ASP E 204 -26.13 -5.40 -16.42
N HIS E 205 -26.00 -6.45 -17.24
CA HIS E 205 -25.66 -7.77 -16.71
C HIS E 205 -24.31 -8.18 -17.28
N LEU E 206 -23.28 -8.05 -16.45
CA LEU E 206 -21.89 -8.07 -16.92
C LEU E 206 -21.43 -9.46 -17.33
N ILE E 207 -22.22 -10.49 -17.10
CA ILE E 207 -21.77 -11.85 -17.39
C ILE E 207 -22.49 -12.38 -18.63
N THR E 208 -23.67 -11.84 -18.92
CA THR E 208 -24.40 -12.20 -20.13
C THR E 208 -24.41 -11.09 -21.18
N LYS E 209 -24.16 -9.83 -20.76
CA LYS E 209 -23.79 -8.65 -21.55
C LYS E 209 -24.97 -7.76 -21.95
N GLU E 210 -26.09 -7.83 -21.26
CA GLU E 210 -27.18 -6.91 -21.55
C GLU E 210 -26.87 -5.51 -21.01
N ALA E 211 -27.45 -4.51 -21.66
CA ALA E 211 -27.32 -3.13 -21.25
C ALA E 211 -28.56 -2.37 -21.69
N LEU E 212 -29.33 -1.86 -20.73
CA LEU E 212 -30.46 -1.01 -21.06
C LEU E 212 -29.97 0.28 -21.70
N SER E 213 -30.89 0.99 -22.34
CA SER E 213 -30.58 2.25 -22.99
C SER E 213 -30.60 3.39 -21.98
N PRO E 214 -30.03 4.55 -22.34
CA PRO E 214 -30.14 5.72 -21.44
C PRO E 214 -31.57 6.09 -21.09
N LYS E 215 -32.46 6.07 -22.07
CA LYS E 215 -33.88 6.27 -21.79
C LYS E 215 -34.37 5.25 -20.77
N GLU E 216 -33.99 3.99 -20.95
CA GLU E 216 -34.49 2.92 -20.09
C GLU E 216 -33.97 3.03 -18.66
N ARG E 217 -32.78 3.59 -18.48
CA ARG E 217 -32.24 3.69 -17.12
C ARG E 217 -32.96 4.74 -16.29
N VAL E 218 -33.77 5.59 -16.92
CA VAL E 218 -34.57 6.58 -16.20
C VAL E 218 -35.99 6.08 -15.89
N GLU E 219 -36.58 5.27 -16.77
CA GLU E 219 -38.02 5.02 -16.73
C GLU E 219 -38.42 3.61 -16.31
N SER E 220 -37.50 2.64 -16.25
CA SER E 220 -37.87 1.24 -16.07
C SER E 220 -37.86 0.79 -14.61
N PHE E 221 -37.61 1.68 -13.67
CA PHE E 221 -37.35 1.31 -12.29
C PHE E 221 -38.36 1.93 -11.34
N ASP E 222 -39.64 1.95 -11.73
CA ASP E 222 -40.65 2.54 -10.87
C ASP E 222 -40.83 1.77 -9.56
N ASN E 223 -40.65 0.44 -9.58
CA ASN E 223 -40.79 -0.34 -8.35
C ASN E 223 -39.73 0.06 -7.32
N MET E 224 -38.50 0.30 -7.77
CA MET E 224 -37.47 0.80 -6.85
C MET E 224 -37.86 2.17 -6.31
N ILE E 225 -38.43 3.01 -7.17
CA ILE E 225 -38.82 4.36 -6.77
C ILE E 225 -39.95 4.30 -5.76
N ILE E 226 -41.02 3.57 -6.08
CA ILE E 226 -42.13 3.45 -5.14
C ILE E 226 -41.67 2.83 -3.83
N LEU E 227 -40.76 1.85 -3.90
CA LEU E 227 -40.21 1.29 -2.67
C LEU E 227 -39.54 2.36 -1.82
N ALA E 228 -38.73 3.21 -2.46
CA ALA E 228 -38.03 4.28 -1.75
C ALA E 228 -39.00 5.31 -1.17
N LEU E 229 -39.97 5.74 -1.96
CA LEU E 229 -40.93 6.72 -1.46
C LEU E 229 -41.74 6.13 -0.31
N GLU E 230 -42.07 4.84 -0.38
CA GLU E 230 -42.86 4.23 0.68
C GLU E 230 -42.08 4.11 1.98
N MET E 231 -40.79 3.76 1.91
CA MET E 231 -40.07 3.64 3.17
C MET E 231 -39.77 5.01 3.79
N MET E 232 -39.97 6.10 3.07
CA MET E 232 -39.84 7.43 3.66
C MET E 232 -41.18 7.99 4.16
N SER E 233 -42.22 7.16 4.22
CA SER E 233 -43.54 7.62 4.66
C SER E 233 -44.03 6.83 5.87
N MET F 1 -2.55 -9.06 37.64
CA MET F 1 -2.96 -10.04 36.65
C MET F 1 -3.41 -9.38 35.35
N THR F 2 -3.92 -10.18 34.40
CA THR F 2 -4.37 -9.71 33.09
C THR F 2 -5.66 -10.40 32.66
N PRO F 3 -6.29 -9.98 31.57
CA PRO F 3 -7.47 -10.73 31.09
C PRO F 3 -7.14 -12.14 30.63
N HIS F 4 -5.87 -12.45 30.37
CA HIS F 4 -5.49 -13.68 29.68
C HIS F 4 -4.59 -14.60 30.48
N ILE F 5 -4.08 -14.15 31.63
CA ILE F 5 -3.19 -14.94 32.48
C ILE F 5 -3.59 -14.66 33.92
N ASN F 6 -3.78 -15.72 34.71
CA ASN F 6 -4.17 -15.52 36.10
C ASN F 6 -3.12 -16.03 37.07
N ALA F 7 -1.85 -16.00 36.66
CA ALA F 7 -0.76 -16.34 37.58
C ALA F 7 -0.44 -15.17 38.48
N LYS F 8 0.03 -15.48 39.68
CA LYS F 8 0.52 -14.42 40.55
C LYS F 8 1.78 -13.82 39.96
N ILE F 9 1.95 -12.51 40.18
CA ILE F 9 3.21 -11.88 39.82
C ILE F 9 4.33 -12.63 40.52
N GLY F 10 5.38 -12.95 39.77
CA GLY F 10 6.46 -13.75 40.30
C GLY F 10 6.33 -15.25 40.12
N ASP F 11 5.19 -15.75 39.63
CA ASP F 11 5.09 -17.19 39.44
C ASP F 11 5.91 -17.65 38.23
N PHE F 12 6.16 -16.77 37.27
CA PHE F 12 6.91 -17.13 36.07
C PHE F 12 8.40 -16.97 36.33
N TYR F 13 9.18 -17.97 35.95
CA TYR F 13 10.63 -17.83 35.89
C TYR F 13 11.01 -16.91 34.73
N PRO F 14 12.21 -16.31 34.78
CA PRO F 14 12.59 -15.39 33.68
C PRO F 14 12.86 -16.07 32.35
N GLN F 15 13.03 -17.39 32.32
CA GLN F 15 13.14 -18.12 31.07
C GLN F 15 11.87 -18.93 30.85
N CYS F 16 11.27 -18.79 29.67
CA CYS F 16 9.99 -19.42 29.38
C CYS F 16 9.97 -20.06 28.00
N LEU F 17 9.54 -21.32 27.93
CA LEU F 17 9.28 -21.97 26.66
C LEU F 17 7.84 -21.72 26.22
N LEU F 18 7.63 -21.58 24.91
CA LEU F 18 6.31 -21.29 24.36
C LEU F 18 5.93 -22.34 23.31
N CYS F 19 4.68 -22.80 23.35
CA CYS F 19 4.06 -23.52 22.24
C CYS F 19 2.67 -22.94 22.00
N GLY F 20 2.17 -23.09 20.78
CA GLY F 20 0.80 -22.66 20.51
C GLY F 20 -0.22 -23.55 21.18
N ASP F 21 0.03 -24.85 21.22
CA ASP F 21 -0.90 -25.81 21.78
C ASP F 21 -0.72 -25.91 23.29
N PRO F 22 -1.71 -25.56 24.10
CA PRO F 22 -1.54 -25.70 25.57
C PRO F 22 -1.42 -27.14 26.04
N LEU F 23 -1.88 -28.11 25.25
CA LEU F 23 -1.69 -29.50 25.60
C LEU F 23 -0.25 -29.96 25.37
N ARG F 24 0.47 -29.39 24.41
CA ARG F 24 1.90 -29.71 24.33
C ARG F 24 2.62 -29.11 25.53
N VAL F 25 2.17 -27.94 25.98
CA VAL F 25 2.70 -27.35 27.21
C VAL F 25 2.52 -28.30 28.38
N SER F 26 1.32 -28.88 28.53
CA SER F 26 1.05 -29.79 29.64
C SER F 26 1.88 -31.06 29.52
N TYR F 27 2.03 -31.58 28.29
CA TYR F 27 2.85 -32.76 28.05
C TYR F 27 4.29 -32.55 28.52
N ILE F 28 4.88 -31.41 28.15
CA ILE F 28 6.26 -31.12 28.55
C ILE F 28 6.37 -31.07 30.08
N ALA F 29 5.42 -30.38 30.73
CA ALA F 29 5.47 -30.20 32.17
C ALA F 29 5.48 -31.54 32.90
N LYS F 30 4.61 -32.46 32.46
CA LYS F 30 4.49 -33.76 33.11
C LYS F 30 5.69 -34.64 32.81
N LYS F 31 6.18 -34.61 31.57
CA LYS F 31 7.22 -35.56 31.17
C LYS F 31 8.64 -35.12 31.50
N PHE F 32 8.93 -33.83 31.49
CA PHE F 32 10.32 -33.36 31.55
C PHE F 32 10.65 -32.48 32.76
N LEU F 33 9.66 -31.94 33.45
CA LEU F 33 9.94 -31.04 34.58
C LEU F 33 9.75 -31.76 35.91
N GLN F 34 10.54 -31.36 36.90
CA GLN F 34 10.33 -31.79 38.27
C GLN F 34 9.52 -30.74 39.01
N ASP F 35 8.67 -31.21 39.94
CA ASP F 35 7.88 -30.32 40.78
C ASP F 35 7.09 -29.32 39.93
N ALA F 36 6.51 -29.80 38.82
CA ALA F 36 5.78 -28.91 37.92
C ALA F 36 4.49 -28.43 38.56
N LYS F 37 4.13 -27.19 38.27
CA LYS F 37 2.95 -26.57 38.85
C LYS F 37 2.23 -25.74 37.80
N GLU F 38 0.95 -26.04 37.57
CA GLU F 38 0.13 -25.20 36.71
C GLU F 38 -0.04 -23.84 37.38
N ILE F 39 0.26 -22.76 36.66
CA ILE F 39 0.20 -21.43 37.24
C ILE F 39 -0.84 -20.54 36.56
N THR F 40 -1.30 -20.89 35.37
CA THR F 40 -2.33 -20.09 34.73
C THR F 40 -3.18 -21.02 33.87
N ASN F 41 -4.43 -20.60 33.64
CA ASN F 41 -5.37 -21.46 32.90
C ASN F 41 -6.54 -20.68 32.31
N VAL F 42 -6.45 -19.35 32.20
CA VAL F 42 -7.48 -18.57 31.52
C VAL F 42 -7.65 -19.07 30.09
N ARG F 43 -8.90 -19.22 29.66
CA ARG F 43 -9.23 -19.64 28.30
C ARG F 43 -8.66 -21.02 27.96
N ASN F 44 -8.43 -21.85 28.98
CA ASN F 44 -7.80 -23.16 28.83
C ASN F 44 -6.37 -23.06 28.32
N MET F 45 -5.81 -21.85 28.24
CA MET F 45 -4.43 -21.67 27.80
C MET F 45 -3.52 -21.82 29.00
N LEU F 46 -2.91 -22.98 29.14
CA LEU F 46 -2.15 -23.36 30.33
C LEU F 46 -0.72 -22.83 30.33
N GLY F 47 -0.23 -22.52 31.51
CA GLY F 47 1.18 -22.27 31.74
C GLY F 47 1.61 -22.94 33.02
N PHE F 48 2.91 -23.26 33.09
CA PHE F 48 3.46 -24.02 34.19
C PHE F 48 4.79 -23.43 34.63
N SER F 49 5.18 -23.71 35.87
CA SER F 49 6.55 -23.51 36.30
C SER F 49 7.07 -24.78 36.95
N GLY F 50 8.37 -25.01 36.81
CA GLY F 50 8.95 -26.22 37.32
C GLY F 50 10.45 -26.16 37.23
N LYS F 51 11.08 -27.32 37.35
CA LYS F 51 12.53 -27.36 37.39
C LYS F 51 13.08 -28.42 36.46
N TYR F 52 14.17 -28.06 35.79
CA TYR F 52 14.91 -28.97 34.93
C TYR F 52 16.36 -28.95 35.39
N LYS F 53 16.85 -30.11 35.84
CA LYS F 53 18.17 -30.25 36.43
C LYS F 53 18.40 -29.18 37.51
N GLY F 54 17.37 -28.98 38.34
CA GLY F 54 17.42 -28.08 39.46
C GLY F 54 17.16 -26.62 39.16
N ARG F 55 17.06 -26.24 37.88
CA ARG F 55 16.93 -24.84 37.49
C ARG F 55 15.49 -24.55 37.09
N GLY F 56 14.99 -23.40 37.53
CA GLY F 56 13.61 -23.04 37.22
C GLY F 56 13.42 -22.76 35.75
N ILE F 57 12.30 -23.26 35.20
CA ILE F 57 11.88 -22.97 33.84
C ILE F 57 10.36 -22.85 33.84
N SER F 58 9.83 -21.92 33.06
CA SER F 58 8.39 -21.79 32.89
C SER F 58 7.99 -22.24 31.49
N LEU F 59 6.71 -22.58 31.34
CA LEU F 59 6.10 -22.97 30.08
C LEU F 59 4.81 -22.20 29.91
N MET F 60 4.49 -21.80 28.68
CA MET F 60 3.28 -21.05 28.44
C MET F 60 2.76 -21.32 27.04
N GLY F 61 1.44 -21.52 26.92
CA GLY F 61 0.80 -21.63 25.62
C GLY F 61 0.47 -20.26 25.06
N HIS F 62 0.53 -20.11 23.73
CA HIS F 62 0.22 -18.82 23.12
C HIS F 62 -0.84 -18.87 22.03
N GLY F 63 -1.50 -20.01 21.82
CA GLY F 63 -2.52 -20.11 20.80
C GLY F 63 -1.94 -19.98 19.40
N MET F 64 -2.83 -19.75 18.43
CA MET F 64 -2.46 -19.77 17.03
C MET F 64 -2.64 -18.40 16.41
N GLY F 65 -1.66 -18.00 15.61
CA GLY F 65 -1.74 -16.73 14.92
C GLY F 65 -0.95 -15.63 15.62
N ILE F 66 -0.55 -14.63 14.83
CA ILE F 66 0.30 -13.56 15.36
C ILE F 66 -0.43 -12.76 16.42
N ALA F 67 -1.73 -12.49 16.21
CA ALA F 67 -2.47 -11.69 17.19
C ALA F 67 -2.58 -12.42 18.52
N SER F 68 -2.83 -13.73 18.51
CA SER F 68 -2.86 -14.46 19.77
C SER F 68 -1.50 -14.47 20.45
N CYS F 69 -0.45 -14.80 19.70
CA CYS F 69 0.88 -14.93 20.28
C CYS F 69 1.32 -13.60 20.91
N THR F 70 1.04 -12.50 20.21
CA THR F 70 1.41 -11.17 20.69
C THR F 70 0.78 -10.84 22.03
N ILE F 71 -0.50 -11.18 22.22
CA ILE F 71 -1.14 -10.97 23.52
C ILE F 71 -0.32 -11.60 24.64
N TYR F 72 -0.04 -12.90 24.51
CA TYR F 72 0.61 -13.63 25.59
C TYR F 72 2.06 -13.19 25.79
N VAL F 73 2.80 -12.91 24.71
CA VAL F 73 4.20 -12.54 24.88
C VAL F 73 4.31 -11.14 25.48
N THR F 74 3.44 -10.23 25.03
CA THR F 74 3.41 -8.89 25.62
C THR F 74 3.20 -8.95 27.12
N GLU F 75 2.27 -9.80 27.58
CA GLU F 75 1.98 -9.90 29.01
C GLU F 75 3.11 -10.58 29.75
N LEU F 76 3.69 -11.64 29.16
CA LEU F 76 4.81 -12.32 29.81
C LEU F 76 5.95 -11.35 30.04
N ILE F 77 6.23 -10.49 29.07
CA ILE F 77 7.36 -9.59 29.21
C ILE F 77 7.03 -8.46 30.17
N LYS F 78 5.91 -7.78 29.94
CA LYS F 78 5.63 -6.54 30.67
C LYS F 78 5.17 -6.80 32.11
N THR F 79 4.31 -7.80 32.30
CA THR F 79 3.71 -8.05 33.61
C THR F 79 4.50 -9.07 34.42
N TYR F 80 4.88 -10.18 33.79
CA TYR F 80 5.51 -11.29 34.48
C TYR F 80 7.02 -11.30 34.35
N GLN F 81 7.59 -10.27 33.72
CA GLN F 81 9.03 -9.97 33.75
C GLN F 81 9.88 -11.06 33.12
N VAL F 82 9.31 -11.82 32.20
CA VAL F 82 10.06 -12.85 31.50
C VAL F 82 11.09 -12.19 30.59
N LYS F 83 12.31 -12.74 30.58
CA LYS F 83 13.46 -12.18 29.88
C LYS F 83 13.86 -12.96 28.64
N GLU F 84 13.70 -14.27 28.65
CA GLU F 84 14.11 -15.14 27.56
C GLU F 84 12.91 -15.98 27.16
N LEU F 85 12.51 -15.89 25.89
CA LEU F 85 11.30 -16.53 25.38
C LEU F 85 11.68 -17.42 24.21
N LEU F 86 11.47 -18.73 24.35
CA LEU F 86 11.89 -19.69 23.33
C LEU F 86 10.65 -20.41 22.83
N ARG F 87 10.20 -20.06 21.64
CA ARG F 87 9.08 -20.77 21.05
C ARG F 87 9.56 -22.08 20.46
N ILE F 88 8.85 -23.16 20.76
CA ILE F 88 9.13 -24.49 20.23
C ILE F 88 7.82 -25.01 19.63
N GLY F 89 7.64 -24.80 18.33
CA GLY F 89 6.37 -25.10 17.70
C GLY F 89 6.45 -26.11 16.57
N THR F 90 5.43 -26.11 15.72
CA THR F 90 5.40 -26.94 14.53
C THR F 90 5.29 -26.06 13.30
N CYS F 91 5.55 -26.65 12.14
CA CYS F 91 5.52 -25.86 10.91
C CYS F 91 5.27 -26.80 9.74
N GLY F 92 4.90 -26.19 8.62
CA GLY F 92 4.76 -26.91 7.37
C GLY F 92 5.92 -26.62 6.46
N ALA F 93 6.75 -27.63 6.21
CA ALA F 93 7.94 -27.43 5.37
C ALA F 93 7.54 -27.14 3.93
N ILE F 94 8.29 -26.23 3.29
CA ILE F 94 8.12 -25.94 1.88
C ILE F 94 9.41 -26.03 1.10
N SER F 95 10.51 -26.35 1.74
CA SER F 95 11.82 -26.42 1.13
C SER F 95 12.28 -27.86 0.98
N PRO F 96 12.99 -28.19 -0.10
CA PRO F 96 13.64 -29.50 -0.20
C PRO F 96 14.79 -29.67 0.77
N LYS F 97 15.21 -28.59 1.44
CA LYS F 97 16.34 -28.68 2.35
C LYS F 97 15.97 -29.26 3.72
N VAL F 98 14.68 -29.53 3.97
CA VAL F 98 14.25 -30.07 5.25
C VAL F 98 13.24 -31.18 5.03
N GLY F 99 13.11 -32.04 6.05
CA GLY F 99 12.18 -33.15 6.01
C GLY F 99 11.36 -33.24 7.30
N LEU F 100 10.43 -34.19 7.32
CA LEU F 100 9.64 -34.44 8.51
C LEU F 100 10.53 -34.55 9.73
N LYS F 101 10.07 -33.97 10.86
CA LYS F 101 10.69 -34.04 12.19
C LYS F 101 11.99 -33.25 12.29
N ASP F 102 12.45 -32.67 11.18
CA ASP F 102 13.60 -31.75 11.26
C ASP F 102 13.28 -30.58 12.19
N ILE F 103 14.29 -30.08 12.88
CA ILE F 103 14.16 -28.90 13.73
C ILE F 103 14.75 -27.72 12.98
N ILE F 104 13.94 -26.68 12.80
CA ILE F 104 14.34 -25.46 12.12
C ILE F 104 14.55 -24.35 13.14
N MET F 105 15.65 -23.62 13.00
CA MET F 105 15.85 -22.39 13.76
C MET F 105 15.58 -21.21 12.83
N ALA F 106 14.64 -20.34 13.20
CA ALA F 106 14.19 -19.26 12.33
C ALA F 106 15.05 -18.04 12.58
N THR F 107 16.03 -17.79 11.69
CA THR F 107 16.86 -16.59 11.82
C THR F 107 16.18 -15.34 11.27
N GLY F 108 15.04 -15.51 10.62
CA GLY F 108 14.21 -14.41 10.19
C GLY F 108 12.81 -14.94 9.97
N ALA F 109 11.83 -14.07 10.14
CA ALA F 109 10.43 -14.48 10.03
C ALA F 109 9.74 -13.48 9.12
N SER F 110 9.52 -13.87 7.87
CA SER F 110 8.74 -13.08 6.92
C SER F 110 7.27 -13.21 7.25
N THR F 111 6.42 -12.33 6.68
CA THR F 111 5.01 -12.43 7.03
C THR F 111 4.13 -11.82 5.95
N ASP F 112 2.87 -12.28 5.90
CA ASP F 112 1.81 -11.61 5.15
C ASP F 112 0.91 -10.79 6.06
N SER F 113 1.24 -10.69 7.34
CA SER F 113 0.49 -9.87 8.28
C SER F 113 0.76 -8.39 8.03
N LYS F 114 -0.15 -7.53 8.50
CA LYS F 114 0.10 -6.09 8.46
C LYS F 114 0.65 -5.57 9.78
N THR F 115 0.84 -6.45 10.77
CA THR F 115 1.15 -6.01 12.14
C THR F 115 2.46 -5.25 12.20
N ASN F 116 3.48 -5.70 11.46
CA ASN F 116 4.77 -5.03 11.59
C ASN F 116 4.82 -3.72 10.81
N ARG F 117 4.06 -3.60 9.71
CA ARG F 117 3.86 -2.29 9.06
C ARG F 117 3.16 -1.33 10.01
N VAL F 118 2.19 -1.80 10.78
CA VAL F 118 1.56 -0.91 11.76
C VAL F 118 2.56 -0.50 12.84
N ARG F 119 3.36 -1.46 13.30
CA ARG F 119 4.37 -1.18 14.33
C ARG F 119 5.47 -0.26 13.83
N PHE F 120 5.82 -0.34 12.54
CA PHE F 120 7.10 0.12 12.05
C PHE F 120 6.91 1.02 10.83
N LEU F 121 6.14 2.10 11.02
CA LEU F 121 6.16 3.25 10.13
C LEU F 121 5.74 2.91 8.70
N ASN F 122 4.97 1.83 8.53
CA ASN F 122 4.58 1.29 7.22
C ASN F 122 5.76 0.87 6.38
N HIS F 123 6.91 0.59 7.00
CA HIS F 123 8.07 0.12 6.26
C HIS F 123 8.21 -1.38 6.44
N ASP F 124 9.33 -1.95 6.01
CA ASP F 124 9.62 -3.38 6.16
C ASP F 124 10.45 -3.59 7.41
N LEU F 125 9.85 -4.17 8.45
CA LEU F 125 10.59 -4.65 9.62
C LEU F 125 11.13 -6.04 9.33
N SER F 126 12.45 -6.19 9.34
CA SER F 126 13.07 -7.53 9.30
C SER F 126 12.94 -8.15 10.70
N ALA F 127 11.95 -9.01 10.89
CA ALA F 127 11.71 -9.61 12.21
C ALA F 127 12.73 -10.71 12.48
N THR F 128 13.56 -10.53 13.52
CA THR F 128 14.68 -11.43 13.76
C THR F 128 14.75 -11.84 15.24
N PRO F 129 15.36 -12.97 15.53
CA PRO F 129 15.56 -13.37 16.94
C PRO F 129 16.77 -12.68 17.56
N ASP F 130 16.88 -12.86 18.87
CA ASP F 130 18.08 -12.46 19.60
C ASP F 130 19.27 -13.33 19.17
N PHE F 131 20.40 -12.69 18.86
CA PHE F 131 21.52 -13.44 18.31
C PHE F 131 22.14 -14.37 19.35
N GLU F 132 22.30 -13.91 20.59
CA GLU F 132 22.91 -14.79 21.60
C GLU F 132 22.09 -16.07 21.78
N LEU F 133 20.76 -15.97 21.74
CA LEU F 133 19.92 -17.16 21.84
C LEU F 133 20.11 -18.08 20.64
N SER F 134 20.22 -17.50 19.44
CA SER F 134 20.45 -18.31 18.24
C SER F 134 21.81 -19.01 18.30
N LEU F 135 22.83 -18.32 18.83
CA LEU F 135 24.13 -18.95 19.02
C LEU F 135 24.05 -20.03 20.09
N ARG F 136 23.30 -19.77 21.15
CA ARG F 136 23.13 -20.76 22.20
C ARG F 136 22.45 -22.02 21.65
N ALA F 137 21.42 -21.84 20.83
CA ALA F 137 20.75 -23.01 20.24
C ALA F 137 21.72 -23.82 19.39
N TYR F 138 22.50 -23.16 18.54
CA TYR F 138 23.45 -23.87 17.68
C TYR F 138 24.43 -24.68 18.52
N GLN F 139 25.00 -24.07 19.55
CA GLN F 139 25.99 -24.78 20.37
C GLN F 139 25.36 -25.90 21.17
N THR F 140 24.13 -25.70 21.63
CA THR F 140 23.45 -26.72 22.41
C THR F 140 23.08 -27.90 21.53
N ALA F 141 22.56 -27.62 20.34
CA ALA F 141 22.28 -28.66 19.37
C ALA F 141 23.52 -29.49 19.10
N LYS F 142 24.66 -28.83 18.90
CA LYS F 142 25.91 -29.54 18.61
C LYS F 142 26.23 -30.56 19.71
N ARG F 143 26.17 -30.14 20.98
CA ARG F 143 26.50 -31.07 22.07
C ARG F 143 25.43 -32.14 22.30
N LEU F 144 24.20 -31.95 21.81
CA LEU F 144 23.18 -33.00 21.85
C LEU F 144 23.21 -33.91 20.63
N GLY F 145 24.02 -33.57 19.62
CA GLY F 145 24.03 -34.33 18.38
C GLY F 145 22.82 -34.10 17.51
N ILE F 146 22.20 -32.94 17.63
CA ILE F 146 21.02 -32.61 16.83
C ILE F 146 21.48 -31.80 15.63
N ASP F 147 20.99 -32.16 14.44
CA ASP F 147 21.30 -31.45 13.20
C ASP F 147 20.27 -30.33 13.04
N LEU F 148 20.70 -29.10 13.32
CA LEU F 148 19.81 -27.95 13.24
C LEU F 148 19.75 -27.41 11.82
N LYS F 149 18.54 -27.35 11.27
CA LYS F 149 18.32 -26.65 10.02
C LYS F 149 18.05 -25.18 10.31
N VAL F 150 18.65 -24.30 9.53
CA VAL F 150 18.66 -22.88 9.87
C VAL F 150 18.27 -22.07 8.64
N GLY F 151 17.37 -21.11 8.82
CA GLY F 151 16.92 -20.30 7.70
C GLY F 151 15.74 -19.42 8.11
N ASN F 152 15.06 -18.87 7.12
CA ASN F 152 13.86 -18.11 7.42
C ASN F 152 12.63 -19.02 7.54
N VAL F 153 11.64 -18.54 8.29
CA VAL F 153 10.28 -19.06 8.17
C VAL F 153 9.40 -17.96 7.63
N PHE F 154 8.24 -18.36 7.13
CA PHE F 154 7.18 -17.45 6.73
C PHE F 154 6.04 -17.59 7.73
N SER F 155 5.75 -16.51 8.47
CA SER F 155 4.64 -16.51 9.44
C SER F 155 3.40 -15.96 8.75
N SER F 156 2.40 -16.79 8.55
CA SER F 156 1.20 -16.43 7.79
C SER F 156 0.01 -16.20 8.72
N ASP F 157 -0.89 -15.32 8.29
CA ASP F 157 -2.22 -15.22 8.88
C ASP F 157 -3.15 -16.33 8.41
N PHE F 158 -2.70 -17.18 7.48
CA PHE F 158 -3.53 -18.20 6.85
C PHE F 158 -2.93 -19.59 7.05
N PHE F 159 -3.68 -20.47 7.72
CA PHE F 159 -3.34 -21.89 7.68
C PHE F 159 -3.71 -22.50 6.34
N TYR F 160 -4.92 -22.20 5.86
CA TYR F 160 -5.39 -22.60 4.53
C TYR F 160 -5.08 -21.43 3.59
N SER F 161 -3.98 -21.55 2.86
CA SER F 161 -3.43 -20.44 2.08
C SER F 161 -4.23 -20.19 0.80
N PHE F 162 -4.27 -18.92 0.39
CA PHE F 162 -4.78 -18.56 -0.93
C PHE F 162 -3.68 -18.31 -1.93
N GLU F 163 -2.44 -18.61 -1.56
CA GLU F 163 -1.27 -18.31 -2.39
C GLU F 163 -0.34 -19.50 -2.44
N THR F 164 -0.91 -20.71 -2.58
CA THR F 164 -0.05 -21.89 -2.56
C THR F 164 0.88 -21.93 -3.76
N HIS F 165 0.51 -21.25 -4.85
CA HIS F 165 1.36 -21.13 -6.03
C HIS F 165 2.66 -20.39 -5.75
N ALA F 166 2.77 -19.74 -4.59
CA ALA F 166 3.95 -18.95 -4.24
C ALA F 166 4.88 -19.67 -3.28
N PHE F 167 4.56 -20.91 -2.91
CA PHE F 167 5.42 -21.63 -1.97
C PHE F 167 6.82 -21.84 -2.55
N ASP F 168 6.91 -22.09 -3.87
CA ASP F 168 8.21 -22.29 -4.50
C ASP F 168 9.07 -21.04 -4.38
N LEU F 169 8.48 -19.87 -4.64
CA LEU F 169 9.24 -18.64 -4.53
C LEU F 169 9.69 -18.41 -3.08
N MET F 170 8.82 -18.67 -2.11
CA MET F 170 9.24 -18.56 -0.70
C MET F 170 10.45 -19.43 -0.44
N ALA F 171 10.40 -20.69 -0.88
CA ALA F 171 11.51 -21.61 -0.65
C ALA F 171 12.77 -21.13 -1.36
N LYS F 172 12.62 -20.61 -2.58
CA LYS F 172 13.74 -20.01 -3.30
C LYS F 172 14.44 -18.97 -2.44
N TYR F 173 13.68 -18.11 -1.77
CA TYR F 173 14.24 -17.09 -0.89
C TYR F 173 14.57 -17.57 0.52
N ASN F 174 14.91 -18.85 0.69
CA ASN F 174 15.41 -19.43 1.94
C ASN F 174 14.34 -19.48 3.04
N HIS F 175 13.07 -19.55 2.68
CA HIS F 175 12.05 -19.85 3.66
C HIS F 175 11.88 -21.36 3.72
N LEU F 176 12.19 -21.94 4.89
CA LEU F 176 12.24 -23.39 4.97
C LEU F 176 10.88 -23.98 5.30
N ALA F 177 10.02 -23.20 5.94
CA ALA F 177 8.72 -23.67 6.36
C ALA F 177 7.81 -22.48 6.66
N ILE F 178 6.52 -22.80 6.80
CA ILE F 178 5.48 -21.84 7.12
C ILE F 178 4.94 -22.18 8.50
N GLU F 179 4.80 -21.18 9.34
CA GLU F 179 4.07 -21.29 10.61
C GLU F 179 3.27 -19.99 10.75
N MET F 180 2.85 -19.64 11.98
CA MET F 180 1.88 -18.53 12.07
C MET F 180 2.13 -17.60 13.25
N GLU F 181 3.32 -17.65 13.85
CA GLU F 181 3.55 -16.83 15.04
C GLU F 181 4.89 -16.12 15.07
N ALA F 182 5.94 -16.65 14.41
CA ALA F 182 7.30 -16.19 14.71
C ALA F 182 7.48 -14.70 14.48
N ALA F 183 6.92 -14.17 13.37
CA ALA F 183 7.12 -12.74 13.10
C ALA F 183 6.53 -11.89 14.21
N GLY F 184 5.45 -12.36 14.85
CA GLY F 184 4.85 -11.64 15.96
C GLY F 184 5.66 -11.78 17.24
N LEU F 185 6.08 -13.01 17.58
CA LEU F 185 7.03 -13.21 18.67
C LEU F 185 8.23 -12.30 18.51
N TYR F 186 8.84 -12.31 17.33
CA TYR F 186 10.08 -11.57 17.14
C TYR F 186 9.84 -10.07 17.26
N ALA F 187 8.77 -9.56 16.64
CA ALA F 187 8.50 -8.13 16.65
C ALA F 187 8.18 -7.64 18.07
N THR F 188 7.45 -8.45 18.84
CA THR F 188 7.10 -8.07 20.19
C THR F 188 8.34 -8.01 21.08
N ALA F 189 9.23 -9.02 20.97
CA ALA F 189 10.45 -9.01 21.77
C ALA F 189 11.37 -7.88 21.33
N MET F 190 11.37 -7.54 20.04
CA MET F 190 12.11 -6.36 19.60
C MET F 190 11.53 -5.09 20.22
N GLU F 191 10.20 -4.97 20.18
CA GLU F 191 9.52 -3.79 20.73
C GLU F 191 9.89 -3.59 22.20
N LEU F 192 9.96 -4.67 22.97
CA LEU F 192 10.06 -4.64 24.42
C LEU F 192 11.45 -5.03 24.94
N ASN F 193 12.45 -5.08 24.06
CA ASN F 193 13.85 -5.25 24.46
C ASN F 193 14.04 -6.57 25.22
N ALA F 194 13.45 -7.65 24.69
CA ALA F 194 13.57 -8.98 25.27
C ALA F 194 14.23 -9.93 24.27
N LYS F 195 14.69 -11.07 24.78
CA LYS F 195 15.41 -12.05 23.98
C LYS F 195 14.44 -13.16 23.57
N ALA F 196 14.25 -13.37 22.27
CA ALA F 196 13.33 -14.40 21.76
C ALA F 196 13.99 -15.21 20.64
N LEU F 197 13.57 -16.46 20.52
CA LEU F 197 14.00 -17.32 19.42
C LEU F 197 12.86 -18.28 19.10
N CYS F 198 12.66 -18.57 17.82
CA CYS F 198 11.69 -19.59 17.37
C CYS F 198 12.43 -20.81 16.84
N LEU F 199 12.08 -21.99 17.37
CA LEU F 199 12.40 -23.27 16.75
C LEU F 199 11.10 -23.95 16.34
N CYS F 200 11.04 -24.55 15.14
CA CYS F 200 9.88 -25.32 14.78
CA CYS F 200 9.86 -25.29 14.68
C CYS F 200 10.28 -26.68 14.25
N SER F 201 9.48 -27.68 14.60
CA SER F 201 9.65 -29.02 14.11
C SER F 201 8.70 -29.23 12.94
N VAL F 202 9.19 -29.89 11.90
CA VAL F 202 8.39 -30.11 10.69
C VAL F 202 7.38 -31.21 10.99
N SER F 203 6.09 -30.85 11.01
CA SER F 203 5.03 -31.83 11.22
C SER F 203 4.34 -32.23 9.93
N ASP F 204 4.30 -31.33 8.95
CA ASP F 204 3.84 -31.62 7.60
C ASP F 204 4.89 -31.15 6.62
N HIS F 205 5.03 -31.87 5.51
CA HIS F 205 5.80 -31.35 4.40
C HIS F 205 4.82 -31.03 3.27
N LEU F 206 4.70 -29.74 2.93
CA LEU F 206 3.68 -29.31 1.99
C LEU F 206 4.02 -29.65 0.55
N ILE F 207 5.28 -29.98 0.25
CA ILE F 207 5.71 -30.29 -1.11
C ILE F 207 5.55 -31.79 -1.35
N THR F 208 6.26 -32.59 -0.55
CA THR F 208 6.31 -34.03 -0.71
C THR F 208 5.15 -34.75 -0.03
N LYS F 209 4.29 -34.00 0.65
CA LYS F 209 3.10 -34.50 1.30
C LYS F 209 3.24 -35.45 2.49
N GLU F 210 4.46 -35.71 2.96
CA GLU F 210 4.62 -36.57 4.12
C GLU F 210 3.96 -35.90 5.32
N SER F 220 5.87 -36.30 19.05
CA SER F 220 7.18 -36.96 19.16
C SER F 220 8.29 -35.98 18.78
N PHE F 221 8.09 -34.71 19.16
CA PHE F 221 9.11 -33.68 19.05
C PHE F 221 9.97 -33.58 20.31
N ASP F 222 10.22 -34.71 20.98
CA ASP F 222 10.99 -34.68 22.22
C ASP F 222 12.40 -34.09 22.04
N ASN F 223 13.01 -34.30 20.88
CA ASN F 223 14.36 -33.79 20.66
C ASN F 223 14.40 -32.27 20.69
N MET F 224 13.38 -31.63 20.11
CA MET F 224 13.28 -30.18 20.21
C MET F 224 13.05 -29.73 21.65
N ILE F 225 12.28 -30.51 22.42
CA ILE F 225 11.97 -30.13 23.79
C ILE F 225 13.23 -30.20 24.64
N ILE F 226 14.00 -31.28 24.48
CA ILE F 226 15.28 -31.41 25.20
C ILE F 226 16.25 -30.33 24.77
N LEU F 227 16.28 -30.01 23.47
CA LEU F 227 17.11 -28.90 23.01
C LEU F 227 16.75 -27.61 23.73
N ALA F 228 15.45 -27.28 23.82
CA ALA F 228 15.00 -26.05 24.46
C ALA F 228 15.36 -26.03 25.94
N LEU F 229 15.12 -27.15 26.64
CA LEU F 229 15.43 -27.22 28.07
C LEU F 229 16.93 -27.09 28.32
N GLU F 230 17.74 -27.78 27.53
CA GLU F 230 19.18 -27.68 27.70
C GLU F 230 19.70 -26.28 27.39
N MET F 231 19.11 -25.57 26.42
CA MET F 231 19.68 -24.25 26.23
C MET F 231 19.26 -23.25 27.30
N MET F 232 18.29 -23.59 28.15
CA MET F 232 17.94 -22.75 29.29
C MET F 232 18.67 -23.15 30.57
N SER F 233 19.58 -24.11 30.49
CA SER F 233 20.33 -24.52 31.67
C SER F 233 21.52 -23.60 31.90
N1 FMC G . 23.24 7.19 6.40
N1 FMC G . 26.34 7.78 8.11
C2 FMC G . 23.04 6.42 5.30
C2 FMC G . 27.44 7.10 7.67
N3 FMC G . 24.10 5.72 4.77
N3 FMC G . 27.33 6.25 6.62
C4 FMC G . 25.34 5.78 5.34
C4 FMC G . 26.13 6.05 5.99
C5 FMC G . 25.51 6.55 6.43
C5 FMC G . 25.05 6.70 6.43
C6 FMC G . 24.45 7.27 6.96
C6 FMC G . 25.15 7.59 7.50
N6 FMC G . 24.17 8.16 8.04
N6 FMC G . 24.35 8.46 8.28
N7 FMC G . 26.81 6.47 6.82
N7 FMC G . 23.99 6.34 5.65
N8 FMC G . 27.45 5.63 5.96
N8 FMC G . 24.44 5.44 4.73
C9 FMC G . 26.57 5.18 5.05
C9 FMC G . 25.75 5.25 4.92
C1' FMC G . 26.94 4.34 4.00
C1' FMC G . 26.57 4.40 4.16
C2' FMC G . 25.81 3.87 3.05
C2' FMC G . 25.78 3.69 3.05
O2' FMC G . 25.62 2.47 3.11
O2' FMC G . 26.16 2.33 3.05
C3' FMC G . 26.25 4.37 1.67
C3' FMC G . 26.30 4.35 1.75
O3' FMC G . 26.96 3.33 1.00
O3' FMC G . 26.99 3.43 0.92
C4' FMC G . 27.22 5.49 2.00
C4' FMC G . 27.19 5.50 2.20
O4' FMC G . 27.86 5.08 3.22
O4' FMC G . 27.58 5.17 3.55
C5' FMC G . 26.59 6.85 2.19
C5' FMC G . 26.57 6.88 2.16
O5' FMC G . 27.57 7.85 2.46
O5' FMC G . 27.55 7.87 2.44
P PO4 H . 29.34 2.54 1.92
O1 PO4 H . 28.19 3.04 1.05
O2 PO4 H . 28.83 1.67 3.06
O3 PO4 H . 30.31 1.66 1.16
O4 PO4 H . 30.13 3.67 2.53
C1 EDO I . 45.44 -14.47 -7.98
O1 EDO I . 45.77 -14.32 -6.60
C2 EDO I . 44.59 -13.30 -8.46
O2 EDO I . 45.41 -12.13 -8.53
C1 EDO J . 17.68 -11.32 -11.41
O1 EDO J . 17.93 -12.66 -10.99
C2 EDO J . 16.38 -11.26 -12.20
O2 EDO J . 16.59 -11.92 -13.46
C1 EDO K . 41.13 -4.70 -15.62
O1 EDO K . 40.59 -3.50 -15.07
C2 EDO K . 41.26 -4.55 -17.14
O2 EDO K . 39.96 -4.49 -17.76
C1 EDO L . 46.41 -2.97 -6.59
O1 EDO L . 47.28 -1.86 -6.34
C2 EDO L . 46.55 -3.43 -8.04
O2 EDO L . 47.03 -2.34 -8.84
C1 EDO M . 4.89 -7.67 -7.20
O1 EDO M . 5.99 -8.03 -8.04
C2 EDO M . 4.64 -8.75 -6.17
O2 EDO M . 3.45 -9.48 -6.52
N1 FMC N . -11.24 25.10 -5.48
C2 FMC N . -11.68 25.47 -6.72
N3 FMC N . -11.97 24.51 -7.66
C4 FMC N . -11.82 23.19 -7.36
C5 FMC N . -11.38 22.82 -6.14
C6 FMC N . -11.09 23.79 -5.19
N6 FMC N . -10.62 23.88 -3.83
N7 FMC N . -11.32 21.45 -6.08
N8 FMC N . -11.71 20.97 -7.30
C9 FMC N . -12.03 22.02 -8.10
C1' FMC N . -12.49 21.95 -9.41
C2' FMC N . -12.51 20.53 -9.98
O2' FMC N . -12.42 20.63 -11.39
C3' FMC N . -13.91 20.03 -9.58
O3' FMC N . -14.55 19.25 -10.58
C4' FMC N . -14.72 21.30 -9.24
O4' FMC N . -13.81 22.41 -9.46
C5' FMC N . -15.26 21.36 -7.83
O5' FMC N . -16.28 22.34 -7.73
C1 EDO O . -6.70 16.07 -35.78
O1 EDO O . -6.83 15.18 -34.66
C2 EDO O . -7.74 17.19 -35.68
O2 EDO O . -7.58 18.11 -36.77
P PO4 P . -14.05 -13.41 22.92
O1 PO4 P . -14.10 -12.78 24.29
O2 PO4 P . -14.72 -12.48 21.95
O3 PO4 P . -14.83 -14.70 22.97
O4 PO4 P . -12.59 -13.58 22.44
N1 FMC Q . -9.95 -5.23 22.74
C2 FMC Q . -9.77 -6.18 21.78
N3 FMC Q . -10.41 -7.39 21.89
C4 FMC Q . -11.20 -7.66 22.97
C5 FMC Q . -11.37 -6.71 23.91
C6 FMC Q . -10.74 -5.48 23.80
N6 FMC Q . -10.62 -4.24 24.52
N7 FMC Q . -12.21 -7.19 24.87
N8 FMC Q . -12.56 -8.44 24.52
C9 FMC Q . -11.97 -8.76 23.35
C1' FMC Q . -12.17 -10.03 22.79
C2' FMC Q . -11.36 -10.47 21.54
O2' FMC Q . -12.18 -10.55 20.39
C3' FMC Q . -10.76 -11.81 21.99
O3' FMC Q . -11.72 -12.87 21.84
C4' FMC Q . -10.58 -11.59 23.47
O4' FMC Q . -11.77 -10.88 23.85
C5' FMC Q . -9.39 -10.76 23.86
O5' FMC Q . -9.29 -10.62 25.28
C1 EDO R . -8.75 -21.89 1.42
O1 EDO R . -8.43 -23.21 0.96
C2 EDO R . -9.85 -21.92 2.49
O2 EDO R . -11.14 -22.12 1.91
N1 FMC S . 19.34 -0.53 -20.86
C2 FMC S . 20.20 0.50 -21.02
N3 FMC S . 20.43 1.38 -19.99
C4 FMC S . 19.79 1.20 -18.81
C5 FMC S . 18.95 0.18 -18.64
C6 FMC S . 18.72 -0.71 -19.68
N6 FMC S . 17.94 -1.87 -19.96
N7 FMC S . 18.43 0.23 -17.37
N8 FMC S . 19.01 1.31 -16.75
C9 FMC S . 19.83 1.93 -17.62
C1' FMC S . 20.64 3.05 -17.39
C2' FMC S . 20.40 3.73 -16.04
O2' FMC S . 20.82 5.08 -16.15
C3' FMC S . 21.36 2.98 -15.11
O3' FMC S . 21.98 3.79 -14.13
C4' FMC S . 22.38 2.31 -16.03
O4' FMC S . 21.98 2.65 -17.39
C5' FMC S . 22.48 0.80 -15.87
O5' FMC S . 23.48 0.26 -16.71
C1 EDO T . 25.60 7.90 -22.41
O1 EDO T . 26.58 6.95 -21.99
C2 EDO T . 25.93 9.28 -21.84
O2 EDO T . 27.28 9.60 -22.19
C1 EDO U . 9.52 27.00 -15.32
O1 EDO U . 9.20 26.03 -16.33
C2 EDO U . 8.24 27.61 -14.79
O2 EDO U . 7.32 26.56 -14.53
C1 EDO V . 11.33 3.71 -34.82
O1 EDO V . 11.66 2.33 -34.59
C2 EDO V . 9.82 3.89 -34.86
O2 EDO V . 9.52 5.15 -35.46
P PO4 W . -26.79 5.92 -10.99
O1 PO4 W . -27.71 6.92 -10.32
O2 PO4 W . -27.50 5.40 -12.22
O3 PO4 W . -26.59 4.78 -10.02
O4 PO4 W . -25.38 6.46 -11.31
N1 FMC X . -20.89 -0.77 -13.62
C2 FMC X . -20.54 0.26 -12.80
N3 FMC X . -21.44 1.23 -12.46
C4 FMC X . -22.73 1.17 -12.93
C5 FMC X . -23.07 0.13 -13.73
C6 FMC X . -22.15 -0.83 -14.09
N6 FMC X . -22.08 -2.02 -14.88
N7 FMC X . -24.38 0.24 -14.09
N8 FMC X . -24.86 1.37 -13.49
C9 FMC X . -23.88 1.97 -12.78
C1' FMC X . -24.16 3.16 -12.08
C2' FMC X . -23.01 3.91 -11.38
O2' FMC X . -23.10 3.79 -9.96
C3' FMC X . -23.16 5.35 -11.92
O3' FMC X . -24.17 6.06 -11.17
C4' FMC X . -23.74 5.09 -13.30
O4' FMC X . -24.68 4.04 -13.07
C5' FMC X . -22.77 4.64 -14.37
O5' FMC X . -23.46 4.30 -15.57
C1 EDO Y . -10.54 -16.52 -1.90
O1 EDO Y . -10.00 -15.21 -1.59
C2 EDO Y . -10.61 -16.76 -3.40
O2 EDO Y . -11.09 -18.08 -3.67
N1 FMC Z . 1.62 -27.09 8.53
C2 FMC Z . 1.94 -27.49 9.81
N3 FMC Z . 1.93 -26.60 10.83
C4 FMC Z . 1.59 -25.30 10.57
C5 FMC Z . 1.27 -24.92 9.31
C6 FMC Z . 1.29 -25.83 8.28
N6 FMC Z . 1.06 -25.93 6.87
N7 FMC Z . 0.98 -23.57 9.33
N8 FMC Z . 1.11 -23.15 10.62
C9 FMC Z . 1.48 -24.19 11.41
C1' FMC Z . 1.69 -24.09 12.80
C2' FMC Z . 1.38 -22.65 13.22
O2' FMC Z . 2.41 -22.18 14.08
C3' FMC Z . 0.05 -22.78 14.00
O3' FMC Z . 0.11 -22.25 15.32
C4' FMC Z . -0.31 -24.26 13.96
O4' FMC Z . 0.92 -24.94 13.61
C5' FMC Z . -1.40 -24.62 12.99
O5' FMC Z . -1.80 -25.97 13.17
C1 EDO AA . 7.93 -19.31 41.00
O1 EDO AA . 9.28 -19.01 40.61
C2 EDO AA . 7.67 -20.80 40.80
O2 EDO AA . 6.29 -20.99 40.45
#